data_6UCK
#
_entry.id   6UCK
#
_entity_poly.entity_id   1
_entity_poly.type   'polypeptide(L)'
_entity_poly.pdbx_seq_one_letter_code
;TPIESHQVEKRKCNTATCATQRLANFLVHSSNNFGAILSSTNVGSNTYGKRNAVEVLKREPLNYLPLKKKKD
;
_entity_poly.pdbx_strand_id   A
#
# COMPACT_ATOMS: atom_id res chain seq x y z
N THR A 1 -32.30 9.52 -18.19
CA THR A 1 -32.61 9.88 -16.79
C THR A 1 -32.78 11.39 -16.68
N PRO A 2 -33.54 11.87 -15.73
CA PRO A 2 -33.78 13.34 -15.55
C PRO A 2 -32.55 14.04 -14.97
N ILE A 3 -32.43 15.32 -15.27
CA ILE A 3 -31.30 16.11 -14.76
C ILE A 3 -31.42 16.30 -13.25
N GLU A 4 -30.29 16.21 -12.56
CA GLU A 4 -30.27 16.37 -11.11
C GLU A 4 -30.66 17.80 -10.73
N SER A 5 -31.42 17.93 -9.64
CA SER A 5 -31.86 19.24 -9.19
C SER A 5 -30.70 20.02 -8.58
N HIS A 6 -30.85 21.33 -8.47
CA HIS A 6 -29.81 22.17 -7.92
C HIS A 6 -30.05 22.42 -6.42
N GLN A 7 -30.82 21.53 -5.80
CA GLN A 7 -31.12 21.66 -4.38
C GLN A 7 -29.97 21.10 -3.54
N VAL A 8 -29.55 21.86 -2.54
CA VAL A 8 -28.47 21.42 -1.66
C VAL A 8 -28.83 21.67 -0.20
N GLU A 9 -28.42 20.75 0.67
CA GLU A 9 -28.71 20.88 2.09
C GLU A 9 -27.51 20.41 2.92
N LYS A 10 -26.44 21.20 2.90
CA LYS A 10 -25.24 20.85 3.65
C LYS A 10 -25.59 20.55 5.10
N ARG A 11 -24.64 19.95 5.82
CA ARG A 11 -24.87 19.60 7.22
C ARG A 11 -23.57 19.75 8.02
N LYS A 12 -23.70 19.78 9.35
CA LYS A 12 -22.53 19.92 10.21
C LYS A 12 -21.55 18.77 9.99
N CYS A 13 -20.27 19.04 10.25
CA CYS A 13 -19.23 18.03 10.07
C CYS A 13 -19.40 16.89 11.07
N ASN A 14 -20.31 15.98 10.78
CA ASN A 14 -20.56 14.84 11.65
C ASN A 14 -20.09 13.53 11.00
N THR A 15 -19.91 13.55 9.69
CA THR A 15 -19.46 12.35 8.97
C THR A 15 -17.94 12.27 8.96
N ALA A 16 -17.43 11.04 8.93
CA ALA A 16 -15.98 10.83 8.91
C ALA A 16 -15.33 11.44 7.68
N THR A 17 -16.15 11.74 6.66
CA THR A 17 -15.63 12.33 5.44
C THR A 17 -15.04 13.72 5.72
N CYS A 18 -15.69 14.48 6.59
CA CYS A 18 -15.22 15.81 6.92
C CYS A 18 -13.80 15.75 7.49
N ALA A 19 -13.60 14.89 8.48
CA ALA A 19 -12.29 14.75 9.10
C ALA A 19 -11.28 14.20 8.11
N THR A 20 -11.72 13.24 7.29
CA THR A 20 -10.85 12.61 6.30
C THR A 20 -10.05 13.66 5.53
N GLN A 21 -10.71 14.75 5.13
CA GLN A 21 -10.03 15.80 4.37
C GLN A 21 -9.27 16.73 5.30
N ARG A 22 -9.72 16.85 6.54
CA ARG A 22 -9.07 17.74 7.50
C ARG A 22 -7.68 17.22 7.87
N LEU A 23 -7.60 15.92 8.12
CA LEU A 23 -6.32 15.31 8.50
C LEU A 23 -5.36 15.29 7.30
N ALA A 24 -5.92 15.16 6.10
CA ALA A 24 -5.10 15.12 4.90
C ALA A 24 -4.26 16.39 4.78
N ASN A 25 -4.89 17.54 5.01
CA ASN A 25 -4.20 18.81 4.92
C ASN A 25 -3.14 18.93 6.01
N PHE A 26 -3.48 18.44 7.21
CA PHE A 26 -2.57 18.49 8.34
C PHE A 26 -1.32 17.65 8.07
N LEU A 27 -1.50 16.56 7.33
CA LEU A 27 -0.39 15.67 7.02
C LEU A 27 0.74 16.44 6.35
N VAL A 28 0.45 17.01 5.18
CA VAL A 28 1.44 17.78 4.44
C VAL A 28 1.91 19.00 5.24
N HIS A 29 1.12 19.39 6.24
CA HIS A 29 1.47 20.54 7.05
C HIS A 29 2.38 20.15 8.21
N SER A 30 2.27 18.90 8.65
CA SER A 30 3.08 18.40 9.76
C SER A 30 4.21 17.52 9.26
N SER A 31 4.55 17.64 7.98
CA SER A 31 5.63 16.83 7.42
C SER A 31 6.90 17.00 8.25
N ASN A 32 7.28 18.24 8.48
CA ASN A 32 8.48 18.53 9.27
C ASN A 32 8.45 17.74 10.58
N ASN A 33 7.36 17.88 11.32
CA ASN A 33 7.21 17.19 12.60
C ASN A 33 7.33 15.68 12.39
N PHE A 34 6.71 15.16 11.35
CA PHE A 34 6.75 13.72 11.07
C PHE A 34 8.19 13.23 10.90
N GLY A 35 8.95 13.92 10.05
CA GLY A 35 10.34 13.52 9.81
C GLY A 35 11.20 13.70 11.05
N ALA A 36 11.03 14.84 11.71
CA ALA A 36 11.82 15.13 12.91
C ALA A 36 11.54 14.11 14.01
N ILE A 37 10.27 13.72 14.15
CA ILE A 37 9.89 12.75 15.17
C ILE A 37 10.40 11.35 14.82
N LEU A 38 10.23 10.96 13.56
CA LEU A 38 10.69 9.64 13.12
C LEU A 38 12.20 9.55 13.22
N SER A 39 12.88 10.63 12.88
CA SER A 39 14.34 10.66 12.92
C SER A 39 14.85 10.26 14.29
N SER A 40 14.11 10.65 15.33
CA SER A 40 14.51 10.33 16.70
C SER A 40 13.92 8.99 17.14
N THR A 41 13.55 8.15 16.17
CA THR A 41 12.99 6.85 16.48
C THR A 41 13.93 6.05 17.38
N ASN A 42 15.21 6.41 17.37
CA ASN A 42 16.20 5.72 18.19
C ASN A 42 15.80 5.74 19.67
N VAL A 43 14.90 6.65 20.02
CA VAL A 43 14.45 6.76 21.40
C VAL A 43 13.96 5.41 21.93
N GLY A 44 13.57 4.52 21.01
CA GLY A 44 13.08 3.21 21.39
C GLY A 44 12.03 2.69 20.41
N SER A 45 11.50 3.58 19.58
CA SER A 45 10.49 3.20 18.60
C SER A 45 11.14 2.83 17.27
N ASN A 46 12.35 2.28 17.34
CA ASN A 46 13.07 1.90 16.14
C ASN A 46 12.83 0.43 15.79
N THR A 47 11.71 -0.11 16.28
CA THR A 47 11.37 -1.50 16.03
C THR A 47 10.49 -1.62 14.79
N TYR A 48 10.65 -0.68 13.86
CA TYR A 48 9.87 -0.69 12.63
C TYR A 48 10.77 -0.84 11.41
N GLY A 49 11.95 -1.41 11.62
CA GLY A 49 12.89 -1.61 10.53
C GLY A 49 12.22 -2.22 9.31
N LYS A 50 11.99 -1.40 8.29
CA LYS A 50 11.34 -1.86 7.07
C LYS A 50 12.27 -2.78 6.28
N ARG A 51 13.58 -2.62 6.49
CA ARG A 51 14.56 -3.45 5.80
C ARG A 51 14.38 -4.93 6.15
N ASN A 52 13.69 -5.19 7.26
CA ASN A 52 13.46 -6.57 7.69
C ASN A 52 12.54 -7.29 6.70
N ALA A 53 11.73 -6.53 5.98
CA ALA A 53 10.80 -7.10 5.02
C ALA A 53 11.54 -7.97 4.01
N VAL A 54 12.72 -7.51 3.60
CA VAL A 54 13.52 -8.27 2.64
C VAL A 54 14.22 -9.44 3.32
N GLU A 55 14.54 -9.28 4.59
CA GLU A 55 15.20 -10.35 5.35
C GLU A 55 14.31 -11.57 5.45
N VAL A 56 13.06 -11.36 5.85
CA VAL A 56 12.12 -12.46 5.98
C VAL A 56 11.79 -13.06 4.62
N LEU A 57 11.64 -12.19 3.63
CA LEU A 57 11.31 -12.64 2.27
C LEU A 57 12.23 -13.78 1.84
N LYS A 58 13.54 -13.53 1.89
CA LYS A 58 14.51 -14.55 1.50
C LYS A 58 14.42 -15.76 2.41
N ARG A 59 14.08 -15.52 3.67
CA ARG A 59 13.95 -16.59 4.64
C ARG A 59 12.78 -17.50 4.30
N GLU A 60 11.77 -16.93 3.65
CA GLU A 60 10.59 -17.71 3.27
C GLU A 60 10.37 -17.63 1.76
N PRO A 61 11.16 -18.32 0.99
CA PRO A 61 11.05 -18.34 -0.50
C PRO A 61 9.77 -19.04 -0.98
N LEU A 62 9.09 -19.71 -0.07
CA LEU A 62 7.86 -20.41 -0.42
C LEU A 62 6.83 -19.43 -0.99
N ASN A 63 6.71 -18.27 -0.37
CA ASN A 63 5.76 -17.26 -0.83
C ASN A 63 5.95 -16.99 -2.32
N TYR A 64 7.20 -17.12 -2.79
CA TYR A 64 7.50 -16.89 -4.20
C TYR A 64 7.14 -18.11 -5.03
N LEU A 65 7.55 -19.28 -4.58
CA LEU A 65 7.26 -20.53 -5.30
C LEU A 65 5.77 -20.83 -5.25
N PRO A 66 5.28 -21.64 -6.16
CA PRO A 66 3.82 -22.01 -6.21
C PRO A 66 3.33 -22.54 -4.88
N LEU A 67 2.10 -22.18 -4.52
CA LEU A 67 1.51 -22.64 -3.26
C LEU A 67 0.73 -23.92 -3.48
N THR A 1 -32.39 8.74 -17.32
CA THR A 1 -33.10 9.16 -16.09
C THR A 1 -33.33 10.67 -16.13
N PRO A 2 -34.25 11.17 -15.36
CA PRO A 2 -34.57 12.63 -15.31
C PRO A 2 -33.44 13.43 -14.67
N ILE A 3 -33.35 14.71 -15.03
CA ILE A 3 -32.30 15.58 -14.48
C ILE A 3 -32.27 15.47 -12.96
N GLU A 4 -31.07 15.31 -12.42
CA GLU A 4 -30.90 15.20 -10.97
C GLU A 4 -31.19 16.54 -10.30
N SER A 5 -31.63 16.49 -9.04
CA SER A 5 -31.93 17.69 -8.29
C SER A 5 -30.64 18.44 -7.94
N HIS A 6 -30.80 19.68 -7.48
CA HIS A 6 -29.64 20.49 -7.11
C HIS A 6 -29.28 20.29 -5.64
N GLN A 7 -29.71 19.16 -5.07
CA GLN A 7 -29.42 18.87 -3.67
C GLN A 7 -27.93 18.67 -3.46
N VAL A 8 -27.43 19.16 -2.33
CA VAL A 8 -26.01 19.04 -2.01
C VAL A 8 -25.82 18.41 -0.63
N GLU A 9 -24.83 17.52 -0.53
CA GLU A 9 -24.56 16.86 0.74
C GLU A 9 -23.06 16.67 0.93
N LYS A 10 -22.34 17.78 1.11
CA LYS A 10 -20.90 17.72 1.31
C LYS A 10 -20.55 16.86 2.52
N ARG A 11 -19.36 16.29 2.51
CA ARG A 11 -18.91 15.44 3.61
C ARG A 11 -17.42 15.60 3.85
N LYS A 12 -16.91 14.98 4.91
CA LYS A 12 -15.49 15.07 5.24
C LYS A 12 -14.67 14.25 4.23
N CYS A 13 -13.49 14.77 3.89
CA CYS A 13 -12.61 14.11 2.93
C CYS A 13 -12.35 12.66 3.36
N ASN A 14 -13.13 11.74 2.80
CA ASN A 14 -12.98 10.32 3.14
C ASN A 14 -12.52 9.53 1.91
N THR A 15 -13.08 9.85 0.75
CA THR A 15 -12.71 9.15 -0.48
C THR A 15 -11.19 9.13 -0.65
N ALA A 16 -10.69 8.03 -1.22
CA ALA A 16 -9.25 7.88 -1.44
C ALA A 16 -8.72 8.92 -2.43
N THR A 17 -9.62 9.53 -3.19
CA THR A 17 -9.21 10.55 -4.15
C THR A 17 -8.67 11.79 -3.46
N CYS A 18 -9.29 12.14 -2.32
CA CYS A 18 -8.87 13.30 -1.57
C CYS A 18 -7.41 13.18 -1.13
N ALA A 19 -7.07 12.02 -0.56
CA ALA A 19 -5.71 11.79 -0.10
C ALA A 19 -4.76 11.67 -1.29
N THR A 20 -5.25 11.11 -2.39
CA THR A 20 -4.44 10.93 -3.58
C THR A 20 -3.97 12.28 -4.13
N GLN A 21 -4.90 13.23 -4.25
CA GLN A 21 -4.55 14.54 -4.78
C GLN A 21 -3.77 15.38 -3.78
N ARG A 22 -4.02 15.16 -2.49
CA ARG A 22 -3.32 15.92 -1.45
C ARG A 22 -1.95 15.30 -1.18
N LEU A 23 -1.81 14.02 -1.48
CA LEU A 23 -0.54 13.33 -1.26
C LEU A 23 0.46 13.72 -2.34
N ALA A 24 -0.01 13.83 -3.57
CA ALA A 24 0.86 14.18 -4.68
C ALA A 24 1.53 15.52 -4.44
N ASN A 25 0.74 16.53 -4.08
CA ASN A 25 1.27 17.86 -3.82
C ASN A 25 2.23 17.84 -2.62
N PHE A 26 1.84 17.11 -1.59
CA PHE A 26 2.65 17.01 -0.38
C PHE A 26 3.95 16.25 -0.66
N LEU A 27 3.91 15.32 -1.60
CA LEU A 27 5.08 14.55 -1.95
C LEU A 27 6.21 15.46 -2.43
N VAL A 28 5.96 16.17 -3.53
CA VAL A 28 6.95 17.07 -4.08
C VAL A 28 7.24 18.24 -3.14
N HIS A 29 6.30 18.51 -2.24
CA HIS A 29 6.45 19.61 -1.29
C HIS A 29 7.26 19.17 -0.06
N SER A 30 7.22 17.88 0.24
CA SER A 30 7.95 17.35 1.39
C SER A 30 9.26 16.70 0.97
N SER A 31 9.74 17.03 -0.22
CA SER A 31 11.00 16.45 -0.70
C SER A 31 12.14 16.82 0.25
N ASN A 32 12.24 18.10 0.55
CA ASN A 32 13.30 18.59 1.44
C ASN A 32 13.26 17.83 2.76
N ASN A 33 12.08 17.72 3.35
CA ASN A 33 11.92 17.02 4.62
C ASN A 33 12.29 15.54 4.47
N PHE A 34 11.87 14.93 3.36
CA PHE A 34 12.16 13.51 3.13
C PHE A 34 13.64 13.21 3.38
N GLY A 35 14.51 14.00 2.78
CA GLY A 35 15.94 13.78 2.95
C GLY A 35 16.35 13.97 4.41
N ALA A 36 15.74 14.94 5.07
CA ALA A 36 16.05 15.22 6.46
C ALA A 36 15.70 14.02 7.34
N ILE A 37 14.55 13.41 7.11
CA ILE A 37 14.13 12.26 7.90
C ILE A 37 14.97 11.03 7.53
N LEU A 38 15.17 10.82 6.24
CA LEU A 38 15.95 9.67 5.79
C LEU A 38 17.37 9.74 6.36
N SER A 39 17.95 10.93 6.29
CA SER A 39 19.30 11.14 6.81
C SER A 39 19.43 10.65 8.24
N SER A 40 18.29 10.61 8.95
CA SER A 40 18.30 10.16 10.34
C SER A 40 18.03 8.65 10.41
N THR A 41 18.37 7.94 9.35
CA THR A 41 18.17 6.49 9.30
C THR A 41 18.88 5.82 10.46
N ASN A 42 19.89 6.49 11.03
CA ASN A 42 20.64 5.94 12.14
C ASN A 42 19.90 6.11 13.47
N VAL A 43 18.65 6.58 13.40
CA VAL A 43 17.86 6.78 14.61
C VAL A 43 17.07 5.52 14.96
N GLY A 44 17.51 4.38 14.42
CA GLY A 44 16.83 3.12 14.70
C GLY A 44 16.23 2.53 13.42
N SER A 45 16.12 3.36 12.37
CA SER A 45 15.56 2.89 11.11
C SER A 45 16.67 2.62 10.10
N ASN A 46 17.81 2.15 10.58
CA ASN A 46 18.94 1.85 9.71
C ASN A 46 18.91 0.40 9.26
N THR A 47 17.72 -0.21 9.30
CA THR A 47 17.57 -1.60 8.89
C THR A 47 17.18 -1.69 7.42
N TYR A 48 17.58 -0.68 6.64
CA TYR A 48 17.27 -0.66 5.21
C TYR A 48 18.45 -1.14 4.39
N GLY A 49 19.37 -1.86 5.02
CA GLY A 49 20.54 -2.37 4.32
C GLY A 49 20.14 -3.10 3.05
N LYS A 50 20.43 -2.49 1.90
CA LYS A 50 20.10 -3.09 0.61
C LYS A 50 21.01 -4.27 0.31
N ARG A 51 22.21 -4.25 0.90
CA ARG A 51 23.17 -5.32 0.69
C ARG A 51 22.66 -6.65 1.28
N ASN A 52 21.63 -6.57 2.12
CA ASN A 52 21.07 -7.77 2.73
C ASN A 52 20.09 -8.44 1.78
N ALA A 53 19.40 -7.64 0.98
CA ALA A 53 18.43 -8.17 0.03
C ALA A 53 19.08 -9.15 -0.93
N VAL A 54 20.26 -8.80 -1.45
CA VAL A 54 20.95 -9.67 -2.38
C VAL A 54 21.54 -10.88 -1.65
N GLU A 55 21.86 -10.72 -0.37
CA GLU A 55 22.43 -11.80 0.41
C GLU A 55 21.49 -13.01 0.41
N VAL A 56 20.21 -12.76 0.65
CA VAL A 56 19.23 -13.85 0.68
C VAL A 56 19.03 -14.42 -0.72
N LEU A 57 19.15 -13.57 -1.73
CA LEU A 57 18.97 -14.00 -3.12
C LEU A 57 19.91 -15.17 -3.45
N LYS A 58 21.20 -14.97 -3.20
CA LYS A 58 22.18 -16.02 -3.49
C LYS A 58 22.01 -17.19 -2.52
N ARG A 59 21.51 -16.89 -1.32
CA ARG A 59 21.30 -17.91 -0.31
C ARG A 59 20.23 -18.90 -0.74
N GLU A 60 19.20 -18.40 -1.41
CA GLU A 60 18.11 -19.25 -1.87
C GLU A 60 18.00 -19.21 -3.39
N PRO A 61 18.89 -19.87 -4.08
CA PRO A 61 18.90 -19.91 -5.56
C PRO A 61 17.75 -20.76 -6.13
N LEU A 62 17.01 -21.43 -5.26
CA LEU A 62 15.89 -22.27 -5.68
C LEU A 62 14.78 -21.40 -6.26
N ASN A 63 14.49 -20.29 -5.60
CA ASN A 63 13.44 -19.38 -6.07
C ASN A 63 13.84 -18.73 -7.38
N TYR A 64 15.14 -18.53 -7.57
CA TYR A 64 15.64 -17.92 -8.80
C TYR A 64 15.61 -18.92 -9.94
N LEU A 65 16.07 -20.13 -9.67
CA LEU A 65 16.09 -21.19 -10.69
C LEU A 65 14.67 -21.66 -11.00
N PRO A 66 14.46 -22.27 -12.14
CA PRO A 66 13.11 -22.79 -12.53
C PRO A 66 12.51 -23.68 -11.45
N LEU A 67 11.21 -23.53 -11.23
CA LEU A 67 10.52 -24.33 -10.23
C LEU A 67 9.28 -25.00 -10.83
N THR A 1 -31.60 9.05 -17.46
CA THR A 1 -32.33 9.32 -16.19
C THR A 1 -32.72 10.81 -16.15
N PRO A 2 -33.67 11.16 -15.33
CA PRO A 2 -34.14 12.57 -15.20
C PRO A 2 -33.14 13.45 -14.45
N ILE A 3 -33.19 14.75 -14.71
CA ILE A 3 -32.28 15.69 -14.05
C ILE A 3 -32.31 15.49 -12.54
N GLU A 4 -31.14 15.51 -11.93
CA GLU A 4 -31.04 15.33 -10.49
C GLU A 4 -31.73 16.46 -9.75
N SER A 5 -32.12 16.21 -8.51
CA SER A 5 -32.81 17.22 -7.70
C SER A 5 -31.83 18.33 -7.31
N HIS A 6 -32.38 19.46 -6.86
CA HIS A 6 -31.55 20.58 -6.43
C HIS A 6 -31.20 20.47 -4.95
N GLN A 7 -31.30 19.27 -4.40
CA GLN A 7 -31.00 19.05 -2.99
C GLN A 7 -29.53 19.36 -2.71
N VAL A 8 -29.28 20.08 -1.62
CA VAL A 8 -27.91 20.43 -1.26
C VAL A 8 -27.03 19.19 -1.22
N GLU A 9 -25.83 19.31 -1.78
CA GLU A 9 -24.89 18.18 -1.82
C GLU A 9 -23.45 18.68 -1.72
N LYS A 10 -22.55 17.77 -1.42
CA LYS A 10 -21.13 18.12 -1.30
C LYS A 10 -20.26 17.05 -1.94
N ARG A 11 -19.02 17.42 -2.24
CA ARG A 11 -18.08 16.49 -2.86
C ARG A 11 -16.66 16.75 -2.36
N LYS A 12 -16.44 16.58 -1.07
CA LYS A 12 -15.12 16.79 -0.48
C LYS A 12 -14.06 16.02 -1.25
N CYS A 13 -12.85 16.56 -1.29
CA CYS A 13 -11.75 15.91 -2.00
C CYS A 13 -11.35 14.62 -1.30
N ASN A 14 -11.97 13.52 -1.68
CA ASN A 14 -11.67 12.23 -1.09
C ASN A 14 -10.96 11.32 -2.09
N THR A 15 -11.29 11.47 -3.37
CA THR A 15 -10.68 10.66 -4.42
C THR A 15 -9.16 10.62 -4.26
N ALA A 16 -8.57 9.48 -4.59
CA ALA A 16 -7.13 9.30 -4.48
C ALA A 16 -6.38 10.23 -5.44
N THR A 17 -7.08 10.67 -6.49
CA THR A 17 -6.45 11.55 -7.48
C THR A 17 -6.24 12.94 -6.90
N CYS A 18 -7.21 13.43 -6.15
CA CYS A 18 -7.12 14.76 -5.54
C CYS A 18 -5.95 14.81 -4.56
N ALA A 19 -5.86 13.80 -3.69
CA ALA A 19 -4.78 13.75 -2.71
C ALA A 19 -3.42 13.67 -3.38
N THR A 20 -3.36 12.95 -4.49
CA THR A 20 -2.11 12.78 -5.22
C THR A 20 -1.42 14.12 -5.46
N GLN A 21 -2.19 15.12 -5.90
CA GLN A 21 -1.62 16.44 -6.16
C GLN A 21 -1.19 17.13 -4.87
N ARG A 22 -1.86 16.80 -3.77
CA ARG A 22 -1.52 17.41 -2.48
C ARG A 22 -0.21 16.84 -1.94
N LEU A 23 -0.13 15.52 -1.85
CA LEU A 23 1.08 14.88 -1.34
C LEU A 23 2.23 15.06 -2.31
N ALA A 24 1.94 15.08 -3.61
CA ALA A 24 2.97 15.24 -4.62
C ALA A 24 3.74 16.55 -4.40
N ASN A 25 3.01 17.62 -4.17
CA ASN A 25 3.64 18.92 -3.94
C ASN A 25 4.47 18.90 -2.67
N PHE A 26 3.96 18.25 -1.64
CA PHE A 26 4.66 18.17 -0.37
C PHE A 26 5.98 17.43 -0.52
N LEU A 27 6.01 16.48 -1.45
CA LEU A 27 7.23 15.71 -1.70
C LEU A 27 8.35 16.61 -2.21
N VAL A 28 8.12 17.22 -3.37
CA VAL A 28 9.12 18.11 -3.97
C VAL A 28 9.38 19.34 -3.08
N HIS A 29 8.47 19.62 -2.17
CA HIS A 29 8.62 20.77 -1.29
C HIS A 29 9.31 20.39 0.01
N SER A 30 9.17 19.13 0.41
CA SER A 30 9.77 18.64 1.64
C SER A 30 11.00 17.79 1.35
N SER A 31 11.56 17.93 0.16
CA SER A 31 12.74 17.14 -0.21
C SER A 31 13.88 17.40 0.78
N ASN A 32 14.18 18.67 1.00
CA ASN A 32 15.24 19.06 1.91
C ASN A 32 15.06 18.38 3.26
N ASN A 33 13.87 18.51 3.83
CA ASN A 33 13.57 17.91 5.12
C ASN A 33 13.72 16.40 5.05
N PHE A 34 13.23 15.80 3.96
CA PHE A 34 13.31 14.35 3.80
C PHE A 34 14.73 13.86 3.98
N GLY A 35 15.68 14.52 3.31
CA GLY A 35 17.08 14.11 3.41
C GLY A 35 17.60 14.27 4.84
N ALA A 36 17.16 15.34 5.50
CA ALA A 36 17.59 15.60 6.88
C ALA A 36 17.16 14.46 7.81
N ILE A 37 15.92 14.01 7.65
CA ILE A 37 15.41 12.92 8.48
C ILE A 37 16.05 11.59 8.09
N LEU A 38 16.10 11.31 6.80
CA LEU A 38 16.70 10.06 6.33
C LEU A 38 18.14 9.94 6.80
N SER A 39 18.89 11.03 6.65
CA SER A 39 20.29 11.05 7.05
C SER A 39 20.46 10.52 8.47
N SER A 40 19.41 10.66 9.29
CA SER A 40 19.45 10.20 10.66
C SER A 40 18.91 8.77 10.76
N THR A 41 19.12 7.99 9.71
CA THR A 41 18.65 6.61 9.69
C THR A 41 19.42 5.76 10.71
N ASN A 42 20.47 6.31 11.29
CA ASN A 42 21.26 5.58 12.27
C ASN A 42 20.62 5.63 13.66
N VAL A 43 19.39 6.13 13.74
CA VAL A 43 18.68 6.23 15.01
C VAL A 43 17.87 4.96 15.27
N GLY A 44 18.24 3.87 14.59
CA GLY A 44 17.53 2.60 14.78
C GLY A 44 16.82 2.18 13.49
N SER A 45 16.63 3.12 12.58
CA SER A 45 15.96 2.82 11.32
C SER A 45 16.98 2.49 10.23
N ASN A 46 18.12 1.95 10.63
CA ASN A 46 19.18 1.59 9.69
C ASN A 46 19.02 0.14 9.24
N THR A 47 17.81 -0.39 9.34
CA THR A 47 17.56 -1.77 8.94
C THR A 47 17.08 -1.83 7.48
N TYR A 48 17.53 -0.85 6.69
CA TYR A 48 17.15 -0.80 5.28
C TYR A 48 18.39 -0.89 4.39
N GLY A 49 19.45 -1.50 4.91
CA GLY A 49 20.68 -1.64 4.15
C GLY A 49 20.41 -2.18 2.75
N LYS A 50 20.67 -1.36 1.75
CA LYS A 50 20.45 -1.76 0.36
C LYS A 50 21.42 -2.88 -0.03
N ARG A 51 22.63 -2.83 0.52
CA ARG A 51 23.64 -3.83 0.22
C ARG A 51 23.17 -5.23 0.64
N ASN A 52 22.14 -5.28 1.49
CA ASN A 52 21.62 -6.56 1.95
C ASN A 52 20.66 -7.16 0.92
N ALA A 53 20.06 -6.30 0.11
CA ALA A 53 19.12 -6.74 -0.92
C ALA A 53 19.79 -7.70 -1.89
N VAL A 54 21.01 -7.36 -2.29
CA VAL A 54 21.76 -8.20 -3.23
C VAL A 54 22.34 -9.42 -2.52
N GLU A 55 22.63 -9.27 -1.23
CA GLU A 55 23.20 -10.37 -0.46
C GLU A 55 22.20 -11.53 -0.36
N VAL A 56 20.95 -11.20 -0.05
CA VAL A 56 19.92 -12.22 0.07
C VAL A 56 19.52 -12.75 -1.31
N LEU A 57 19.50 -11.86 -2.29
CA LEU A 57 19.13 -12.24 -3.65
C LEU A 57 19.87 -13.49 -4.09
N LYS A 58 21.20 -13.48 -3.91
CA LYS A 58 22.01 -14.64 -4.30
C LYS A 58 21.62 -15.87 -3.49
N ARG A 59 21.37 -15.66 -2.20
CA ARG A 59 20.99 -16.75 -1.32
C ARG A 59 19.59 -17.27 -1.66
N GLU A 60 18.79 -16.42 -2.32
CA GLU A 60 17.44 -16.80 -2.69
C GLU A 60 17.30 -16.87 -4.20
N PRO A 61 17.84 -17.89 -4.81
CA PRO A 61 17.77 -18.08 -6.30
C PRO A 61 16.35 -18.37 -6.78
N LEU A 62 15.42 -18.54 -5.85
CA LEU A 62 14.04 -18.82 -6.21
C LEU A 62 13.45 -17.66 -7.01
N ASN A 63 13.75 -16.44 -6.59
CA ASN A 63 13.26 -15.26 -7.28
C ASN A 63 13.63 -15.31 -8.76
N TYR A 64 14.70 -16.03 -9.07
CA TYR A 64 15.15 -16.14 -10.45
C TYR A 64 14.24 -17.08 -11.23
N LEU A 65 13.95 -18.24 -10.65
CA LEU A 65 13.09 -19.22 -11.30
C LEU A 65 11.65 -18.72 -11.33
N PRO A 66 10.84 -19.25 -12.22
CA PRO A 66 9.41 -18.84 -12.34
C PRO A 66 8.67 -18.90 -11.01
N LEU A 67 7.82 -17.93 -10.75
CA LEU A 67 7.06 -17.89 -9.50
C LEU A 67 5.57 -17.66 -9.79
N THR A 1 -31.54 9.36 -17.44
CA THR A 1 -32.58 9.59 -16.39
C THR A 1 -32.60 11.05 -16.00
N PRO A 2 -33.67 11.52 -15.40
CA PRO A 2 -33.80 12.94 -14.97
C PRO A 2 -32.94 13.26 -13.75
N ILE A 3 -32.64 14.54 -13.56
CA ILE A 3 -31.82 14.96 -12.42
C ILE A 3 -32.35 14.36 -11.13
N GLU A 4 -31.44 13.90 -10.28
CA GLU A 4 -31.83 13.29 -9.01
C GLU A 4 -32.55 14.32 -8.13
N SER A 5 -33.03 13.86 -6.98
CA SER A 5 -33.74 14.74 -6.07
C SER A 5 -32.80 15.77 -5.46
N HIS A 6 -33.36 16.78 -4.80
CA HIS A 6 -32.56 17.82 -4.18
C HIS A 6 -31.50 17.22 -3.27
N GLN A 7 -31.77 16.01 -2.76
CA GLN A 7 -30.84 15.33 -1.88
C GLN A 7 -29.55 14.98 -2.63
N VAL A 8 -28.41 15.28 -2.01
CA VAL A 8 -27.12 15.00 -2.63
C VAL A 8 -26.17 14.36 -1.62
N GLU A 9 -25.38 13.40 -2.10
CA GLU A 9 -24.43 12.71 -1.22
C GLU A 9 -23.19 12.29 -2.01
N LYS A 10 -22.10 12.06 -1.30
CA LYS A 10 -20.85 11.66 -1.95
C LYS A 10 -20.94 10.22 -2.45
N ARG A 11 -20.62 10.02 -3.72
CA ARG A 11 -20.67 8.69 -4.31
C ARG A 11 -19.55 8.52 -5.34
N LYS A 12 -18.31 8.59 -4.87
CA LYS A 12 -17.15 8.44 -5.75
C LYS A 12 -16.77 6.97 -5.88
N CYS A 13 -16.41 6.57 -7.11
CA CYS A 13 -16.00 5.19 -7.42
C CYS A 13 -16.71 4.18 -6.53
N ASN A 14 -17.95 3.82 -6.92
CA ASN A 14 -18.72 2.86 -6.15
C ASN A 14 -18.79 1.53 -6.89
N THR A 15 -17.75 1.21 -7.65
CA THR A 15 -17.72 -0.03 -8.40
C THR A 15 -16.27 -0.52 -8.54
N ALA A 16 -16.11 -1.85 -8.62
CA ALA A 16 -14.78 -2.44 -8.76
C ALA A 16 -14.10 -1.97 -10.04
N THR A 17 -14.90 -1.51 -11.01
CA THR A 17 -14.35 -1.04 -12.27
C THR A 17 -13.37 0.11 -12.04
N CYS A 18 -13.70 0.98 -11.09
CA CYS A 18 -12.85 2.13 -10.78
C CYS A 18 -11.45 1.66 -10.37
N ALA A 19 -11.40 0.64 -9.52
CA ALA A 19 -10.13 0.12 -9.06
C ALA A 19 -9.31 -0.42 -10.22
N THR A 20 -9.97 -1.08 -11.16
CA THR A 20 -9.30 -1.66 -12.31
C THR A 20 -8.57 -0.59 -13.14
N GLN A 21 -9.28 0.51 -13.44
CA GLN A 21 -8.69 1.57 -14.24
C GLN A 21 -7.70 2.42 -13.43
N ARG A 22 -7.95 2.54 -12.13
CA ARG A 22 -7.06 3.33 -11.28
C ARG A 22 -5.83 2.52 -10.87
N LEU A 23 -5.96 1.20 -10.91
CA LEU A 23 -4.84 0.32 -10.55
C LEU A 23 -3.79 0.31 -11.65
N ALA A 24 -4.24 0.19 -12.90
CA ALA A 24 -3.32 0.15 -14.03
C ALA A 24 -2.46 1.42 -14.08
N ASN A 25 -3.09 2.57 -13.87
CA ASN A 25 -2.35 3.83 -13.90
C ASN A 25 -1.33 3.89 -12.77
N PHE A 26 -1.73 3.42 -11.59
CA PHE A 26 -0.83 3.41 -10.44
C PHE A 26 0.32 2.45 -10.64
N LEU A 27 0.04 1.33 -11.30
CA LEU A 27 1.07 0.32 -11.55
C LEU A 27 2.22 0.93 -12.36
N VAL A 28 1.91 1.38 -13.57
CA VAL A 28 2.92 1.97 -14.44
C VAL A 28 3.66 3.11 -13.75
N HIS A 29 3.05 3.66 -12.69
CA HIS A 29 3.67 4.76 -11.96
C HIS A 29 4.41 4.26 -10.73
N SER A 30 4.08 3.06 -10.28
CA SER A 30 4.72 2.48 -9.10
C SER A 30 5.74 1.42 -9.49
N SER A 31 6.18 1.44 -10.75
CA SER A 31 7.16 0.46 -11.22
C SER A 31 8.39 0.45 -10.31
N ASN A 32 8.95 1.64 -10.09
CA ASN A 32 10.13 1.76 -9.24
C ASN A 32 9.91 1.02 -7.93
N ASN A 33 8.81 1.32 -7.26
CA ASN A 33 8.50 0.67 -5.98
C ASN A 33 8.37 -0.84 -6.18
N PHE A 34 7.73 -1.25 -7.25
CA PHE A 34 7.55 -2.68 -7.54
C PHE A 34 8.91 -3.38 -7.58
N GLY A 35 9.83 -2.82 -8.36
CA GLY A 35 11.16 -3.42 -8.49
C GLY A 35 11.89 -3.44 -7.14
N ALA A 36 11.76 -2.33 -6.40
CA ALA A 36 12.41 -2.21 -5.11
C ALA A 36 11.92 -3.28 -4.14
N ILE A 37 10.61 -3.50 -4.12
CA ILE A 37 10.02 -4.50 -3.23
C ILE A 37 10.35 -5.91 -3.69
N LEU A 38 10.21 -6.17 -4.99
CA LEU A 38 10.51 -7.49 -5.53
C LEU A 38 11.98 -7.85 -5.30
N SER A 39 12.86 -6.89 -5.55
CA SER A 39 14.29 -7.11 -5.38
C SER A 39 14.60 -7.66 -4.00
N SER A 40 13.71 -7.39 -3.04
CA SER A 40 13.89 -7.88 -1.68
C SER A 40 13.24 -9.25 -1.49
N THR A 41 13.30 -10.07 -2.52
CA THR A 41 12.71 -11.40 -2.46
C THR A 41 13.70 -12.40 -1.86
N ASN A 42 14.28 -12.03 -0.73
CA ASN A 42 15.25 -12.90 -0.06
C ASN A 42 14.53 -14.01 0.73
N VAL A 43 13.19 -14.02 0.67
CA VAL A 43 12.43 -15.03 1.39
C VAL A 43 12.71 -16.42 0.81
N GLY A 44 13.11 -16.47 -0.45
CA GLY A 44 13.41 -17.74 -1.10
C GLY A 44 12.48 -17.98 -2.28
N SER A 45 11.91 -16.89 -2.82
CA SER A 45 11.01 -17.01 -3.96
C SER A 45 11.65 -16.44 -5.22
N ASN A 46 12.97 -16.49 -5.27
CA ASN A 46 13.70 -15.97 -6.43
C ASN A 46 14.02 -17.10 -7.41
N THR A 47 13.19 -18.13 -7.40
CA THR A 47 13.40 -19.28 -8.29
C THR A 47 12.63 -19.07 -9.60
N TYR A 48 12.36 -17.82 -9.94
CA TYR A 48 11.63 -17.52 -11.17
C TYR A 48 12.48 -16.63 -12.08
N GLY A 49 13.79 -16.70 -11.92
CA GLY A 49 14.69 -15.90 -12.74
C GLY A 49 14.47 -16.16 -14.22
N LYS A 50 14.67 -15.13 -15.04
CA LYS A 50 14.48 -15.27 -16.47
C LYS A 50 15.47 -16.28 -17.06
N ARG A 51 16.68 -16.29 -16.53
CA ARG A 51 17.70 -17.22 -17.00
C ARG A 51 17.32 -18.66 -16.69
N ASN A 52 16.40 -18.84 -15.75
CA ASN A 52 15.95 -20.19 -15.38
C ASN A 52 15.07 -20.78 -16.48
N ALA A 53 14.43 -19.92 -17.25
CA ALA A 53 13.55 -20.37 -18.33
C ALA A 53 14.31 -21.26 -19.30
N VAL A 54 15.55 -20.88 -19.61
CA VAL A 54 16.36 -21.65 -20.54
C VAL A 54 16.88 -22.93 -19.87
N GLU A 55 17.10 -22.86 -18.56
CA GLU A 55 17.58 -24.02 -17.82
C GLU A 55 16.60 -25.18 -17.91
N VAL A 56 15.33 -24.89 -17.63
CA VAL A 56 14.31 -25.93 -17.69
C VAL A 56 14.04 -26.35 -19.13
N LEU A 57 14.02 -25.38 -20.03
CA LEU A 57 13.77 -25.65 -21.45
C LEU A 57 14.64 -26.80 -21.93
N LYS A 58 15.95 -26.66 -21.77
CA LYS A 58 16.88 -27.70 -22.22
C LYS A 58 16.68 -28.99 -21.41
N ARG A 59 16.33 -28.82 -20.14
CA ARG A 59 16.11 -29.97 -19.26
C ARG A 59 14.93 -30.81 -19.75
N GLU A 60 13.92 -30.14 -20.31
CA GLU A 60 12.74 -30.84 -20.81
C GLU A 60 12.63 -30.70 -22.32
N PRO A 61 13.44 -31.42 -23.05
CA PRO A 61 13.43 -31.39 -24.54
C PRO A 61 12.16 -32.00 -25.13
N LEU A 62 11.36 -32.62 -24.29
CA LEU A 62 10.12 -33.24 -24.75
C LEU A 62 9.20 -32.18 -25.36
N ASN A 63 9.11 -31.03 -24.72
CA ASN A 63 8.27 -29.94 -25.21
C ASN A 63 8.56 -29.67 -26.68
N TYR A 64 9.80 -29.93 -27.09
CA TYR A 64 10.20 -29.71 -28.48
C TYR A 64 9.63 -30.81 -29.37
N LEU A 65 9.73 -32.05 -28.93
CA LEU A 65 9.23 -33.18 -29.70
C LEU A 65 7.70 -33.16 -29.72
N PRO A 66 7.08 -33.80 -30.69
CA PRO A 66 5.60 -33.86 -30.80
C PRO A 66 4.94 -34.32 -29.51
N LEU A 67 3.81 -33.72 -29.18
CA LEU A 67 3.08 -34.09 -27.97
C LEU A 67 1.60 -34.26 -28.26
N THR A 1 -32.10 9.48 -17.33
CA THR A 1 -32.91 9.62 -16.08
C THR A 1 -32.87 11.07 -15.61
N PRO A 2 -33.79 11.47 -14.78
CA PRO A 2 -33.85 12.86 -14.25
C PRO A 2 -32.77 13.12 -13.19
N ILE A 3 -32.38 14.38 -13.05
CA ILE A 3 -31.36 14.74 -12.07
C ILE A 3 -31.75 14.25 -10.68
N GLU A 4 -30.77 13.79 -9.92
CA GLU A 4 -31.03 13.30 -8.57
C GLU A 4 -31.64 14.39 -7.72
N SER A 5 -32.62 14.01 -6.89
CA SER A 5 -33.29 14.97 -6.02
C SER A 5 -32.53 15.12 -4.71
N HIS A 6 -32.78 16.22 -4.00
CA HIS A 6 -32.11 16.47 -2.72
C HIS A 6 -32.51 15.41 -1.70
N GLN A 7 -33.67 14.79 -1.90
CA GLN A 7 -34.16 13.77 -0.98
C GLN A 7 -33.18 12.60 -0.91
N VAL A 8 -32.94 12.10 0.29
CA VAL A 8 -32.02 10.99 0.47
C VAL A 8 -32.69 9.86 1.25
N GLU A 9 -32.44 8.62 0.83
CA GLU A 9 -33.03 7.47 1.49
C GLU A 9 -31.95 6.44 1.82
N LYS A 10 -30.96 6.85 2.61
CA LYS A 10 -29.87 5.96 3.00
C LYS A 10 -30.09 5.44 4.41
N ARG A 11 -29.21 4.55 4.85
CA ARG A 11 -29.31 3.99 6.19
C ARG A 11 -27.94 3.95 6.87
N LYS A 12 -27.93 3.64 8.16
CA LYS A 12 -26.69 3.59 8.91
C LYS A 12 -25.82 2.43 8.42
N CYS A 13 -24.51 2.63 8.43
CA CYS A 13 -23.58 1.60 7.99
C CYS A 13 -23.78 0.32 8.80
N ASN A 14 -24.58 -0.60 8.26
CA ASN A 14 -24.84 -1.86 8.94
C ASN A 14 -24.39 -3.04 8.07
N THR A 15 -24.57 -2.91 6.76
CA THR A 15 -24.20 -3.98 5.84
C THR A 15 -22.69 -4.14 5.81
N ALA A 16 -22.23 -5.38 5.64
CA ALA A 16 -20.81 -5.68 5.59
C ALA A 16 -20.12 -4.92 4.46
N THR A 17 -20.91 -4.43 3.51
CA THR A 17 -20.35 -3.69 2.37
C THR A 17 -19.68 -2.41 2.85
N CYS A 18 -20.28 -1.76 3.84
CA CYS A 18 -19.73 -0.52 4.37
C CYS A 18 -18.33 -0.75 4.92
N ALA A 19 -18.18 -1.77 5.75
CA ALA A 19 -16.88 -2.08 6.33
C ALA A 19 -15.91 -2.54 5.25
N THR A 20 -16.41 -3.33 4.31
CA THR A 20 -15.58 -3.84 3.22
C THR A 20 -14.73 -2.74 2.60
N GLN A 21 -15.35 -1.60 2.32
CA GLN A 21 -14.63 -0.49 1.71
C GLN A 21 -13.62 0.11 2.69
N ARG A 22 -13.91 -0.01 3.97
CA ARG A 22 -13.02 0.53 5.00
C ARG A 22 -11.77 -0.32 5.11
N LEU A 23 -11.95 -1.64 5.11
CA LEU A 23 -10.82 -2.57 5.22
C LEU A 23 -9.82 -2.33 4.09
N ALA A 24 -10.33 -2.22 2.86
CA ALA A 24 -9.47 -2.00 1.70
C ALA A 24 -8.57 -0.80 1.93
N ASN A 25 -9.15 0.31 2.41
CA ASN A 25 -8.38 1.52 2.65
C ASN A 25 -7.41 1.31 3.80
N PHE A 26 -7.87 0.62 4.85
CA PHE A 26 -7.04 0.35 6.02
C PHE A 26 -5.85 -0.54 5.65
N LEU A 27 -6.04 -1.36 4.62
CA LEU A 27 -4.97 -2.26 4.18
C LEU A 27 -3.74 -1.48 3.75
N VAL A 28 -3.90 -0.66 2.72
CA VAL A 28 -2.79 0.15 2.21
C VAL A 28 -2.39 1.24 3.20
N HIS A 29 -3.28 1.56 4.14
CA HIS A 29 -3.01 2.59 5.13
C HIS A 29 -2.13 2.04 6.26
N SER A 30 -2.40 0.79 6.64
CA SER A 30 -1.65 0.14 7.71
C SER A 30 -0.49 -0.69 7.15
N SER A 31 -0.10 -0.41 5.91
CA SER A 31 1.00 -1.16 5.31
C SER A 31 2.27 -1.02 6.15
N ASN A 32 2.58 0.22 6.51
CA ASN A 32 3.77 0.49 7.31
C ASN A 32 3.77 -0.41 8.55
N ASN A 33 2.71 -0.34 9.33
CA ASN A 33 2.59 -1.15 10.53
C ASN A 33 2.73 -2.64 10.20
N PHE A 34 2.06 -3.08 9.14
CA PHE A 34 2.10 -4.48 8.74
C PHE A 34 3.55 -4.94 8.53
N GLY A 35 4.28 -4.22 7.68
CA GLY A 35 5.67 -4.60 7.39
C GLY A 35 6.55 -4.43 8.63
N ALA A 36 6.30 -3.39 9.40
CA ALA A 36 7.07 -3.13 10.61
C ALA A 36 6.92 -4.28 11.60
N ILE A 37 5.70 -4.80 11.72
CA ILE A 37 5.43 -5.90 12.64
C ILE A 37 6.10 -7.18 12.17
N LEU A 38 6.02 -7.46 10.87
CA LEU A 38 6.63 -8.66 10.33
C LEU A 38 8.15 -8.59 10.45
N SER A 39 8.69 -7.42 10.18
CA SER A 39 10.14 -7.21 10.27
C SER A 39 10.63 -7.49 11.68
N SER A 40 9.80 -7.16 12.66
CA SER A 40 10.17 -7.38 14.06
C SER A 40 9.67 -8.75 14.53
N THR A 41 9.70 -9.73 13.63
CA THR A 41 9.26 -11.08 13.97
C THR A 41 10.03 -11.63 15.17
N ASN A 42 11.20 -11.06 15.43
CA ASN A 42 12.03 -11.51 16.54
C ASN A 42 11.26 -11.44 17.85
N VAL A 43 10.17 -10.67 17.87
CA VAL A 43 9.36 -10.53 19.07
C VAL A 43 8.98 -11.90 19.62
N GLY A 44 8.95 -12.91 18.75
CA GLY A 44 8.60 -14.25 19.18
C GLY A 44 7.89 -15.02 18.06
N SER A 45 7.43 -14.30 17.04
CA SER A 45 6.74 -14.92 15.91
C SER A 45 7.72 -15.29 14.81
N ASN A 46 8.93 -15.66 15.20
CA ASN A 46 9.96 -16.03 14.22
C ASN A 46 9.68 -17.41 13.62
N THR A 47 8.59 -18.05 14.06
CA THR A 47 8.25 -19.37 13.54
C THR A 47 7.30 -19.25 12.35
N TYR A 48 7.39 -18.13 11.64
CA TYR A 48 6.53 -17.90 10.49
C TYR A 48 7.26 -18.25 9.18
N GLY A 49 8.33 -19.04 9.29
CA GLY A 49 9.09 -19.41 8.11
C GLY A 49 8.18 -19.94 7.01
N LYS A 50 7.92 -19.10 6.00
CA LYS A 50 7.06 -19.49 4.90
C LYS A 50 7.82 -20.34 3.89
N ARG A 51 9.15 -20.21 3.89
CA ARG A 51 9.99 -20.97 2.97
C ARG A 51 9.80 -22.47 3.18
N ASN A 52 9.28 -22.84 4.34
CA ASN A 52 9.06 -24.26 4.64
C ASN A 52 8.06 -24.87 3.66
N ALA A 53 7.20 -24.03 3.10
CA ALA A 53 6.19 -24.50 2.16
C ALA A 53 6.86 -25.26 1.00
N VAL A 54 8.01 -24.78 0.57
CA VAL A 54 8.73 -25.42 -0.53
C VAL A 54 9.44 -26.69 -0.04
N GLU A 55 9.84 -26.68 1.23
CA GLU A 55 10.53 -27.84 1.80
C GLU A 55 9.62 -29.06 1.80
N VAL A 56 8.41 -28.90 2.34
CA VAL A 56 7.46 -30.01 2.39
C VAL A 56 7.04 -30.42 0.99
N LEU A 57 6.86 -29.44 0.11
CA LEU A 57 6.45 -29.70 -1.27
C LEU A 57 7.31 -30.81 -1.88
N LYS A 58 8.63 -30.60 -1.86
CA LYS A 58 9.54 -31.59 -2.43
C LYS A 58 9.45 -32.90 -1.65
N ARG A 59 9.23 -32.80 -0.35
CA ARG A 59 9.13 -33.98 0.50
C ARG A 59 7.94 -34.84 0.07
N GLU A 60 6.85 -34.18 -0.32
CA GLU A 60 5.65 -34.89 -0.75
C GLU A 60 5.43 -34.72 -2.25
N PRO A 61 6.20 -35.42 -3.05
CA PRO A 61 6.08 -35.34 -4.54
C PRO A 61 4.74 -35.86 -5.05
N LEU A 62 4.00 -36.56 -4.19
CA LEU A 62 2.70 -37.11 -4.57
C LEU A 62 1.81 -35.99 -5.13
N ASN A 63 1.85 -34.83 -4.50
CA ASN A 63 1.04 -33.70 -4.93
C ASN A 63 1.20 -33.48 -6.44
N TYR A 64 2.37 -33.83 -6.96
CA TYR A 64 2.63 -33.68 -8.39
C TYR A 64 1.90 -34.76 -9.20
N LEU A 65 2.02 -36.00 -8.75
CA LEU A 65 1.37 -37.11 -9.44
C LEU A 65 -0.14 -36.91 -9.46
N PRO A 66 -0.84 -37.55 -10.37
CA PRO A 66 -2.32 -37.42 -10.48
C PRO A 66 -3.02 -37.71 -9.16
N LEU A 67 -4.07 -36.95 -8.87
CA LEU A 67 -4.83 -37.13 -7.63
C LEU A 67 -6.29 -37.40 -7.93
N THR A 1 -31.95 10.22 -17.57
CA THR A 1 -32.41 10.19 -16.15
C THR A 1 -32.54 11.62 -15.64
N PRO A 2 -33.29 11.82 -14.59
CA PRO A 2 -33.49 13.17 -14.00
C PRO A 2 -32.25 13.67 -13.27
N ILE A 3 -32.09 14.99 -13.19
CA ILE A 3 -30.94 15.58 -12.53
C ILE A 3 -30.87 15.10 -11.08
N GLU A 4 -29.64 14.92 -10.59
CA GLU A 4 -29.44 14.45 -9.21
C GLU A 4 -30.06 15.43 -8.23
N SER A 5 -30.36 14.95 -7.03
CA SER A 5 -30.95 15.79 -6.00
C SER A 5 -30.00 16.92 -5.61
N HIS A 6 -30.57 18.08 -5.28
CA HIS A 6 -29.75 19.23 -4.89
C HIS A 6 -29.53 19.24 -3.39
N GLN A 7 -29.69 18.08 -2.75
CA GLN A 7 -29.50 17.99 -1.30
C GLN A 7 -28.01 18.02 -0.95
N VAL A 8 -27.65 18.85 0.01
CA VAL A 8 -26.26 18.96 0.44
C VAL A 8 -25.69 17.58 0.77
N GLU A 9 -24.44 17.35 0.37
CA GLU A 9 -23.81 16.07 0.64
C GLU A 9 -22.31 16.26 0.90
N LYS A 10 -21.66 15.20 1.39
CA LYS A 10 -20.23 15.27 1.67
C LYS A 10 -19.54 13.99 1.24
N ARG A 11 -18.24 14.07 0.98
CA ARG A 11 -17.47 12.91 0.56
C ARG A 11 -16.05 12.97 1.11
N LYS A 12 -15.95 12.93 2.44
CA LYS A 12 -14.64 12.99 3.09
C LYS A 12 -13.75 11.86 2.58
N CYS A 13 -12.44 12.11 2.56
CA CYS A 13 -11.49 11.10 2.11
C CYS A 13 -11.63 9.82 2.92
N ASN A 14 -12.40 8.87 2.37
CA ASN A 14 -12.60 7.60 3.05
C ASN A 14 -12.13 6.43 2.18
N THR A 15 -12.33 6.56 0.88
CA THR A 15 -11.91 5.51 -0.06
C THR A 15 -10.40 5.30 0.00
N ALA A 16 -9.98 4.06 -0.17
CA ALA A 16 -8.56 3.72 -0.12
C ALA A 16 -7.77 4.45 -1.19
N THR A 17 -8.46 4.95 -2.21
CA THR A 17 -7.79 5.67 -3.29
C THR A 17 -7.17 6.97 -2.77
N CYS A 18 -7.89 7.65 -1.89
CA CYS A 18 -7.40 8.91 -1.33
C CYS A 18 -6.12 8.67 -0.53
N ALA A 19 -6.15 7.67 0.36
CA ALA A 19 -4.99 7.37 1.18
C ALA A 19 -3.81 6.95 0.31
N THR A 20 -4.10 6.19 -0.74
CA THR A 20 -3.05 5.71 -1.64
C THR A 20 -2.13 6.85 -2.07
N GLN A 21 -2.72 8.01 -2.36
CA GLN A 21 -1.93 9.16 -2.79
C GLN A 21 -1.28 9.86 -1.60
N ARG A 22 -1.91 9.74 -0.43
CA ARG A 22 -1.37 10.38 0.78
C ARG A 22 -0.10 9.68 1.23
N LEU A 23 -0.18 8.37 1.44
CA LEU A 23 0.97 7.60 1.89
C LEU A 23 2.10 7.69 0.87
N ALA A 24 1.74 7.80 -0.41
CA ALA A 24 2.72 7.89 -1.47
C ALA A 24 3.65 9.09 -1.26
N ASN A 25 3.06 10.22 -0.86
CA ASN A 25 3.85 11.43 -0.63
C ASN A 25 4.85 11.21 0.51
N PHE A 26 4.41 10.51 1.54
CA PHE A 26 5.27 10.23 2.70
C PHE A 26 6.45 9.34 2.30
N LEU A 27 6.24 8.52 1.26
CA LEU A 27 7.30 7.63 0.80
C LEU A 27 8.47 8.42 0.21
N VAL A 28 8.20 9.17 -0.84
CA VAL A 28 9.24 9.96 -1.49
C VAL A 28 9.70 11.11 -0.59
N HIS A 29 8.89 11.46 0.40
CA HIS A 29 9.22 12.54 1.32
C HIS A 29 10.09 12.02 2.46
N SER A 30 9.84 10.78 2.87
CA SER A 30 10.59 10.15 3.95
C SER A 30 11.72 9.29 3.41
N SER A 31 12.11 9.51 2.15
CA SER A 31 13.18 8.73 1.56
C SER A 31 14.46 8.86 2.38
N ASN A 32 14.77 10.09 2.78
CA ASN A 32 15.96 10.34 3.58
C ASN A 32 15.96 9.44 4.82
N ASN A 33 14.88 9.52 5.60
CA ASN A 33 14.76 8.72 6.80
C ASN A 33 14.88 7.23 6.48
N PHE A 34 14.17 6.78 5.44
CA PHE A 34 14.21 5.38 5.06
C PHE A 34 15.63 4.91 4.80
N GLY A 35 16.34 5.60 3.90
CA GLY A 35 17.70 5.23 3.56
C GLY A 35 18.64 5.40 4.75
N ALA A 36 18.38 6.42 5.55
CA ALA A 36 19.21 6.68 6.73
C ALA A 36 19.09 5.53 7.73
N ILE A 37 17.87 5.03 7.91
CA ILE A 37 17.63 3.94 8.84
C ILE A 37 18.27 2.64 8.34
N LEU A 38 18.13 2.36 7.05
CA LEU A 38 18.71 1.14 6.49
C LEU A 38 20.23 1.22 6.51
N SER A 39 20.76 2.38 6.15
CA SER A 39 22.19 2.59 6.13
C SER A 39 22.79 2.42 7.52
N SER A 40 21.97 2.65 8.54
CA SER A 40 22.42 2.54 9.92
C SER A 40 22.16 1.13 10.46
N THR A 41 22.20 0.15 9.56
CA THR A 41 21.96 -1.23 9.96
C THR A 41 23.29 -1.93 10.28
N ASN A 42 24.26 -1.17 10.75
CA ASN A 42 25.56 -1.72 11.08
C ASN A 42 25.60 -2.17 12.54
N VAL A 43 24.43 -2.42 13.12
CA VAL A 43 24.35 -2.87 14.51
C VAL A 43 24.43 -4.39 14.59
N GLY A 44 24.89 -5.03 13.52
CA GLY A 44 25.01 -6.48 13.50
C GLY A 44 24.71 -7.03 12.10
N SER A 45 23.97 -6.26 11.31
CA SER A 45 23.61 -6.68 9.95
C SER A 45 24.56 -6.05 8.94
N ASN A 46 25.81 -5.85 9.34
CA ASN A 46 26.80 -5.25 8.45
C ASN A 46 27.02 -6.11 7.21
N THR A 47 26.52 -7.34 7.23
CA THR A 47 26.68 -8.24 6.08
C THR A 47 25.50 -8.12 5.13
N TYR A 48 24.88 -6.93 5.11
CA TYR A 48 23.74 -6.70 4.22
C TYR A 48 24.19 -6.04 2.92
N GLY A 49 25.48 -6.18 2.60
CA GLY A 49 26.01 -5.59 1.38
C GLY A 49 25.21 -6.05 0.15
N LYS A 50 24.94 -5.12 -0.74
CA LYS A 50 24.19 -5.43 -1.95
C LYS A 50 25.01 -6.30 -2.90
N ARG A 51 26.32 -6.21 -2.78
CA ARG A 51 27.21 -6.99 -3.63
C ARG A 51 26.97 -8.48 -3.43
N ASN A 52 26.37 -8.85 -2.30
CA ASN A 52 26.09 -10.26 -2.02
C ASN A 52 25.11 -10.83 -3.04
N ALA A 53 24.28 -9.97 -3.60
CA ALA A 53 23.29 -10.39 -4.58
C ALA A 53 23.95 -11.19 -5.70
N VAL A 54 25.14 -10.75 -6.13
CA VAL A 54 25.85 -11.43 -7.19
C VAL A 54 26.52 -12.70 -6.66
N GLU A 55 26.88 -12.68 -5.38
CA GLU A 55 27.53 -13.83 -4.76
C GLU A 55 26.60 -15.04 -4.77
N VAL A 56 25.38 -14.86 -4.30
CA VAL A 56 24.41 -15.94 -4.27
C VAL A 56 24.03 -16.36 -5.69
N LEU A 57 23.85 -15.36 -6.57
CA LEU A 57 23.48 -15.63 -7.95
C LEU A 57 24.39 -16.69 -8.56
N LYS A 58 25.69 -16.42 -8.53
CA LYS A 58 26.66 -17.36 -9.10
C LYS A 58 26.63 -18.69 -8.35
N ARG A 59 26.27 -18.63 -7.07
CA ARG A 59 26.22 -19.84 -6.24
C ARG A 59 25.16 -20.80 -6.76
N GLU A 60 24.03 -20.26 -7.21
CA GLU A 60 22.95 -21.08 -7.72
C GLU A 60 22.74 -20.82 -9.22
N PRO A 61 23.62 -21.32 -10.04
CA PRO A 61 23.54 -21.14 -11.53
C PRO A 61 22.36 -21.88 -12.14
N LEU A 62 21.80 -22.84 -11.41
CA LEU A 62 20.67 -23.60 -11.92
C LEU A 62 19.54 -22.68 -12.36
N ASN A 63 19.28 -21.66 -11.54
CA ASN A 63 18.22 -20.70 -11.86
C ASN A 63 18.45 -20.09 -13.25
N TYR A 64 19.71 -19.91 -13.61
CA TYR A 64 20.04 -19.34 -14.91
C TYR A 64 19.80 -20.36 -16.02
N LEU A 65 20.31 -21.57 -15.82
CA LEU A 65 20.15 -22.63 -16.82
C LEU A 65 18.70 -23.10 -16.87
N PRO A 66 18.29 -23.72 -17.95
CA PRO A 66 16.89 -24.22 -18.11
C PRO A 66 16.46 -25.11 -16.94
N LEU A 67 15.22 -24.95 -16.51
CA LEU A 67 14.70 -25.74 -15.40
C LEU A 67 13.62 -26.70 -15.89
N THR A 1 -32.12 9.47 -17.16
CA THR A 1 -32.89 9.96 -15.97
C THR A 1 -33.08 11.47 -16.08
N PRO A 2 -34.01 12.01 -15.35
CA PRO A 2 -34.29 13.49 -15.38
C PRO A 2 -33.21 14.29 -14.67
N ILE A 3 -33.08 15.55 -15.06
CA ILE A 3 -32.06 16.42 -14.46
C ILE A 3 -32.33 16.59 -12.97
N GLU A 4 -31.26 16.74 -12.19
CA GLU A 4 -31.39 16.92 -10.75
C GLU A 4 -32.20 18.16 -10.43
N SER A 5 -32.99 18.09 -9.36
CA SER A 5 -33.81 19.22 -8.96
C SER A 5 -32.96 20.34 -8.39
N HIS A 6 -33.52 21.54 -8.33
CA HIS A 6 -32.79 22.69 -7.81
C HIS A 6 -32.43 22.48 -6.33
N GLN A 7 -33.17 21.61 -5.66
CA GLN A 7 -32.90 21.34 -4.25
C GLN A 7 -31.45 20.92 -4.05
N VAL A 8 -30.82 21.47 -3.03
CA VAL A 8 -29.43 21.15 -2.73
C VAL A 8 -29.24 20.90 -1.24
N GLU A 9 -28.36 19.96 -0.91
CA GLU A 9 -28.10 19.63 0.49
C GLU A 9 -26.61 19.38 0.71
N LYS A 10 -26.23 19.15 1.97
CA LYS A 10 -24.83 18.89 2.29
C LYS A 10 -24.71 17.70 3.23
N ARG A 11 -23.51 17.15 3.32
CA ARG A 11 -23.27 16.00 4.19
C ARG A 11 -21.86 16.06 4.78
N LYS A 12 -21.71 15.49 5.98
CA LYS A 12 -20.42 15.50 6.65
C LYS A 12 -19.41 14.63 5.91
N CYS A 13 -18.16 15.08 5.89
CA CYS A 13 -17.10 14.33 5.20
C CYS A 13 -16.67 13.12 6.03
N ASN A 14 -17.39 12.02 5.87
CA ASN A 14 -17.08 10.80 6.61
C ASN A 14 -16.35 9.80 5.72
N THR A 15 -16.71 9.79 4.44
CA THR A 15 -16.09 8.87 3.48
C THR A 15 -14.57 8.87 3.63
N ALA A 16 -13.96 7.71 3.42
CA ALA A 16 -12.52 7.57 3.54
C ALA A 16 -11.79 8.36 2.45
N THR A 17 -12.49 8.66 1.36
CA THR A 17 -11.89 9.41 0.26
C THR A 17 -11.65 10.86 0.66
N CYS A 18 -12.62 11.44 1.38
CA CYS A 18 -12.51 12.82 1.81
C CYS A 18 -11.32 13.01 2.73
N ALA A 19 -11.20 12.12 3.72
CA ALA A 19 -10.10 12.21 4.67
C ALA A 19 -8.75 12.01 3.97
N THR A 20 -8.73 11.11 2.99
CA THR A 20 -7.51 10.83 2.25
C THR A 20 -6.80 12.12 1.82
N GLN A 21 -7.57 13.06 1.29
CA GLN A 21 -6.98 14.33 0.83
C GLN A 21 -6.52 15.18 2.01
N ARG A 22 -7.17 15.00 3.16
CA ARG A 22 -6.80 15.77 4.35
C ARG A 22 -5.49 15.25 4.94
N LEU A 23 -5.45 13.97 5.26
CA LEU A 23 -4.25 13.38 5.84
C LEU A 23 -3.10 13.41 4.84
N ALA A 24 -3.43 13.34 3.56
CA ALA A 24 -2.40 13.37 2.52
C ALA A 24 -1.63 14.69 2.57
N ASN A 25 -2.35 15.79 2.68
CA ASN A 25 -1.73 17.11 2.73
C ASN A 25 -0.82 17.22 3.96
N PHE A 26 -1.30 16.70 5.08
CA PHE A 26 -0.54 16.75 6.32
C PHE A 26 0.75 15.93 6.19
N LEU A 27 0.67 14.82 5.46
CA LEU A 27 1.82 13.96 5.27
C LEU A 27 2.96 14.73 4.60
N VAL A 28 2.65 15.37 3.46
CA VAL A 28 3.64 16.13 2.72
C VAL A 28 4.02 17.42 3.45
N HIS A 29 3.15 17.84 4.39
CA HIS A 29 3.41 19.06 5.13
C HIS A 29 4.09 18.78 6.47
N SER A 30 4.13 17.51 6.88
CA SER A 30 4.77 17.16 8.13
C SER A 30 5.98 16.26 7.89
N SER A 31 6.50 16.29 6.66
CA SER A 31 7.67 15.48 6.32
C SER A 31 8.88 15.94 7.13
N ASN A 32 9.09 17.26 7.16
CA ASN A 32 10.20 17.85 7.88
C ASN A 32 10.16 17.47 9.36
N ASN A 33 9.06 17.84 10.03
CA ASN A 33 8.92 17.55 11.45
C ASN A 33 8.97 16.04 11.70
N PHE A 34 8.29 15.26 10.86
CA PHE A 34 8.27 13.82 11.03
C PHE A 34 9.69 13.26 11.14
N GLY A 35 10.59 13.76 10.28
CA GLY A 35 11.97 13.30 10.30
C GLY A 35 12.61 13.56 11.65
N ALA A 36 12.25 14.70 12.24
CA ALA A 36 12.80 15.08 13.54
C ALA A 36 12.46 14.03 14.59
N ILE A 37 11.22 13.56 14.58
CA ILE A 37 10.78 12.55 15.54
C ILE A 37 11.46 11.22 15.25
N LEU A 38 11.50 10.83 13.98
CA LEU A 38 12.13 9.57 13.60
C LEU A 38 13.57 9.54 14.11
N SER A 39 14.31 10.59 13.79
CA SER A 39 15.71 10.70 14.20
C SER A 39 15.88 10.35 15.68
N SER A 40 14.83 10.60 16.45
CA SER A 40 14.87 10.30 17.88
C SER A 40 14.37 8.89 18.16
N THR A 41 14.67 7.97 17.24
CA THR A 41 14.25 6.58 17.40
C THR A 41 14.91 5.93 18.62
N ASN A 42 15.91 6.60 19.18
CA ASN A 42 16.61 6.06 20.35
C ASN A 42 15.84 6.34 21.64
N VAL A 43 14.61 6.85 21.51
CA VAL A 43 13.79 7.15 22.69
C VAL A 43 12.97 5.92 23.10
N GLY A 44 13.38 4.75 22.64
CA GLY A 44 12.67 3.52 22.98
C GLY A 44 12.13 2.83 21.73
N SER A 45 12.07 3.56 20.62
CA SER A 45 11.58 2.99 19.37
C SER A 45 12.73 2.56 18.48
N ASN A 46 13.83 2.13 19.11
CA ASN A 46 15.00 1.69 18.35
C ASN A 46 14.99 0.18 18.17
N THR A 47 13.79 -0.40 18.19
CA THR A 47 13.65 -1.85 18.02
C THR A 47 13.41 -2.19 16.55
N TYR A 48 13.93 -1.35 15.66
CA TYR A 48 13.77 -1.56 14.23
C TYR A 48 15.11 -1.89 13.57
N GLY A 49 16.07 -2.35 14.38
CA GLY A 49 17.38 -2.70 13.85
C GLY A 49 17.27 -3.59 12.62
N LYS A 50 18.00 -3.24 11.58
CA LYS A 50 17.99 -4.02 10.35
C LYS A 50 18.69 -5.36 10.53
N ARG A 51 19.65 -5.38 11.45
CA ARG A 51 20.40 -6.61 11.72
C ARG A 51 19.46 -7.74 12.11
N ASN A 52 18.24 -7.41 12.51
CA ASN A 52 17.26 -8.41 12.90
C ASN A 52 16.76 -9.18 11.68
N ALA A 53 16.64 -8.47 10.55
CA ALA A 53 16.16 -9.09 9.32
C ALA A 53 17.09 -10.22 8.89
N VAL A 54 18.39 -10.01 9.00
CA VAL A 54 19.35 -11.03 8.63
C VAL A 54 19.22 -12.26 9.52
N GLU A 55 18.80 -12.03 10.77
CA GLU A 55 18.64 -13.13 11.73
C GLU A 55 17.44 -14.00 11.36
N VAL A 56 16.31 -13.36 11.08
CA VAL A 56 15.10 -14.11 10.74
C VAL A 56 15.19 -14.70 9.34
N LEU A 57 15.90 -14.03 8.44
CA LEU A 57 16.05 -14.52 7.08
C LEU A 57 16.80 -15.84 7.04
N LYS A 58 17.87 -15.95 7.85
CA LYS A 58 18.64 -17.19 7.89
C LYS A 58 17.83 -18.31 8.50
N ARG A 59 17.06 -17.98 9.54
CA ARG A 59 16.23 -18.97 10.21
C ARG A 59 15.20 -19.56 9.24
N GLU A 60 14.87 -18.78 8.21
CA GLU A 60 13.90 -19.24 7.22
C GLU A 60 14.60 -19.58 5.90
N PRO A 61 15.18 -20.76 5.81
CA PRO A 61 15.89 -21.21 4.58
C PRO A 61 14.98 -21.33 3.37
N LEU A 62 13.67 -21.21 3.60
CA LEU A 62 12.71 -21.31 2.52
C LEU A 62 12.98 -20.23 1.47
N ASN A 63 13.29 -19.02 1.92
CA ASN A 63 13.58 -17.92 1.01
C ASN A 63 14.97 -18.08 0.39
N TYR A 64 15.78 -18.98 0.95
CA TYR A 64 17.13 -19.20 0.45
C TYR A 64 17.09 -19.97 -0.87
N LEU A 65 16.16 -20.91 -0.96
CA LEU A 65 16.03 -21.72 -2.18
C LEU A 65 15.45 -20.87 -3.31
N PRO A 66 15.65 -21.28 -4.54
CA PRO A 66 15.14 -20.54 -5.73
C PRO A 66 13.65 -20.24 -5.62
N LEU A 67 13.26 -19.04 -6.02
CA LEU A 67 11.86 -18.63 -5.96
C LEU A 67 11.50 -17.75 -7.15
N THR A 1 -33.44 8.82 -16.48
CA THR A 1 -33.37 9.46 -15.13
C THR A 1 -33.10 10.95 -15.29
N PRO A 2 -33.38 11.73 -14.27
CA PRO A 2 -33.15 13.21 -14.31
C PRO A 2 -31.67 13.56 -14.21
N ILE A 3 -31.32 14.76 -14.67
CA ILE A 3 -29.94 15.23 -14.63
C ILE A 3 -29.35 15.01 -13.24
N GLU A 4 -28.32 14.16 -13.17
CA GLU A 4 -27.67 13.87 -11.90
C GLU A 4 -27.27 15.16 -11.19
N SER A 5 -26.87 15.04 -9.93
CA SER A 5 -26.46 16.21 -9.15
C SER A 5 -25.16 16.79 -9.71
N HIS A 6 -25.05 18.12 -9.69
CA HIS A 6 -23.87 18.79 -10.19
C HIS A 6 -22.67 18.53 -9.27
N GLN A 7 -22.94 18.14 -8.04
CA GLN A 7 -21.88 17.87 -7.08
C GLN A 7 -20.90 16.84 -7.65
N VAL A 8 -19.61 17.14 -7.55
CA VAL A 8 -18.59 16.24 -8.06
C VAL A 8 -17.51 16.00 -7.00
N GLU A 9 -17.02 14.77 -6.93
CA GLU A 9 -15.98 14.43 -5.96
C GLU A 9 -14.88 13.63 -6.64
N LYS A 10 -14.12 14.29 -7.50
CA LYS A 10 -13.03 13.63 -8.22
C LYS A 10 -11.97 13.14 -7.24
N ARG A 11 -10.95 12.47 -7.77
CA ARG A 11 -9.87 11.94 -6.93
C ARG A 11 -8.54 12.05 -7.66
N LYS A 12 -7.44 11.93 -6.90
CA LYS A 12 -6.11 12.01 -7.48
C LYS A 12 -5.88 10.88 -8.47
N CYS A 13 -5.27 11.22 -9.61
CA CYS A 13 -5.00 10.23 -10.64
C CYS A 13 -3.92 9.25 -10.17
N ASN A 14 -4.31 8.29 -9.35
CA ASN A 14 -3.36 7.30 -8.84
C ASN A 14 -3.24 6.11 -9.79
N THR A 15 -4.03 6.10 -10.87
CA THR A 15 -3.98 5.01 -11.83
C THR A 15 -2.54 4.75 -12.27
N ALA A 16 -2.28 3.54 -12.75
CA ALA A 16 -0.94 3.16 -13.17
C ALA A 16 -0.39 4.11 -14.23
N THR A 17 -1.26 4.61 -15.10
CA THR A 17 -0.82 5.53 -16.15
C THR A 17 -0.21 6.79 -15.56
N CYS A 18 -0.92 7.41 -14.62
CA CYS A 18 -0.43 8.62 -13.98
C CYS A 18 0.78 8.31 -13.11
N ALA A 19 0.74 7.19 -12.42
CA ALA A 19 1.84 6.78 -11.56
C ALA A 19 3.11 6.56 -12.37
N THR A 20 2.97 5.98 -13.55
CA THR A 20 4.11 5.71 -14.41
C THR A 20 4.95 6.97 -14.64
N GLN A 21 4.28 8.08 -14.97
CA GLN A 21 5.00 9.33 -15.23
C GLN A 21 5.38 10.00 -13.90
N ARG A 22 4.61 9.73 -12.85
CA ARG A 22 4.88 10.32 -11.55
C ARG A 22 6.22 9.82 -11.01
N LEU A 23 6.41 8.51 -11.00
CA LEU A 23 7.64 7.93 -10.50
C LEU A 23 8.79 8.17 -11.48
N ALA A 24 8.46 8.35 -12.76
CA ALA A 24 9.48 8.57 -13.77
C ALA A 24 10.39 9.74 -13.37
N ASN A 25 9.78 10.88 -13.05
CA ASN A 25 10.54 12.05 -12.65
C ASN A 25 11.20 11.83 -11.29
N PHE A 26 10.49 11.14 -10.40
CA PHE A 26 11.01 10.86 -9.07
C PHE A 26 12.31 10.06 -9.15
N LEU A 27 12.38 9.16 -10.12
CA LEU A 27 13.56 8.32 -10.29
C LEU A 27 14.78 9.20 -10.57
N VAL A 28 14.65 10.09 -11.55
CA VAL A 28 15.74 10.98 -11.92
C VAL A 28 15.90 12.12 -10.91
N HIS A 29 14.85 12.36 -10.12
CA HIS A 29 14.88 13.42 -9.12
C HIS A 29 15.67 12.99 -7.88
N SER A 30 15.46 11.75 -7.46
CA SER A 30 16.15 11.22 -6.28
C SER A 30 17.46 10.53 -6.65
N SER A 31 17.98 10.83 -7.84
CA SER A 31 19.23 10.21 -8.27
C SER A 31 20.34 10.55 -7.29
N ASN A 32 20.48 11.84 -6.98
CA ASN A 32 21.50 12.30 -6.05
C ASN A 32 21.46 11.46 -4.78
N ASN A 33 20.28 11.37 -4.18
CA ASN A 33 20.11 10.58 -2.95
C ASN A 33 20.49 9.12 -3.20
N PHE A 34 20.03 8.57 -4.31
CA PHE A 34 20.32 7.18 -4.64
C PHE A 34 21.82 6.90 -4.56
N GLY A 35 22.61 7.72 -5.24
CA GLY A 35 24.06 7.52 -5.24
C GLY A 35 24.65 7.79 -3.86
N ALA A 36 24.08 8.75 -3.16
CA ALA A 36 24.56 9.09 -1.82
C ALA A 36 24.38 7.91 -0.87
N ILE A 37 23.25 7.24 -0.97
CA ILE A 37 22.97 6.09 -0.12
C ILE A 37 23.81 4.89 -0.53
N LEU A 38 23.91 4.64 -1.83
CA LEU A 38 24.70 3.52 -2.31
C LEU A 38 26.16 3.68 -1.90
N SER A 39 26.69 4.87 -2.13
CA SER A 39 28.08 5.16 -1.78
C SER A 39 28.37 4.73 -0.35
N SER A 40 27.35 4.80 0.51
CA SER A 40 27.51 4.43 1.91
C SER A 40 27.07 2.98 2.13
N THR A 41 27.32 2.13 1.14
CA THR A 41 26.95 0.72 1.25
C THR A 41 28.08 -0.11 1.85
N ASN A 42 28.83 0.50 2.76
CA ASN A 42 29.94 -0.19 3.40
C ASN A 42 29.49 -0.88 4.69
N VAL A 43 28.19 -1.12 4.80
CA VAL A 43 27.64 -1.78 5.99
C VAL A 43 27.36 -3.25 5.71
N GLY A 44 27.73 -3.72 4.52
CA GLY A 44 27.51 -5.11 4.15
C GLY A 44 26.18 -5.28 3.42
N SER A 45 25.65 -4.18 2.89
CA SER A 45 24.39 -4.22 2.16
C SER A 45 24.62 -4.00 0.67
N ASN A 46 25.76 -4.46 0.18
CA ASN A 46 26.09 -4.32 -1.24
C ASN A 46 25.80 -5.60 -2.00
N THR A 47 24.87 -6.40 -1.49
CA THR A 47 24.52 -7.66 -2.12
C THR A 47 23.24 -7.50 -2.95
N TYR A 48 22.94 -6.28 -3.35
CA TYR A 48 21.75 -6.02 -4.15
C TYR A 48 22.08 -5.13 -5.35
N GLY A 49 23.35 -5.14 -5.76
CA GLY A 49 23.77 -4.34 -6.90
C GLY A 49 23.03 -4.73 -8.16
N LYS A 50 22.77 -3.76 -9.02
CA LYS A 50 22.06 -4.01 -10.27
C LYS A 50 22.88 -4.94 -11.17
N ARG A 51 24.19 -4.77 -11.14
CA ARG A 51 25.08 -5.59 -11.96
C ARG A 51 24.92 -7.06 -11.61
N ASN A 52 24.39 -7.34 -10.43
CA ASN A 52 24.20 -8.72 -9.98
C ASN A 52 23.22 -9.44 -10.91
N ALA A 53 22.37 -8.67 -11.59
CA ALA A 53 21.39 -9.25 -12.50
C ALA A 53 22.08 -10.11 -13.55
N VAL A 54 23.23 -9.66 -14.04
CA VAL A 54 23.96 -10.41 -15.05
C VAL A 54 24.67 -11.60 -14.42
N GLU A 55 25.11 -11.44 -13.18
CA GLU A 55 25.80 -12.53 -12.47
C GLU A 55 24.87 -13.72 -12.27
N VAL A 56 23.69 -13.47 -11.73
CA VAL A 56 22.73 -14.53 -11.49
C VAL A 56 22.29 -15.17 -12.80
N LEU A 57 22.03 -14.33 -13.81
CA LEU A 57 21.60 -14.83 -15.12
C LEU A 57 22.49 -15.98 -15.58
N LYS A 58 23.80 -15.77 -15.54
CA LYS A 58 24.74 -16.80 -15.98
C LYS A 58 24.59 -18.05 -15.12
N ARG A 59 24.35 -17.85 -13.83
CA ARG A 59 24.19 -18.97 -12.91
C ARG A 59 22.94 -19.76 -13.25
N GLU A 60 21.89 -19.05 -13.66
CA GLU A 60 20.63 -19.68 -14.03
C GLU A 60 20.42 -19.66 -15.53
N PRO A 61 20.91 -20.64 -16.26
CA PRO A 61 20.76 -20.70 -17.74
C PRO A 61 19.30 -20.87 -18.18
N LEU A 62 18.40 -21.08 -17.22
CA LEU A 62 16.99 -21.27 -17.53
C LEU A 62 16.43 -20.03 -18.23
N ASN A 63 16.80 -18.85 -17.74
CA ASN A 63 16.31 -17.61 -18.34
C ASN A 63 16.80 -17.47 -19.79
N TYR A 64 17.82 -18.25 -20.15
CA TYR A 64 18.36 -18.20 -21.50
C TYR A 64 17.42 -18.91 -22.47
N LEU A 65 16.98 -20.11 -22.10
CA LEU A 65 16.07 -20.88 -22.94
C LEU A 65 14.68 -20.25 -22.93
N PRO A 66 13.87 -20.53 -23.92
CA PRO A 66 12.49 -19.98 -24.02
C PRO A 66 11.68 -20.24 -22.75
N LEU A 67 10.90 -19.25 -22.34
CA LEU A 67 10.08 -19.37 -21.14
C LEU A 67 9.06 -18.25 -21.05
N THR A 1 -32.81 8.95 -17.74
CA THR A 1 -33.31 9.36 -16.41
C THR A 1 -33.30 10.88 -16.33
N PRO A 2 -34.16 11.45 -15.51
CA PRO A 2 -34.25 12.94 -15.34
C PRO A 2 -33.09 13.50 -14.54
N ILE A 3 -32.92 14.82 -14.60
CA ILE A 3 -31.83 15.47 -13.87
C ILE A 3 -31.96 15.21 -12.37
N GLU A 4 -30.81 15.07 -11.70
CA GLU A 4 -30.81 14.81 -10.27
C GLU A 4 -31.23 16.05 -9.50
N SER A 5 -31.48 15.89 -8.21
CA SER A 5 -31.90 17.00 -7.37
C SER A 5 -30.77 18.01 -7.21
N HIS A 6 -31.11 19.22 -6.79
CA HIS A 6 -30.11 20.27 -6.59
C HIS A 6 -29.57 20.24 -5.16
N GLN A 7 -29.69 19.09 -4.51
CA GLN A 7 -29.21 18.96 -3.13
C GLN A 7 -27.69 19.10 -3.08
N VAL A 8 -27.20 19.86 -2.10
CA VAL A 8 -25.77 20.06 -1.95
C VAL A 8 -25.38 19.99 -0.48
N GLU A 9 -24.17 19.48 -0.22
CA GLU A 9 -23.68 19.35 1.15
C GLU A 9 -22.18 19.63 1.20
N LYS A 10 -21.67 19.91 2.40
CA LYS A 10 -20.26 20.19 2.57
C LYS A 10 -19.72 19.45 3.79
N ARG A 11 -18.44 19.10 3.73
CA ARG A 11 -17.80 18.38 4.84
C ARG A 11 -16.35 18.82 5.00
N LYS A 12 -15.67 18.25 6.00
CA LYS A 12 -14.28 18.59 6.25
C LYS A 12 -13.37 17.81 5.29
N CYS A 13 -12.24 18.42 4.94
CA CYS A 13 -11.29 17.78 4.04
C CYS A 13 -10.74 16.50 4.65
N ASN A 14 -11.39 15.38 4.34
CA ASN A 14 -10.95 14.09 4.87
C ASN A 14 -10.45 13.19 3.74
N THR A 15 -11.07 13.31 2.56
CA THR A 15 -10.69 12.50 1.41
C THR A 15 -9.17 12.49 1.23
N ALA A 16 -8.66 11.36 0.75
CA ALA A 16 -7.22 11.22 0.53
C ALA A 16 -6.74 12.17 -0.56
N THR A 17 -7.67 12.64 -1.40
CA THR A 17 -7.31 13.55 -2.47
C THR A 17 -6.93 14.91 -1.92
N CYS A 18 -7.67 15.37 -0.91
CA CYS A 18 -7.39 16.66 -0.29
C CYS A 18 -5.99 16.68 0.29
N ALA A 19 -5.64 15.63 1.02
CA ALA A 19 -4.32 15.55 1.63
C ALA A 19 -3.23 15.42 0.57
N THR A 20 -3.58 14.83 -0.57
CA THR A 20 -2.62 14.65 -1.65
C THR A 20 -2.10 15.99 -2.16
N GLN A 21 -2.99 16.96 -2.32
CA GLN A 21 -2.58 18.26 -2.84
C GLN A 21 -1.82 19.08 -1.78
N ARG A 22 -2.16 18.91 -0.51
CA ARG A 22 -1.49 19.66 0.54
C ARG A 22 -0.20 18.96 0.96
N LEU A 23 -0.12 17.66 0.72
CA LEU A 23 1.07 16.88 1.06
C LEU A 23 2.17 17.12 0.04
N ALA A 24 1.78 17.16 -1.24
CA ALA A 24 2.74 17.37 -2.31
C ALA A 24 3.47 18.70 -2.14
N ASN A 25 2.72 19.76 -1.84
CA ASN A 25 3.32 21.08 -1.64
C ASN A 25 4.26 21.07 -0.44
N PHE A 26 3.83 20.42 0.62
CA PHE A 26 4.64 20.35 1.83
C PHE A 26 5.85 19.44 1.63
N LEU A 27 5.71 18.47 0.74
CA LEU A 27 6.80 17.54 0.46
C LEU A 27 8.02 18.31 -0.06
N VAL A 28 7.84 18.96 -1.21
CA VAL A 28 8.94 19.71 -1.82
C VAL A 28 9.30 20.93 -0.97
N HIS A 29 8.39 21.35 -0.10
CA HIS A 29 8.63 22.51 0.75
C HIS A 29 9.34 22.11 2.04
N SER A 30 9.24 20.84 2.41
CA SER A 30 9.87 20.35 3.63
C SER A 30 11.04 19.43 3.31
N SER A 31 11.57 19.52 2.09
CA SER A 31 12.70 18.68 1.69
C SER A 31 13.92 19.01 2.55
N ASN A 32 14.26 20.30 2.59
CA ASN A 32 15.42 20.75 3.36
C ASN A 32 15.33 20.28 4.81
N ASN A 33 14.24 20.65 5.48
CA ASN A 33 14.05 20.26 6.87
C ASN A 33 14.03 18.75 7.01
N PHE A 34 13.37 18.07 6.08
CA PHE A 34 13.29 16.61 6.11
C PHE A 34 14.68 15.98 6.21
N GLY A 35 15.63 16.53 5.47
CA GLY A 35 16.99 16.01 5.49
C GLY A 35 17.61 16.11 6.88
N ALA A 36 17.35 17.24 7.54
CA ALA A 36 17.89 17.46 8.88
C ALA A 36 17.43 16.37 9.84
N ILE A 37 16.16 16.00 9.74
CA ILE A 37 15.62 14.96 10.60
C ILE A 37 16.18 13.60 10.22
N LEU A 38 16.20 13.30 8.93
CA LEU A 38 16.72 12.03 8.45
C LEU A 38 18.14 11.81 8.96
N SER A 39 18.99 12.81 8.74
CA SER A 39 20.38 12.73 9.18
C SER A 39 20.46 12.47 10.68
N SER A 40 19.53 13.05 11.43
CA SER A 40 19.51 12.87 12.88
C SER A 40 18.64 11.67 13.27
N THR A 41 18.67 10.63 12.45
CA THR A 41 17.89 9.43 12.71
C THR A 41 18.63 8.49 13.65
N ASN A 42 19.17 9.04 14.74
CA ASN A 42 19.91 8.23 15.71
C ASN A 42 18.99 7.74 16.81
N VAL A 43 17.69 7.67 16.51
CA VAL A 43 16.71 7.21 17.49
C VAL A 43 16.55 5.68 17.42
N GLY A 44 17.52 5.00 16.82
CA GLY A 44 17.47 3.56 16.71
C GLY A 44 16.51 3.11 15.59
N SER A 45 16.22 4.02 14.66
CA SER A 45 15.33 3.69 13.55
C SER A 45 16.11 3.59 12.25
N ASN A 46 17.37 3.17 12.36
CA ASN A 46 18.22 3.03 11.18
C ASN A 46 18.19 1.59 10.66
N THR A 47 17.10 0.89 10.92
CA THR A 47 16.96 -0.49 10.48
C THR A 47 16.85 -0.57 8.96
N TYR A 48 16.60 0.58 8.33
CA TYR A 48 16.47 0.63 6.88
C TYR A 48 17.83 0.91 6.24
N GLY A 49 18.90 0.63 6.96
CA GLY A 49 20.24 0.85 6.45
C GLY A 49 20.41 0.24 5.06
N LYS A 50 21.18 0.92 4.21
CA LYS A 50 21.42 0.44 2.86
C LYS A 50 22.11 -0.92 2.87
N ARG A 51 23.03 -1.09 3.80
CA ARG A 51 23.76 -2.35 3.92
C ARG A 51 22.82 -3.51 4.25
N ASN A 52 21.60 -3.18 4.66
CA ASN A 52 20.62 -4.22 4.99
C ASN A 52 19.99 -4.79 3.72
N ALA A 53 19.86 -3.95 2.70
CA ALA A 53 19.27 -4.38 1.44
C ALA A 53 20.06 -5.53 0.83
N VAL A 54 21.39 -5.41 0.85
CA VAL A 54 22.25 -6.45 0.30
C VAL A 54 22.22 -7.69 1.19
N GLU A 55 21.99 -7.50 2.48
CA GLU A 55 21.94 -8.62 3.41
C GLU A 55 20.75 -9.52 3.11
N VAL A 56 19.59 -8.92 2.91
CA VAL A 56 18.38 -9.69 2.62
C VAL A 56 18.38 -10.17 1.18
N LEU A 57 18.95 -9.37 0.28
CA LEU A 57 19.01 -9.73 -1.13
C LEU A 57 19.63 -11.11 -1.32
N LYS A 58 20.79 -11.32 -0.70
CA LYS A 58 21.48 -12.60 -0.82
C LYS A 58 20.69 -13.69 -0.09
N ARG A 59 20.14 -13.33 1.07
CA ARG A 59 19.37 -14.29 1.86
C ARG A 59 18.08 -14.68 1.13
N GLU A 60 17.65 -13.83 0.20
CA GLU A 60 16.44 -14.10 -0.57
C GLU A 60 16.78 -14.46 -2.01
N PRO A 61 17.12 -15.70 -2.27
CA PRO A 61 17.48 -16.16 -3.64
C PRO A 61 16.28 -16.12 -4.60
N LEU A 62 15.10 -15.81 -4.08
CA LEU A 62 13.91 -15.73 -4.91
C LEU A 62 14.08 -14.63 -5.95
N ASN A 63 14.62 -13.49 -5.51
CA ASN A 63 14.85 -12.36 -6.40
C ASN A 63 16.17 -12.51 -7.14
N TYR A 64 16.96 -13.50 -6.76
CA TYR A 64 18.26 -13.73 -7.41
C TYR A 64 18.06 -14.36 -8.78
N LEU A 65 16.98 -15.11 -8.94
CA LEU A 65 16.68 -15.76 -10.20
C LEU A 65 15.93 -14.80 -11.13
N PRO A 66 15.96 -15.04 -12.41
CA PRO A 66 15.27 -14.17 -13.41
C PRO A 66 13.79 -13.96 -13.06
N LEU A 67 13.31 -12.74 -13.25
CA LEU A 67 11.92 -12.41 -12.95
C LEU A 67 11.54 -11.06 -13.56
N THR A 1 -31.13 10.09 -17.29
CA THR A 1 -32.25 9.99 -16.30
C THR A 1 -32.59 11.40 -15.78
N PRO A 2 -33.80 11.63 -15.35
CA PRO A 2 -34.22 12.97 -14.83
C PRO A 2 -33.62 13.27 -13.46
N ILE A 3 -33.50 14.55 -13.14
CA ILE A 3 -32.94 14.96 -11.86
C ILE A 3 -33.62 14.21 -10.71
N GLU A 4 -32.83 13.83 -9.71
CA GLU A 4 -33.37 13.11 -8.57
C GLU A 4 -34.49 13.91 -7.91
N SER A 5 -35.27 13.23 -7.06
CA SER A 5 -36.38 13.89 -6.38
C SER A 5 -35.86 14.88 -5.34
N HIS A 6 -36.73 15.80 -4.93
CA HIS A 6 -36.35 16.81 -3.94
C HIS A 6 -36.02 16.16 -2.61
N GLN A 7 -36.53 14.95 -2.40
CA GLN A 7 -36.28 14.24 -1.14
C GLN A 7 -34.78 14.10 -0.91
N VAL A 8 -34.34 14.40 0.31
CA VAL A 8 -32.93 14.31 0.65
C VAL A 8 -32.42 12.89 0.44
N GLU A 9 -31.13 12.76 0.13
CA GLU A 9 -30.54 11.45 -0.10
C GLU A 9 -29.07 11.45 0.35
N LYS A 10 -28.50 10.25 0.47
CA LYS A 10 -27.12 10.12 0.90
C LYS A 10 -26.40 9.03 0.08
N ARG A 11 -25.11 9.22 -0.14
CA ARG A 11 -24.33 8.25 -0.91
C ARG A 11 -22.91 8.17 -0.37
N LYS A 12 -22.77 7.73 0.88
CA LYS A 12 -21.47 7.60 1.50
C LYS A 12 -20.58 6.63 0.72
N CYS A 13 -19.28 6.90 0.71
CA CYS A 13 -18.34 6.05 -0.02
C CYS A 13 -18.14 4.73 0.72
N ASN A 14 -19.01 3.76 0.45
CA ASN A 14 -18.89 2.45 1.09
C ASN A 14 -18.34 1.42 0.13
N THR A 15 -18.92 1.35 -1.08
CA THR A 15 -18.46 0.38 -2.08
C THR A 15 -16.94 0.34 -2.18
N ALA A 16 -16.42 -0.79 -2.63
CA ALA A 16 -14.98 -0.97 -2.77
C ALA A 16 -14.43 -0.11 -3.92
N THR A 17 -15.30 0.32 -4.82
CA THR A 17 -14.88 1.13 -5.95
C THR A 17 -14.29 2.46 -5.48
N CYS A 18 -14.94 3.07 -4.49
CA CYS A 18 -14.47 4.34 -3.96
C CYS A 18 -13.08 4.20 -3.35
N ALA A 19 -12.89 3.13 -2.57
CA ALA A 19 -11.60 2.89 -1.95
C ALA A 19 -10.55 2.48 -2.97
N THR A 20 -10.99 1.76 -4.01
CA THR A 20 -10.07 1.29 -5.04
C THR A 20 -9.43 2.47 -5.78
N GLN A 21 -10.23 3.47 -6.13
CA GLN A 21 -9.71 4.63 -6.86
C GLN A 21 -8.86 5.52 -5.97
N ARG A 22 -9.19 5.59 -4.67
CA ARG A 22 -8.42 6.43 -3.76
C ARG A 22 -7.20 5.68 -3.23
N LEU A 23 -7.26 4.35 -3.27
CA LEU A 23 -6.14 3.53 -2.80
C LEU A 23 -5.10 3.36 -3.90
N ALA A 24 -5.57 3.13 -5.12
CA ALA A 24 -4.66 2.94 -6.26
C ALA A 24 -3.79 4.17 -6.47
N ASN A 25 -4.41 5.35 -6.40
CA ASN A 25 -3.67 6.60 -6.59
C ASN A 25 -2.62 6.79 -5.50
N PHE A 26 -2.97 6.42 -4.27
CA PHE A 26 -2.06 6.56 -3.15
C PHE A 26 -0.90 5.57 -3.25
N LEU A 27 -1.20 4.36 -3.71
CA LEU A 27 -0.17 3.33 -3.83
C LEU A 27 0.85 3.70 -4.90
N VAL A 28 0.37 4.05 -6.09
CA VAL A 28 1.27 4.42 -7.18
C VAL A 28 2.15 5.61 -6.80
N HIS A 29 1.71 6.39 -5.81
CA HIS A 29 2.48 7.55 -5.38
C HIS A 29 3.33 7.21 -4.16
N SER A 30 2.90 6.21 -3.40
CA SER A 30 3.63 5.80 -2.20
C SER A 30 4.59 4.65 -2.50
N SER A 31 4.92 4.45 -3.78
CA SER A 31 5.84 3.40 -4.16
C SER A 31 7.19 3.60 -3.47
N ASN A 32 7.69 4.83 -3.56
CA ASN A 32 8.96 5.18 -2.96
C ASN A 32 8.98 4.74 -1.49
N ASN A 33 7.98 5.16 -0.74
CA ASN A 33 7.89 4.83 0.67
C ASN A 33 7.78 3.32 0.87
N PHE A 34 7.00 2.66 0.00
CA PHE A 34 6.83 1.21 0.12
C PHE A 34 8.18 0.52 0.20
N GLY A 35 9.14 0.99 -0.59
CA GLY A 35 10.48 0.39 -0.60
C GLY A 35 11.10 0.49 0.79
N ALA A 36 10.90 1.63 1.44
CA ALA A 36 11.44 1.85 2.77
C ALA A 36 10.94 0.79 3.74
N ILE A 37 9.65 0.48 3.67
CA ILE A 37 9.06 -0.53 4.54
C ILE A 37 9.57 -1.91 4.17
N LEU A 38 9.61 -2.20 2.87
CA LEU A 38 10.08 -3.51 2.41
C LEU A 38 11.48 -3.78 2.92
N SER A 39 12.36 -2.78 2.79
CA SER A 39 13.74 -2.91 3.23
C SER A 39 13.79 -3.48 4.65
N SER A 40 12.79 -3.16 5.46
CA SER A 40 12.74 -3.63 6.84
C SER A 40 11.94 -4.93 6.93
N THR A 41 12.04 -5.77 5.91
CA THR A 41 11.32 -7.03 5.90
C THR A 41 12.19 -8.15 6.47
N ASN A 42 13.00 -7.81 7.47
CA ASN A 42 13.88 -8.79 8.10
C ASN A 42 13.19 -9.44 9.30
N VAL A 43 11.86 -9.40 9.30
CA VAL A 43 11.09 -10.00 10.39
C VAL A 43 10.79 -11.47 10.10
N GLY A 44 11.55 -12.07 9.19
CA GLY A 44 11.34 -13.47 8.83
C GLY A 44 10.64 -13.61 7.49
N SER A 45 10.08 -12.50 6.99
CA SER A 45 9.38 -12.54 5.71
C SER A 45 10.34 -12.19 4.56
N ASN A 46 11.62 -12.43 4.78
CA ASN A 46 12.63 -12.15 3.77
C ASN A 46 12.97 -13.41 2.99
N THR A 47 12.04 -14.35 2.93
CA THR A 47 12.26 -15.60 2.22
C THR A 47 11.80 -15.50 0.77
N TYR A 48 11.78 -14.28 0.26
CA TYR A 48 11.35 -14.05 -1.13
C TYR A 48 12.50 -13.48 -1.96
N GLY A 49 13.73 -13.72 -1.51
CA GLY A 49 14.90 -13.24 -2.23
C GLY A 49 14.96 -13.80 -3.65
N LYS A 50 15.64 -13.09 -4.53
CA LYS A 50 15.77 -13.53 -5.92
C LYS A 50 16.48 -14.88 -6.00
N ARG A 51 17.45 -15.08 -5.11
CA ARG A 51 18.20 -16.33 -5.09
C ARG A 51 17.27 -17.53 -4.86
N ASN A 52 16.04 -17.26 -4.41
CA ASN A 52 15.09 -18.32 -4.15
C ASN A 52 14.44 -18.79 -5.45
N ALA A 53 14.27 -17.86 -6.39
CA ALA A 53 13.65 -18.19 -7.67
C ALA A 53 14.44 -19.29 -8.38
N VAL A 54 15.76 -19.13 -8.43
CA VAL A 54 16.61 -20.11 -9.08
C VAL A 54 16.66 -21.40 -8.28
N GLU A 55 16.53 -21.29 -6.96
CA GLU A 55 16.55 -22.47 -6.09
C GLU A 55 15.35 -23.37 -6.38
N VAL A 56 14.18 -22.77 -6.47
CA VAL A 56 12.96 -23.54 -6.74
C VAL A 56 12.87 -23.92 -8.21
N LEU A 57 13.41 -23.08 -9.08
CA LEU A 57 13.38 -23.35 -10.51
C LEU A 57 14.00 -24.71 -10.82
N LYS A 58 15.18 -24.96 -10.27
CA LYS A 58 15.87 -26.22 -10.51
C LYS A 58 15.08 -27.36 -9.89
N ARG A 59 14.50 -27.12 -8.72
CA ARG A 59 13.72 -28.13 -8.03
C ARG A 59 12.48 -28.51 -8.84
N GLU A 60 12.05 -27.60 -9.71
CA GLU A 60 10.88 -27.84 -10.54
C GLU A 60 11.28 -28.08 -12.00
N PRO A 61 11.71 -29.27 -12.32
CA PRO A 61 12.12 -29.62 -13.71
C PRO A 61 10.97 -29.59 -14.70
N LEU A 62 9.75 -29.39 -14.20
CA LEU A 62 8.58 -29.33 -15.06
C LEU A 62 8.74 -28.24 -16.11
N ASN A 63 9.28 -27.09 -15.69
CA ASN A 63 9.49 -25.98 -16.61
C ASN A 63 10.62 -26.30 -17.59
N TYR A 64 11.46 -27.26 -17.24
CA TYR A 64 12.57 -27.65 -18.09
C TYR A 64 12.07 -28.46 -19.29
N LEU A 65 11.09 -29.31 -19.06
CA LEU A 65 10.53 -30.14 -20.12
C LEU A 65 9.71 -29.28 -21.08
N PRO A 66 9.50 -29.74 -22.29
CA PRO A 66 8.70 -28.98 -23.31
C PRO A 66 7.32 -28.58 -22.79
N LEU A 67 6.88 -27.38 -23.15
CA LEU A 67 5.58 -26.90 -22.72
C LEU A 67 5.12 -25.74 -23.60
N THR A 1 -30.63 9.86 -17.21
CA THR A 1 -32.04 10.00 -16.72
C THR A 1 -32.23 11.41 -16.14
N PRO A 2 -33.45 11.85 -16.01
CA PRO A 2 -33.77 13.20 -15.46
C PRO A 2 -33.57 13.26 -13.95
N ILE A 3 -33.35 14.46 -13.44
CA ILE A 3 -33.15 14.65 -12.00
C ILE A 3 -34.26 13.95 -11.21
N GLU A 4 -33.89 13.38 -10.07
CA GLU A 4 -34.86 12.68 -9.23
C GLU A 4 -35.03 13.40 -7.90
N SER A 5 -35.98 12.92 -7.09
CA SER A 5 -36.23 13.53 -5.79
C SER A 5 -35.08 13.25 -4.84
N HIS A 6 -34.99 14.04 -3.77
CA HIS A 6 -33.94 13.87 -2.78
C HIS A 6 -34.48 13.27 -1.50
N GLN A 7 -35.56 12.50 -1.62
CA GLN A 7 -36.18 11.87 -0.46
C GLN A 7 -35.18 10.97 0.25
N VAL A 8 -35.12 11.09 1.57
CA VAL A 8 -34.20 10.29 2.37
C VAL A 8 -34.89 9.76 3.62
N GLU A 9 -34.57 8.52 3.98
CA GLU A 9 -35.17 7.90 5.15
C GLU A 9 -34.09 7.45 6.13
N LYS A 10 -33.28 8.40 6.60
CA LYS A 10 -32.21 8.08 7.53
C LYS A 10 -32.79 7.50 8.82
N ARG A 11 -31.93 6.81 9.58
CA ARG A 11 -32.38 6.20 10.83
C ARG A 11 -31.25 6.24 11.87
N LYS A 12 -31.61 6.00 13.12
CA LYS A 12 -30.63 6.01 14.21
C LYS A 12 -29.78 4.74 14.18
N CYS A 13 -28.53 4.84 14.63
CA CYS A 13 -27.63 3.69 14.65
C CYS A 13 -28.01 2.74 15.78
N ASN A 14 -29.16 2.09 15.63
CA ASN A 14 -29.62 1.14 16.64
C ASN A 14 -29.59 -0.28 16.09
N THR A 15 -28.66 -0.54 15.18
CA THR A 15 -28.53 -1.87 14.59
C THR A 15 -27.06 -2.23 14.40
N ALA A 16 -26.75 -3.52 14.43
CA ALA A 16 -25.38 -3.99 14.27
C ALA A 16 -24.81 -3.55 12.93
N THR A 17 -25.68 -3.23 11.98
CA THR A 17 -25.24 -2.80 10.65
C THR A 17 -24.42 -1.52 10.75
N CYS A 18 -24.86 -0.60 11.62
CA CYS A 18 -24.15 0.66 11.79
C CYS A 18 -22.71 0.43 12.22
N ALA A 19 -22.54 -0.40 13.24
CA ALA A 19 -21.19 -0.70 13.74
C ALA A 19 -20.37 -1.42 12.67
N THR A 20 -20.99 -2.37 12.00
CA THR A 20 -20.31 -3.14 10.96
C THR A 20 -19.55 -2.23 10.00
N GLN A 21 -20.16 -1.12 9.61
CA GLN A 21 -19.53 -0.19 8.68
C GLN A 21 -18.57 0.76 9.40
N ARG A 22 -18.81 1.03 10.69
CA ARG A 22 -17.96 1.95 11.43
C ARG A 22 -16.64 1.28 11.83
N LEU A 23 -16.65 -0.03 12.00
CA LEU A 23 -15.43 -0.74 12.38
C LEU A 23 -14.59 -1.06 11.15
N ALA A 24 -15.26 -1.31 10.03
CA ALA A 24 -14.56 -1.63 8.79
C ALA A 24 -13.61 -0.52 8.39
N ASN A 25 -14.10 0.72 8.40
CA ASN A 25 -13.28 1.87 8.04
C ASN A 25 -12.13 2.05 9.02
N PHE A 26 -12.42 1.87 10.31
CA PHE A 26 -11.40 2.03 11.33
C PHE A 26 -10.30 0.99 11.18
N LEU A 27 -10.68 -0.23 10.81
CA LEU A 27 -9.72 -1.32 10.65
C LEU A 27 -8.79 -1.03 9.47
N VAL A 28 -9.36 -0.84 8.28
CA VAL A 28 -8.55 -0.57 7.09
C VAL A 28 -7.63 0.62 7.32
N HIS A 29 -7.97 1.47 8.29
CA HIS A 29 -7.15 2.65 8.57
C HIS A 29 -6.19 2.38 9.72
N SER A 30 -6.59 1.48 10.61
CA SER A 30 -5.77 1.15 11.77
C SER A 30 -4.97 -0.13 11.52
N SER A 31 -4.81 -0.50 10.25
CA SER A 31 -4.07 -1.70 9.91
C SER A 31 -2.71 -1.70 10.63
N ASN A 32 -2.01 -0.57 10.54
CA ASN A 32 -0.71 -0.45 11.18
C ASN A 32 -0.78 -0.92 12.64
N ASN A 33 -1.76 -0.39 13.37
CA ASN A 33 -1.93 -0.77 14.76
C ASN A 33 -2.19 -2.27 14.88
N PHE A 34 -3.02 -2.81 14.00
CA PHE A 34 -3.33 -4.24 14.03
C PHE A 34 -2.05 -5.05 13.95
N GLY A 35 -1.15 -4.65 13.06
CA GLY A 35 0.12 -5.36 12.89
C GLY A 35 0.93 -5.30 14.18
N ALA A 36 0.93 -4.13 14.82
CA ALA A 36 1.68 -3.94 16.05
C ALA A 36 1.20 -4.89 17.14
N ILE A 37 -0.12 -5.02 17.28
CA ILE A 37 -0.69 -5.90 18.29
C ILE A 37 -0.46 -7.37 17.93
N LEU A 38 -0.72 -7.73 16.68
CA LEU A 38 -0.53 -9.11 16.24
C LEU A 38 0.92 -9.53 16.42
N SER A 39 1.83 -8.65 16.02
CA SER A 39 3.26 -8.94 16.14
C SER A 39 3.62 -9.38 17.55
N SER A 40 2.81 -8.96 18.52
CA SER A 40 3.05 -9.33 19.92
C SER A 40 2.30 -10.62 20.28
N THR A 41 2.17 -11.52 19.30
CA THR A 41 1.48 -12.77 19.52
C THR A 41 2.46 -13.86 19.95
N ASN A 42 3.49 -13.47 20.69
CA ASN A 42 4.49 -14.41 21.17
C ASN A 42 4.13 -14.96 22.54
N VAL A 43 2.83 -14.92 22.87
CA VAL A 43 2.37 -15.41 24.16
C VAL A 43 2.00 -16.89 24.07
N GLY A 44 2.58 -17.58 23.10
CA GLY A 44 2.31 -19.01 22.93
C GLY A 44 1.10 -19.22 22.02
N SER A 45 0.77 -18.21 21.22
CA SER A 45 -0.37 -18.29 20.31
C SER A 45 0.09 -18.09 18.87
N ASN A 46 1.35 -18.39 18.59
CA ASN A 46 1.89 -18.23 17.25
C ASN A 46 1.89 -19.56 16.50
N THR A 47 0.97 -20.44 16.88
CA THR A 47 0.87 -21.75 16.24
C THR A 47 -0.10 -21.70 15.06
N TYR A 48 -0.26 -20.52 14.47
CA TYR A 48 -1.16 -20.36 13.34
C TYR A 48 -0.42 -19.78 12.13
N GLY A 49 0.91 -19.92 12.13
CA GLY A 49 1.72 -19.40 11.04
C GLY A 49 1.41 -20.14 9.74
N LYS A 50 1.74 -19.51 8.61
CA LYS A 50 1.49 -20.11 7.31
C LYS A 50 2.32 -21.38 7.14
N ARG A 51 3.46 -21.43 7.82
CA ARG A 51 4.33 -22.60 7.75
C ARG A 51 3.63 -23.85 8.28
N ASN A 52 2.51 -23.66 8.96
CA ASN A 52 1.77 -24.79 9.52
C ASN A 52 0.86 -25.40 8.46
N ALA A 53 0.39 -24.57 7.53
CA ALA A 53 -0.49 -25.04 6.47
C ALA A 53 0.19 -26.13 5.65
N VAL A 54 1.45 -25.92 5.31
CA VAL A 54 2.19 -26.89 4.52
C VAL A 54 2.58 -28.10 5.37
N GLU A 55 2.78 -27.88 6.67
CA GLU A 55 3.16 -28.96 7.57
C GLU A 55 2.07 -30.03 7.61
N VAL A 56 0.82 -29.61 7.81
CA VAL A 56 -0.29 -30.55 7.88
C VAL A 56 -0.58 -31.12 6.48
N LEU A 57 -0.47 -30.28 5.47
CA LEU A 57 -0.72 -30.72 4.09
C LEU A 57 0.01 -32.02 3.79
N LYS A 58 1.31 -32.04 4.06
CA LYS A 58 2.10 -33.24 3.79
C LYS A 58 1.66 -34.39 4.69
N ARG A 59 1.33 -34.05 5.93
CA ARG A 59 0.89 -35.05 6.90
C ARG A 59 -0.47 -35.62 6.50
N GLU A 60 -1.22 -34.86 5.71
CA GLU A 60 -2.54 -35.28 5.28
C GLU A 60 -2.53 -35.67 3.80
N PRO A 61 -2.12 -36.87 3.49
CA PRO A 61 -2.07 -37.36 2.07
C PRO A 61 -3.45 -37.47 1.43
N LEU A 62 -4.50 -37.27 2.24
CA LEU A 62 -5.86 -37.36 1.72
C LEU A 62 -6.05 -36.36 0.58
N ASN A 63 -5.52 -35.16 0.76
CA ASN A 63 -5.63 -34.13 -0.27
C ASN A 63 -4.71 -34.42 -1.45
N TYR A 64 -3.74 -35.34 -1.24
CA TYR A 64 -2.81 -35.70 -2.28
C TYR A 64 -3.48 -36.59 -3.33
N LEU A 65 -4.47 -37.35 -2.89
CA LEU A 65 -5.18 -38.25 -3.79
C LEU A 65 -6.07 -37.44 -4.75
N PRO A 66 -6.44 -38.01 -5.87
CA PRO A 66 -7.30 -37.30 -6.87
C PRO A 66 -8.58 -36.76 -6.24
N LEU A 67 -8.97 -35.56 -6.66
CA LEU A 67 -10.18 -34.93 -6.14
C LEU A 67 -10.72 -33.90 -7.12
N THR A 1 -30.82 8.06 -16.16
CA THR A 1 -31.84 8.57 -15.21
C THR A 1 -32.08 10.06 -15.47
N PRO A 2 -33.19 10.58 -15.01
CA PRO A 2 -33.53 12.02 -15.21
C PRO A 2 -32.69 12.95 -14.34
N ILE A 3 -32.56 14.20 -14.78
CA ILE A 3 -31.78 15.18 -14.02
C ILE A 3 -32.23 15.22 -12.57
N GLU A 4 -31.29 15.49 -11.66
CA GLU A 4 -31.60 15.55 -10.25
C GLU A 4 -32.58 16.68 -9.96
N SER A 5 -33.32 16.53 -8.86
CA SER A 5 -34.30 17.54 -8.47
C SER A 5 -33.62 18.73 -7.80
N HIS A 6 -34.37 19.81 -7.62
CA HIS A 6 -33.82 21.01 -6.99
C HIS A 6 -33.52 20.76 -5.51
N GLN A 7 -34.19 19.76 -4.94
CA GLN A 7 -33.98 19.43 -3.53
C GLN A 7 -32.53 19.02 -3.28
N VAL A 8 -31.95 19.54 -2.21
CA VAL A 8 -30.57 19.22 -1.87
C VAL A 8 -30.43 18.98 -0.37
N GLU A 9 -29.56 18.04 -0.02
CA GLU A 9 -29.35 17.71 1.39
C GLU A 9 -27.87 17.42 1.65
N LYS A 10 -27.04 18.46 1.64
CA LYS A 10 -25.62 18.30 1.87
C LYS A 10 -25.37 17.58 3.20
N ARG A 11 -24.15 17.09 3.37
CA ARG A 11 -23.79 16.38 4.60
C ARG A 11 -22.34 16.66 4.98
N LYS A 12 -21.95 16.22 6.17
CA LYS A 12 -20.58 16.44 6.63
C LYS A 12 -19.60 15.65 5.78
N CYS A 13 -18.46 16.27 5.48
CA CYS A 13 -17.44 15.63 4.66
C CYS A 13 -16.90 14.39 5.37
N ASN A 14 -17.54 13.25 5.13
CA ASN A 14 -17.11 12.00 5.75
C ASN A 14 -16.46 11.08 4.71
N THR A 15 -16.89 11.20 3.46
CA THR A 15 -16.34 10.37 2.39
C THR A 15 -14.81 10.38 2.44
N ALA A 16 -14.22 9.23 2.09
CA ALA A 16 -12.76 9.10 2.11
C ALA A 16 -12.10 10.04 1.10
N THR A 17 -12.85 10.43 0.08
CA THR A 17 -12.32 11.32 -0.95
C THR A 17 -12.11 12.73 -0.40
N CYS A 18 -13.08 13.21 0.35
CA CYS A 18 -12.99 14.55 0.95
C CYS A 18 -11.81 14.62 1.91
N ALA A 19 -11.67 13.60 2.74
CA ALA A 19 -10.58 13.56 3.71
C ALA A 19 -9.23 13.50 3.01
N THR A 20 -9.18 12.77 1.90
CA THR A 20 -7.93 12.63 1.14
C THR A 20 -7.28 13.99 0.90
N GLN A 21 -8.08 14.98 0.54
CA GLN A 21 -7.55 16.31 0.28
C GLN A 21 -7.14 17.00 1.59
N ARG A 22 -7.77 16.60 2.68
CA ARG A 22 -7.45 17.19 3.98
C ARG A 22 -6.11 16.68 4.49
N LEU A 23 -5.93 15.37 4.47
CA LEU A 23 -4.68 14.78 4.94
C LEU A 23 -3.56 15.03 3.94
N ALA A 24 -3.90 15.08 2.65
CA ALA A 24 -2.90 15.31 1.62
C ALA A 24 -2.20 16.65 1.86
N ASN A 25 -2.97 17.68 2.15
CA ASN A 25 -2.40 19.00 2.40
C ASN A 25 -1.46 18.96 3.60
N PHE A 26 -1.88 18.25 4.64
CA PHE A 26 -1.07 18.13 5.86
C PHE A 26 0.26 17.44 5.55
N LEU A 27 0.21 16.42 4.69
CA LEU A 27 1.42 15.69 4.33
C LEU A 27 2.49 16.65 3.82
N VAL A 28 2.19 17.34 2.73
CA VAL A 28 3.12 18.29 2.14
C VAL A 28 3.40 19.44 3.09
N HIS A 29 2.52 19.64 4.06
CA HIS A 29 2.68 20.72 5.03
C HIS A 29 3.56 20.28 6.20
N SER A 30 3.71 18.98 6.39
CA SER A 30 4.52 18.45 7.48
C SER A 30 5.99 18.35 7.07
N SER A 31 6.38 19.07 6.02
CA SER A 31 7.76 19.05 5.56
C SER A 31 8.70 19.56 6.64
N ASN A 32 8.24 20.58 7.36
CA ASN A 32 9.04 21.20 8.43
C ASN A 32 9.10 20.28 9.65
N ASN A 33 7.95 19.84 10.12
CA ASN A 33 7.89 18.96 11.29
C ASN A 33 8.63 17.66 11.03
N PHE A 34 8.42 17.08 9.86
CA PHE A 34 9.06 15.81 9.51
C PHE A 34 10.56 15.81 9.85
N GLY A 35 11.28 16.77 9.31
CA GLY A 35 12.72 16.86 9.56
C GLY A 35 13.01 17.14 11.02
N ALA A 36 12.16 17.96 11.64
CA ALA A 36 12.34 18.31 13.04
C ALA A 36 12.26 17.07 13.93
N ILE A 37 11.33 16.18 13.62
CA ILE A 37 11.16 14.96 14.41
C ILE A 37 12.28 13.98 14.11
N LEU A 38 12.62 13.84 12.84
CA LEU A 38 13.68 12.91 12.43
C LEU A 38 14.99 13.30 13.11
N SER A 39 15.34 14.58 12.99
CA SER A 39 16.56 15.10 13.59
C SER A 39 16.68 14.68 15.05
N SER A 40 15.53 14.46 15.68
CA SER A 40 15.51 14.06 17.09
C SER A 40 15.50 12.54 17.22
N THR A 41 16.09 11.86 16.24
CA THR A 41 16.14 10.41 16.25
C THR A 41 16.85 9.89 17.51
N ASN A 42 17.62 10.76 18.15
CA ASN A 42 18.36 10.38 19.36
C ASN A 42 17.45 10.44 20.60
N VAL A 43 16.15 10.64 20.38
CA VAL A 43 15.22 10.73 21.49
C VAL A 43 14.67 9.34 21.85
N GLY A 44 15.37 8.29 21.41
CA GLY A 44 14.95 6.92 21.68
C GLY A 44 14.79 6.12 20.40
N SER A 45 14.65 6.82 19.28
CA SER A 45 14.49 6.15 17.99
C SER A 45 15.82 6.11 17.24
N ASN A 46 16.91 5.99 17.99
CA ASN A 46 18.24 5.93 17.39
C ASN A 46 18.58 4.53 16.89
N THR A 47 17.59 3.64 16.88
CA THR A 47 17.80 2.27 16.42
C THR A 47 17.49 2.15 14.94
N TYR A 48 17.65 3.24 14.21
CA TYR A 48 17.37 3.25 12.78
C TYR A 48 18.66 3.18 11.97
N GLY A 49 19.74 2.71 12.61
CA GLY A 49 21.02 2.60 11.93
C GLY A 49 20.88 1.86 10.60
N LYS A 50 21.36 2.48 9.53
CA LYS A 50 21.28 1.88 8.21
C LYS A 50 22.23 0.70 8.10
N ARG A 51 23.29 0.71 8.90
CA ARG A 51 24.27 -0.36 8.88
C ARG A 51 23.67 -1.66 9.42
N ASN A 52 22.57 -1.54 10.15
CA ASN A 52 21.92 -2.72 10.72
C ASN A 52 21.18 -3.51 9.64
N ALA A 53 20.69 -2.79 8.63
CA ALA A 53 19.96 -3.43 7.53
C ALA A 53 20.84 -4.46 6.83
N VAL A 54 22.11 -4.14 6.63
CA VAL A 54 23.02 -5.06 5.95
C VAL A 54 23.35 -6.25 6.85
N GLU A 55 23.35 -6.03 8.17
CA GLU A 55 23.66 -7.10 9.10
C GLU A 55 22.65 -8.25 8.96
N VAL A 56 21.37 -7.91 9.01
CA VAL A 56 20.32 -8.92 8.89
C VAL A 56 20.27 -9.46 7.46
N LEU A 57 20.39 -8.57 6.48
CA LEU A 57 20.35 -8.98 5.08
C LEU A 57 21.31 -10.13 4.82
N LYS A 58 22.56 -9.97 5.25
CA LYS A 58 23.56 -11.02 5.06
C LYS A 58 23.23 -12.23 5.92
N ARG A 59 22.58 -11.99 7.04
CA ARG A 59 22.21 -13.07 7.95
C ARG A 59 21.29 -14.07 7.26
N GLU A 60 20.56 -13.60 6.25
CA GLU A 60 19.65 -14.46 5.51
C GLU A 60 20.06 -14.53 4.04
N PRO A 61 21.09 -15.28 3.74
CA PRO A 61 21.59 -15.44 2.34
C PRO A 61 20.59 -16.17 1.45
N LEU A 62 19.53 -16.69 2.04
CA LEU A 62 18.51 -17.41 1.27
C LEU A 62 17.77 -16.45 0.34
N ASN A 63 17.56 -15.24 0.81
CA ASN A 63 16.87 -14.23 0.00
C ASN A 63 17.86 -13.51 -0.91
N TYR A 64 19.13 -13.50 -0.52
CA TYR A 64 20.16 -12.85 -1.31
C TYR A 64 20.69 -13.79 -2.39
N LEU A 65 20.56 -15.10 -2.16
CA LEU A 65 21.02 -16.09 -3.13
C LEU A 65 19.92 -16.37 -4.16
N PRO A 66 20.28 -16.90 -5.30
CA PRO A 66 19.30 -17.23 -6.38
C PRO A 66 18.15 -18.09 -5.87
N LEU A 67 16.95 -17.80 -6.35
CA LEU A 67 15.77 -18.56 -5.94
C LEU A 67 15.03 -19.11 -7.15
N THR A 1 -31.71 9.31 -16.98
CA THR A 1 -32.90 9.55 -16.11
C THR A 1 -33.09 11.06 -15.94
N PRO A 2 -34.27 11.47 -15.55
CA PRO A 2 -34.59 12.92 -15.35
C PRO A 2 -33.96 13.47 -14.07
N ILE A 3 -33.71 14.79 -14.06
CA ILE A 3 -33.10 15.43 -12.90
C ILE A 3 -33.97 15.21 -11.66
N GLU A 4 -33.33 14.88 -10.55
CA GLU A 4 -34.04 14.64 -9.31
C GLU A 4 -34.69 15.93 -8.81
N SER A 5 -35.69 15.78 -7.93
CA SER A 5 -36.39 16.94 -7.40
C SER A 5 -35.44 17.80 -6.56
N HIS A 6 -35.70 19.09 -6.53
CA HIS A 6 -34.87 20.02 -5.76
C HIS A 6 -34.92 19.67 -4.28
N GLN A 7 -36.00 19.03 -3.85
CA GLN A 7 -36.17 18.66 -2.46
C GLN A 7 -35.76 17.21 -2.24
N VAL A 8 -34.93 16.98 -1.23
CA VAL A 8 -34.46 15.63 -0.92
C VAL A 8 -34.52 15.36 0.57
N GLU A 9 -34.91 14.15 0.94
CA GLU A 9 -35.01 13.78 2.35
C GLU A 9 -34.73 12.29 2.54
N LYS A 10 -33.47 11.90 2.35
CA LYS A 10 -33.10 10.50 2.50
C LYS A 10 -31.74 10.38 3.20
N ARG A 11 -31.51 9.24 3.85
CA ARG A 11 -30.26 9.02 4.56
C ARG A 11 -29.12 8.77 3.57
N LYS A 12 -27.93 9.24 3.94
CA LYS A 12 -26.76 9.07 3.07
C LYS A 12 -26.26 7.63 3.12
N CYS A 13 -25.80 7.14 1.96
CA CYS A 13 -25.28 5.77 1.83
C CYS A 13 -25.96 4.79 2.79
N ASN A 14 -27.20 4.42 2.47
CA ASN A 14 -27.94 3.50 3.31
C ASN A 14 -27.99 2.12 2.67
N THR A 15 -26.95 1.77 1.93
CA THR A 15 -26.87 0.47 1.27
C THR A 15 -25.42 0.01 1.16
N ALA A 16 -25.22 -1.30 1.22
CA ALA A 16 -23.89 -1.88 1.13
C ALA A 16 -23.20 -1.47 -0.18
N THR A 17 -23.99 -1.07 -1.16
CA THR A 17 -23.44 -0.66 -2.44
C THR A 17 -22.47 0.51 -2.28
N CYS A 18 -22.84 1.45 -1.41
CA CYS A 18 -22.00 2.61 -1.17
C CYS A 18 -20.62 2.19 -0.67
N ALA A 19 -20.59 1.24 0.26
CA ALA A 19 -19.33 0.76 0.81
C ALA A 19 -18.47 0.14 -0.29
N THR A 20 -19.11 -0.62 -1.15
CA THR A 20 -18.40 -1.30 -2.25
C THR A 20 -17.71 -0.29 -3.17
N GLN A 21 -18.41 0.77 -3.55
CA GLN A 21 -17.84 1.77 -4.44
C GLN A 21 -16.91 2.74 -3.70
N ARG A 22 -17.17 2.96 -2.42
CA ARG A 22 -16.34 3.87 -1.65
C ARG A 22 -15.09 3.17 -1.11
N LEU A 23 -15.16 1.84 -1.01
CA LEU A 23 -14.03 1.06 -0.51
C LEU A 23 -13.04 0.79 -1.64
N ALA A 24 -13.57 0.45 -2.81
CA ALA A 24 -12.72 0.15 -3.96
C ALA A 24 -11.84 1.35 -4.31
N ASN A 25 -12.43 2.54 -4.31
CA ASN A 25 -11.69 3.75 -4.64
C ASN A 25 -10.58 4.00 -3.62
N PHE A 26 -10.86 3.73 -2.35
CA PHE A 26 -9.88 3.94 -1.30
C PHE A 26 -8.70 2.99 -1.45
N LEU A 27 -8.99 1.74 -1.83
CA LEU A 27 -7.93 0.74 -1.99
C LEU A 27 -7.01 1.11 -3.14
N VAL A 28 -7.58 1.38 -4.31
CA VAL A 28 -6.78 1.73 -5.48
C VAL A 28 -5.94 2.97 -5.22
N HIS A 29 -6.36 3.78 -4.25
CA HIS A 29 -5.64 5.00 -3.92
C HIS A 29 -4.67 4.77 -2.77
N SER A 30 -4.99 3.79 -1.92
CA SER A 30 -4.14 3.48 -0.77
C SER A 30 -3.27 2.26 -1.04
N SER A 31 -3.09 1.93 -2.32
CA SER A 31 -2.26 0.79 -2.69
C SER A 31 -0.89 0.89 -2.03
N ASN A 32 -0.25 2.05 -2.21
CA ASN A 32 1.06 2.29 -1.64
C ASN A 32 1.09 1.89 -0.16
N ASN A 33 0.14 2.43 0.61
CA ASN A 33 0.07 2.12 2.02
C ASN A 33 -0.15 0.62 2.24
N PHE A 34 -1.00 0.02 1.41
CA PHE A 34 -1.27 -1.41 1.54
C PHE A 34 0.03 -2.21 1.47
N GLY A 35 0.93 -1.79 0.58
CA GLY A 35 2.21 -2.47 0.43
C GLY A 35 3.00 -2.43 1.73
N ALA A 36 2.95 -1.27 2.39
CA ALA A 36 3.67 -1.09 3.64
C ALA A 36 3.23 -2.13 4.68
N ILE A 37 1.92 -2.34 4.76
CA ILE A 37 1.38 -3.31 5.72
C ILE A 37 1.77 -4.73 5.31
N LEU A 38 1.65 -5.04 4.03
CA LEU A 38 2.00 -6.37 3.54
C LEU A 38 3.45 -6.70 3.87
N SER A 39 4.34 -5.77 3.54
CA SER A 39 5.77 -5.98 3.79
C SER A 39 6.00 -6.46 5.23
N SER A 40 5.15 -6.01 6.14
CA SER A 40 5.27 -6.40 7.54
C SER A 40 4.38 -7.60 7.86
N THR A 41 4.26 -8.51 6.90
CA THR A 41 3.43 -9.70 7.08
C THR A 41 4.26 -10.85 7.64
N ASN A 42 5.25 -10.53 8.45
CA ASN A 42 6.12 -11.55 9.04
C ASN A 42 5.52 -12.09 10.33
N VAL A 43 4.24 -11.80 10.57
CA VAL A 43 3.58 -12.28 11.77
C VAL A 43 3.49 -13.80 11.79
N GLY A 44 3.56 -14.40 10.61
CA GLY A 44 3.49 -15.86 10.50
C GLY A 44 2.84 -16.28 9.18
N SER A 45 2.13 -15.35 8.54
CA SER A 45 1.47 -15.64 7.28
C SER A 45 2.39 -15.29 6.10
N ASN A 46 3.69 -15.34 6.33
CA ASN A 46 4.66 -15.01 5.29
C ASN A 46 5.08 -16.28 4.55
N THR A 47 4.21 -17.28 4.55
CA THR A 47 4.51 -18.54 3.87
C THR A 47 3.99 -18.52 2.45
N TYR A 48 3.91 -17.33 1.86
CA TYR A 48 3.44 -17.19 0.49
C TYR A 48 4.53 -16.62 -0.41
N GLY A 49 5.78 -16.82 -0.01
CA GLY A 49 6.91 -16.33 -0.79
C GLY A 49 6.85 -16.85 -2.23
N LYS A 50 7.30 -16.03 -3.17
CA LYS A 50 7.29 -16.41 -4.57
C LYS A 50 8.19 -17.62 -4.80
N ARG A 51 9.33 -17.66 -4.10
CA ARG A 51 10.27 -18.76 -4.24
C ARG A 51 9.64 -20.08 -3.80
N ASN A 52 8.54 -20.00 -3.06
CA ASN A 52 7.85 -21.20 -2.59
C ASN A 52 7.10 -21.87 -3.73
N ALA A 53 6.67 -21.08 -4.71
CA ALA A 53 5.94 -21.60 -5.85
C ALA A 53 6.75 -22.65 -6.59
N VAL A 54 8.04 -22.38 -6.77
CA VAL A 54 8.92 -23.31 -7.46
C VAL A 54 9.20 -24.54 -6.61
N GLU A 55 9.23 -24.37 -5.29
CA GLU A 55 9.50 -25.48 -4.39
C GLU A 55 8.40 -26.54 -4.51
N VAL A 56 7.15 -26.11 -4.42
CA VAL A 56 6.02 -27.04 -4.51
C VAL A 56 5.90 -27.58 -5.93
N LEU A 57 6.12 -26.72 -6.92
CA LEU A 57 6.03 -27.13 -8.31
C LEU A 57 6.92 -28.35 -8.59
N LYS A 58 8.18 -28.27 -8.19
CA LYS A 58 9.10 -29.39 -8.42
C LYS A 58 8.72 -30.57 -7.53
N ARG A 59 8.26 -30.27 -6.31
CA ARG A 59 7.87 -31.32 -5.38
C ARG A 59 6.72 -32.15 -5.93
N GLU A 60 5.90 -31.53 -6.77
CA GLU A 60 4.77 -32.22 -7.38
C GLU A 60 4.95 -32.38 -8.88
N PRO A 61 5.81 -33.28 -9.29
CA PRO A 61 6.08 -33.54 -10.73
C PRO A 61 4.89 -34.17 -11.45
N LEU A 62 3.84 -34.50 -10.70
CA LEU A 62 2.66 -35.11 -11.30
C LEU A 62 2.01 -34.14 -12.29
N ASN A 63 1.97 -32.86 -11.91
CA ASN A 63 1.38 -31.84 -12.76
C ASN A 63 2.18 -31.71 -14.05
N TYR A 64 3.49 -31.93 -13.94
CA TYR A 64 4.37 -31.83 -15.10
C TYR A 64 4.20 -33.05 -16.01
N LEU A 65 4.03 -34.22 -15.40
CA LEU A 65 3.87 -35.45 -16.17
C LEU A 65 2.53 -35.44 -16.91
N PRO A 66 2.39 -36.24 -17.94
CA PRO A 66 1.13 -36.30 -18.74
C PRO A 66 -0.09 -36.58 -17.87
N LEU A 67 -1.21 -35.96 -18.22
CA LEU A 67 -2.45 -36.15 -17.47
C LEU A 67 -3.65 -36.21 -18.41
N THR A 1 -32.06 9.70 -18.00
CA THR A 1 -32.65 9.85 -16.63
C THR A 1 -32.71 11.33 -16.28
N PRO A 2 -33.63 11.74 -15.44
CA PRO A 2 -33.78 13.17 -15.03
C PRO A 2 -32.64 13.62 -14.12
N ILE A 3 -32.35 14.91 -14.14
CA ILE A 3 -31.28 15.47 -13.31
C ILE A 3 -31.55 15.18 -11.84
N GLU A 4 -30.49 14.86 -11.11
CA GLU A 4 -30.62 14.57 -9.68
C GLU A 4 -31.16 15.78 -8.93
N SER A 5 -31.72 15.53 -7.75
CA SER A 5 -32.27 16.61 -6.94
C SER A 5 -31.17 17.49 -6.39
N HIS A 6 -31.52 18.71 -6.00
CA HIS A 6 -30.54 19.64 -5.46
C HIS A 6 -30.67 19.74 -3.94
N GLN A 7 -31.23 18.69 -3.33
CA GLN A 7 -31.41 18.68 -1.89
C GLN A 7 -30.06 18.63 -1.18
N VAL A 8 -29.90 19.48 -0.17
CA VAL A 8 -28.65 19.52 0.58
C VAL A 8 -28.92 19.44 2.09
N GLU A 9 -28.08 18.68 2.79
CA GLU A 9 -28.24 18.53 4.24
C GLU A 9 -26.88 18.42 4.91
N LYS A 10 -26.11 19.49 4.86
CA LYS A 10 -24.79 19.50 5.47
C LYS A 10 -24.85 18.99 6.91
N ARG A 11 -23.84 18.24 7.32
CA ARG A 11 -23.79 17.68 8.66
C ARG A 11 -22.36 17.64 9.18
N LYS A 12 -22.21 17.33 10.46
CA LYS A 12 -20.89 17.27 11.07
C LYS A 12 -20.01 16.24 10.36
N CYS A 13 -18.74 16.58 10.18
CA CYS A 13 -17.81 15.67 9.51
C CYS A 13 -17.47 14.50 10.41
N ASN A 14 -18.30 13.47 10.39
CA ASN A 14 -18.07 12.28 11.21
C ASN A 14 -17.43 11.17 10.38
N THR A 15 -17.95 10.96 9.16
CA THR A 15 -17.43 9.92 8.28
C THR A 15 -15.90 9.98 8.21
N ALA A 16 -15.28 8.83 7.94
CA ALA A 16 -13.83 8.75 7.85
C ALA A 16 -13.30 9.43 6.59
N THR A 17 -14.19 9.71 5.64
CA THR A 17 -13.78 10.36 4.40
C THR A 17 -13.35 11.80 4.67
N CYS A 18 -14.14 12.51 5.47
CA CYS A 18 -13.83 13.89 5.80
C CYS A 18 -12.51 13.98 6.56
N ALA A 19 -12.33 13.07 7.51
CA ALA A 19 -11.11 13.04 8.30
C ALA A 19 -9.90 12.69 7.44
N THR A 20 -10.10 11.81 6.47
CA THR A 20 -9.02 11.39 5.58
C THR A 20 -8.27 12.60 5.02
N GLN A 21 -9.01 13.61 4.60
CA GLN A 21 -8.38 14.81 4.03
C GLN A 21 -7.73 15.65 5.13
N ARG A 22 -8.23 15.54 6.35
CA ARG A 22 -7.68 16.32 7.45
C ARG A 22 -6.35 15.73 7.93
N LEU A 23 -6.28 14.40 7.98
CA LEU A 23 -5.07 13.73 8.42
C LEU A 23 -4.08 13.59 7.27
N ALA A 24 -4.61 13.47 6.05
CA ALA A 24 -3.75 13.34 4.88
C ALA A 24 -2.83 14.55 4.75
N ASN A 25 -3.41 15.75 4.87
CA ASN A 25 -2.63 16.97 4.76
C ASN A 25 -1.61 17.06 5.89
N PHE A 26 -2.03 16.67 7.09
CA PHE A 26 -1.14 16.71 8.25
C PHE A 26 0.04 15.76 8.07
N LEU A 27 -0.23 14.61 7.45
CA LEU A 27 0.81 13.61 7.24
C LEU A 27 2.00 14.25 6.52
N VAL A 28 1.76 14.75 5.31
CA VAL A 28 2.83 15.38 4.54
C VAL A 28 3.35 16.64 5.22
N HIS A 29 2.55 17.20 6.13
CA HIS A 29 2.94 18.41 6.83
C HIS A 29 3.58 18.10 8.19
N SER A 30 3.69 16.82 8.52
CA SER A 30 4.29 16.43 9.79
C SER A 30 5.54 15.58 9.57
N SER A 31 6.07 15.61 8.35
CA SER A 31 7.27 14.84 8.02
C SER A 31 8.46 15.34 8.83
N ASN A 32 8.59 16.66 8.88
CA ASN A 32 9.69 17.29 9.60
C ASN A 32 9.67 16.89 11.08
N ASN A 33 8.58 17.19 11.76
CA ASN A 33 8.46 16.86 13.18
C ASN A 33 8.55 15.36 13.39
N PHE A 34 7.90 14.58 12.53
CA PHE A 34 7.92 13.13 12.65
C PHE A 34 9.35 12.61 12.81
N GLY A 35 10.26 13.15 11.99
CA GLY A 35 11.66 12.73 12.05
C GLY A 35 12.24 13.00 13.43
N ALA A 36 11.85 14.14 14.00
CA ALA A 36 12.33 14.53 15.33
C ALA A 36 11.99 13.48 16.37
N ILE A 37 10.76 12.96 16.29
CA ILE A 37 10.32 11.93 17.23
C ILE A 37 11.06 10.63 16.99
N LEU A 38 11.24 10.27 15.72
CA LEU A 38 11.94 9.04 15.38
C LEU A 38 13.36 9.08 15.95
N SER A 39 14.08 10.16 15.65
CA SER A 39 15.44 10.33 16.13
C SER A 39 15.50 10.12 17.64
N SER A 40 14.39 10.37 18.32
CA SER A 40 14.33 10.21 19.76
C SER A 40 13.85 8.80 20.13
N THR A 41 14.14 7.85 19.26
CA THR A 41 13.74 6.46 19.50
C THR A 41 14.78 5.73 20.35
N ASN A 42 15.22 6.38 21.43
CA ASN A 42 16.21 5.78 22.30
C ASN A 42 15.54 4.98 23.42
N VAL A 43 14.29 4.59 23.20
CA VAL A 43 13.55 3.82 24.19
C VAL A 43 13.76 2.32 23.99
N GLY A 44 14.84 1.96 23.29
CA GLY A 44 15.14 0.56 23.04
C GLY A 44 14.40 0.05 21.80
N SER A 45 13.99 0.97 20.94
CA SER A 45 13.27 0.60 19.72
C SER A 45 14.04 1.05 18.48
N ASN A 46 15.37 1.12 18.61
CA ASN A 46 16.21 1.55 17.50
C ASN A 46 16.74 0.34 16.73
N THR A 47 16.01 -0.77 16.79
CA THR A 47 16.41 -1.98 16.11
C THR A 47 15.81 -2.05 14.70
N TYR A 48 15.57 -0.87 14.12
CA TYR A 48 15.00 -0.80 12.78
C TYR A 48 16.00 -0.21 11.79
N GLY A 49 17.28 -0.29 12.14
CA GLY A 49 18.33 0.26 11.27
C GLY A 49 18.39 -0.50 9.95
N LYS A 50 18.99 0.14 8.95
CA LYS A 50 19.11 -0.48 7.63
C LYS A 50 19.95 -1.75 7.70
N ARG A 51 20.92 -1.76 8.62
CA ARG A 51 21.78 -2.92 8.78
C ARG A 51 20.97 -4.18 9.09
N ASN A 52 19.71 -4.00 9.49
CA ASN A 52 18.86 -5.13 9.81
C ASN A 52 18.30 -5.75 8.53
N ALA A 53 18.18 -4.95 7.48
CA ALA A 53 17.65 -5.44 6.20
C ALA A 53 18.51 -6.58 5.66
N VAL A 54 19.81 -6.36 5.58
CA VAL A 54 20.72 -7.37 5.08
C VAL A 54 20.78 -8.56 6.03
N GLU A 55 20.57 -8.30 7.31
CA GLU A 55 20.60 -9.36 8.32
C GLU A 55 19.45 -10.34 8.09
N VAL A 56 18.25 -9.81 7.89
CA VAL A 56 17.08 -10.66 7.67
C VAL A 56 17.05 -11.18 6.23
N LEU A 57 17.61 -10.42 5.30
CA LEU A 57 17.64 -10.84 3.90
C LEU A 57 18.38 -12.16 3.74
N LYS A 58 19.53 -12.29 4.41
CA LYS A 58 20.30 -13.52 4.32
C LYS A 58 19.55 -14.67 4.97
N ARG A 59 18.87 -14.38 6.08
CA ARG A 59 18.11 -15.40 6.79
C ARG A 59 16.96 -15.90 5.91
N GLU A 60 16.53 -15.06 4.98
CA GLU A 60 15.43 -15.42 4.09
C GLU A 60 15.96 -15.66 2.67
N PRO A 61 16.52 -16.81 2.42
CA PRO A 61 17.08 -17.16 1.07
C PRO A 61 16.00 -17.22 -0.02
N LEU A 62 14.74 -17.11 0.38
CA LEU A 62 13.64 -17.17 -0.58
C LEU A 62 13.79 -16.05 -1.61
N ASN A 63 14.18 -14.86 -1.15
CA ASN A 63 14.37 -13.73 -2.06
C ASN A 63 15.60 -13.93 -2.93
N TYR A 64 16.45 -14.90 -2.58
CA TYR A 64 17.66 -15.16 -3.34
C TYR A 64 17.31 -15.88 -4.64
N LEU A 65 16.29 -16.73 -4.58
CA LEU A 65 15.87 -17.48 -5.75
C LEU A 65 15.13 -16.57 -6.74
N PRO A 66 15.05 -16.94 -7.99
CA PRO A 66 14.36 -16.12 -9.03
C PRO A 66 12.95 -15.75 -8.63
N LEU A 67 12.56 -14.51 -8.91
CA LEU A 67 11.22 -14.03 -8.57
C LEU A 67 10.92 -12.73 -9.29
N THR A 1 -32.66 9.41 -17.60
CA THR A 1 -33.23 9.80 -16.29
C THR A 1 -33.34 11.33 -16.22
N PRO A 2 -34.13 11.84 -15.32
CA PRO A 2 -34.33 13.31 -15.17
C PRO A 2 -33.12 13.99 -14.52
N ILE A 3 -33.03 15.31 -14.70
CA ILE A 3 -31.92 16.07 -14.13
C ILE A 3 -31.73 15.72 -12.66
N GLU A 4 -30.47 15.53 -12.26
CA GLU A 4 -30.18 15.20 -10.87
C GLU A 4 -30.41 16.41 -9.96
N SER A 5 -30.40 16.17 -8.66
CA SER A 5 -30.60 17.24 -7.69
C SER A 5 -29.39 18.17 -7.64
N HIS A 6 -29.54 19.28 -6.95
CA HIS A 6 -28.46 20.25 -6.83
C HIS A 6 -27.17 19.55 -6.39
N GLN A 7 -27.32 18.45 -5.66
CA GLN A 7 -26.16 17.70 -5.19
C GLN A 7 -25.47 16.99 -6.35
N VAL A 8 -24.16 17.13 -6.44
CA VAL A 8 -23.40 16.51 -7.52
C VAL A 8 -22.12 15.89 -6.98
N GLU A 9 -21.75 14.73 -7.51
CA GLU A 9 -20.54 14.04 -7.07
C GLU A 9 -19.83 13.41 -8.27
N LYS A 10 -19.43 14.26 -9.22
CA LYS A 10 -18.74 13.77 -10.42
C LYS A 10 -17.50 12.95 -10.04
N ARG A 11 -17.13 12.02 -10.90
CA ARG A 11 -15.96 11.18 -10.64
C ARG A 11 -15.24 10.86 -11.95
N LYS A 12 -14.13 10.14 -11.85
CA LYS A 12 -13.35 9.78 -13.03
C LYS A 12 -13.13 8.27 -13.08
N CYS A 13 -12.92 7.76 -14.30
CA CYS A 13 -12.68 6.33 -14.54
C CYS A 13 -13.44 5.45 -13.55
N ASN A 14 -14.73 5.25 -13.81
CA ASN A 14 -15.56 4.43 -12.93
C ASN A 14 -15.80 3.06 -13.56
N THR A 15 -14.84 2.59 -14.35
CA THR A 15 -14.97 1.30 -15.01
C THR A 15 -13.61 0.63 -15.12
N ALA A 16 -13.61 -0.71 -15.10
CA ALA A 16 -12.38 -1.48 -15.19
C ALA A 16 -11.67 -1.22 -16.52
N THR A 17 -12.43 -0.77 -17.51
CA THR A 17 -11.85 -0.50 -18.83
C THR A 17 -10.75 0.56 -18.74
N CYS A 18 -10.98 1.58 -17.91
CA CYS A 18 -10.00 2.64 -17.75
C CYS A 18 -8.66 2.09 -17.27
N ALA A 19 -8.71 1.25 -16.25
CA ALA A 19 -7.49 0.66 -15.71
C ALA A 19 -6.80 -0.21 -16.76
N THR A 20 -7.59 -1.00 -17.47
CA THR A 20 -7.04 -1.89 -18.49
C THR A 20 -6.09 -1.15 -19.43
N GLN A 21 -6.48 0.05 -19.83
CA GLN A 21 -5.65 0.85 -20.74
C GLN A 21 -4.55 1.60 -19.99
N ARG A 22 -4.78 1.91 -18.72
CA ARG A 22 -3.79 2.64 -17.93
C ARG A 22 -2.60 1.77 -17.58
N LEU A 23 -2.81 0.46 -17.47
CA LEU A 23 -1.71 -0.44 -17.13
C LEU A 23 -0.92 -0.83 -18.37
N ALA A 24 -1.60 -0.86 -19.52
CA ALA A 24 -0.94 -1.21 -20.77
C ALA A 24 0.23 -0.29 -21.05
N ASN A 25 0.00 1.02 -20.97
CA ASN A 25 1.04 2.00 -21.22
C ASN A 25 2.16 1.87 -20.18
N PHE A 26 1.78 1.69 -18.92
CA PHE A 26 2.75 1.58 -17.84
C PHE A 26 3.64 0.35 -18.06
N LEU A 27 3.03 -0.74 -18.52
CA LEU A 27 3.77 -1.98 -18.74
C LEU A 27 4.78 -1.81 -19.89
N VAL A 28 4.28 -1.50 -21.08
CA VAL A 28 5.15 -1.32 -22.23
C VAL A 28 6.22 -0.25 -21.96
N HIS A 29 5.96 0.60 -20.98
CA HIS A 29 6.92 1.66 -20.65
C HIS A 29 7.81 1.26 -19.48
N SER A 30 7.33 0.31 -18.69
CA SER A 30 8.09 -0.15 -17.52
C SER A 30 8.88 -1.42 -17.84
N SER A 31 9.09 -1.69 -19.13
CA SER A 31 9.83 -2.89 -19.53
C SER A 31 11.20 -2.88 -18.85
N ASN A 32 11.93 -1.78 -19.01
CA ASN A 32 13.25 -1.65 -18.42
C ASN A 32 13.22 -2.05 -16.95
N ASN A 33 12.28 -1.49 -16.20
CA ASN A 33 12.15 -1.80 -14.79
C ASN A 33 11.85 -3.27 -14.58
N PHE A 34 10.99 -3.83 -15.43
CA PHE A 34 10.62 -5.23 -15.32
C PHE A 34 11.87 -6.11 -15.29
N GLY A 35 12.87 -5.76 -16.09
CA GLY A 35 14.11 -6.52 -16.13
C GLY A 35 14.83 -6.46 -14.79
N ALA A 36 14.87 -5.25 -14.21
CA ALA A 36 15.53 -5.05 -12.93
C ALA A 36 14.90 -5.92 -11.86
N ILE A 37 13.57 -5.98 -11.85
CA ILE A 37 12.86 -6.78 -10.85
C ILE A 37 13.13 -8.27 -11.06
N LEU A 38 13.02 -8.72 -12.30
CA LEU A 38 13.25 -10.13 -12.60
C LEU A 38 14.66 -10.54 -12.21
N SER A 39 15.63 -9.71 -12.56
CA SER A 39 17.02 -9.99 -12.24
C SER A 39 17.18 -10.36 -10.77
N SER A 40 16.30 -9.81 -9.93
CA SER A 40 16.35 -10.09 -8.50
C SER A 40 15.41 -11.24 -8.14
N THR A 41 15.28 -12.20 -9.05
CA THR A 41 14.41 -13.35 -8.81
C THR A 41 15.20 -14.50 -8.18
N ASN A 42 16.23 -14.16 -7.41
CA ASN A 42 17.05 -15.18 -6.77
C ASN A 42 16.54 -15.46 -5.36
N VAL A 43 15.26 -15.18 -5.11
CA VAL A 43 14.67 -15.41 -3.80
C VAL A 43 14.10 -16.83 -3.71
N GLY A 44 14.56 -17.71 -4.59
CA GLY A 44 14.06 -19.09 -4.59
C GLY A 44 13.24 -19.38 -5.84
N SER A 45 12.77 -18.33 -6.50
CA SER A 45 11.96 -18.50 -7.71
C SER A 45 12.86 -18.48 -8.95
N ASN A 46 14.13 -18.82 -8.78
CA ASN A 46 15.07 -18.84 -9.88
C ASN A 46 15.20 -20.24 -10.46
N THR A 47 14.15 -21.04 -10.31
CA THR A 47 14.16 -22.40 -10.82
C THR A 47 13.69 -22.46 -12.28
N TYR A 48 13.74 -21.31 -12.96
CA TYR A 48 13.32 -21.24 -14.35
C TYR A 48 14.49 -20.87 -15.25
N GLY A 49 15.71 -21.11 -14.77
CA GLY A 49 16.90 -20.79 -15.54
C GLY A 49 16.91 -21.53 -16.88
N LYS A 50 17.60 -20.95 -17.85
CA LYS A 50 17.68 -21.56 -19.18
C LYS A 50 18.34 -22.92 -19.10
N ARG A 51 19.33 -23.05 -18.23
CA ARG A 51 20.04 -24.32 -18.07
C ARG A 51 19.08 -25.43 -17.66
N ASN A 52 17.90 -25.07 -17.20
CA ASN A 52 16.90 -26.06 -16.78
C ASN A 52 16.18 -26.64 -17.99
N ALA A 53 15.96 -25.80 -19.01
CA ALA A 53 15.27 -26.25 -20.21
C ALA A 53 16.03 -27.40 -20.87
N VAL A 54 17.35 -27.27 -20.97
CA VAL A 54 18.17 -28.31 -21.58
C VAL A 54 18.25 -29.53 -20.66
N GLU A 55 18.21 -29.29 -19.36
CA GLU A 55 18.29 -30.38 -18.39
C GLU A 55 17.10 -31.33 -18.55
N VAL A 56 15.89 -30.76 -18.58
CA VAL A 56 14.69 -31.56 -18.72
C VAL A 56 14.56 -32.10 -20.14
N LEU A 57 15.04 -31.33 -21.11
CA LEU A 57 14.97 -31.75 -22.51
C LEU A 57 15.59 -33.13 -22.69
N LYS A 58 16.76 -33.34 -22.10
CA LYS A 58 17.43 -34.64 -22.23
C LYS A 58 16.64 -35.71 -21.49
N ARG A 59 16.12 -35.36 -20.32
CA ARG A 59 15.34 -36.31 -19.53
C ARG A 59 14.07 -36.71 -20.27
N GLU A 60 13.63 -35.85 -21.18
CA GLU A 60 12.42 -36.13 -21.95
C GLU A 60 12.77 -36.46 -23.40
N PRO A 61 13.21 -37.67 -23.67
CA PRO A 61 13.59 -38.10 -25.04
C PRO A 61 12.41 -38.10 -26.01
N LEU A 62 11.19 -37.89 -25.48
CA LEU A 62 10.01 -37.86 -26.32
C LEU A 62 10.10 -36.70 -27.31
N ASN A 63 10.53 -35.55 -26.82
CA ASN A 63 10.66 -34.37 -27.68
C ASN A 63 11.98 -34.40 -28.47
N TYR A 64 12.82 -35.40 -28.18
CA TYR A 64 14.09 -35.53 -28.87
C TYR A 64 13.89 -36.05 -30.29
N LEU A 65 12.90 -36.92 -30.45
CA LEU A 65 12.61 -37.49 -31.76
C LEU A 65 11.61 -36.60 -32.52
N PRO A 66 11.55 -36.71 -33.82
CA PRO A 66 10.62 -35.89 -34.65
C PRO A 66 9.18 -35.99 -34.17
N LEU A 67 8.47 -34.87 -34.18
CA LEU A 67 7.07 -34.85 -33.75
C LEU A 67 6.19 -34.17 -34.79
N THR A 1 -32.11 9.41 -17.27
CA THR A 1 -32.92 9.92 -16.14
C THR A 1 -32.85 11.45 -16.12
N PRO A 2 -33.78 12.09 -15.46
CA PRO A 2 -33.82 13.58 -15.36
C PRO A 2 -32.75 14.13 -14.42
N ILE A 3 -32.35 15.38 -14.64
CA ILE A 3 -31.34 16.00 -13.80
C ILE A 3 -31.71 15.88 -12.33
N GLU A 4 -30.73 15.56 -11.50
CA GLU A 4 -30.96 15.42 -10.07
C GLU A 4 -31.27 16.77 -9.44
N SER A 5 -31.95 16.75 -8.30
CA SER A 5 -32.30 17.98 -7.60
C SER A 5 -31.05 18.64 -7.01
N HIS A 6 -31.14 19.93 -6.73
CA HIS A 6 -30.02 20.67 -6.17
C HIS A 6 -30.29 21.04 -4.71
N GLN A 7 -31.19 20.30 -4.07
CA GLN A 7 -31.53 20.57 -2.68
C GLN A 7 -30.38 20.16 -1.76
N VAL A 8 -30.01 21.04 -0.84
CA VAL A 8 -28.93 20.75 0.09
C VAL A 8 -29.41 19.84 1.21
N GLU A 9 -28.61 18.81 1.51
CA GLU A 9 -28.97 17.86 2.56
C GLU A 9 -27.71 17.35 3.25
N LYS A 10 -27.01 18.25 3.94
CA LYS A 10 -25.79 17.87 4.65
C LYS A 10 -26.05 16.69 5.57
N ARG A 11 -24.98 16.00 5.95
CA ARG A 11 -25.10 14.84 6.84
C ARG A 11 -23.89 14.76 7.77
N LYS A 12 -24.11 14.22 8.97
CA LYS A 12 -23.03 14.09 9.95
C LYS A 12 -22.06 13.00 9.55
N CYS A 13 -20.79 13.20 9.86
CA CYS A 13 -19.76 12.22 9.53
C CYS A 13 -19.91 10.98 10.39
N ASN A 14 -20.62 9.98 9.87
CA ASN A 14 -20.82 8.73 10.62
C ASN A 14 -20.38 7.52 9.79
N THR A 15 -20.68 7.55 8.49
CA THR A 15 -20.31 6.45 7.60
C THR A 15 -18.82 6.15 7.71
N ALA A 16 -18.46 4.89 7.44
CA ALA A 16 -17.07 4.47 7.51
C ALA A 16 -16.21 5.20 6.50
N THR A 17 -16.85 5.78 5.48
CA THR A 17 -16.11 6.50 4.44
C THR A 17 -15.45 7.75 5.03
N CYS A 18 -16.13 8.40 5.96
CA CYS A 18 -15.60 9.60 6.59
C CYS A 18 -14.27 9.29 7.28
N ALA A 19 -14.23 8.19 8.03
CA ALA A 19 -13.02 7.81 8.74
C ALA A 19 -11.87 7.55 7.76
N THR A 20 -12.20 6.93 6.63
CA THR A 20 -11.19 6.61 5.61
C THR A 20 -10.30 7.82 5.32
N GLN A 21 -10.91 8.99 5.19
CA GLN A 21 -10.14 10.20 4.89
C GLN A 21 -9.43 10.71 6.15
N ARG A 22 -9.98 10.41 7.32
CA ARG A 22 -9.38 10.84 8.57
C ARG A 22 -8.07 10.11 8.82
N LEU A 23 -8.11 8.79 8.72
CA LEU A 23 -6.92 7.98 8.93
C LEU A 23 -5.92 8.17 7.81
N ALA A 24 -6.42 8.42 6.60
CA ALA A 24 -5.55 8.62 5.45
C ALA A 24 -4.57 9.75 5.70
N ASN A 25 -5.08 10.88 6.17
CA ASN A 25 -4.24 12.03 6.45
C ASN A 25 -3.29 11.73 7.62
N PHE A 26 -3.82 11.05 8.63
CA PHE A 26 -3.03 10.70 9.80
C PHE A 26 -1.87 9.79 9.43
N LEU A 27 -2.04 9.03 8.36
CA LEU A 27 -0.99 8.11 7.91
C LEU A 27 0.24 8.90 7.46
N VAL A 28 0.07 9.72 6.44
CA VAL A 28 1.17 10.52 5.92
C VAL A 28 1.57 11.63 6.88
N HIS A 29 0.67 11.95 7.82
CA HIS A 29 0.93 13.00 8.79
C HIS A 29 1.77 12.46 9.95
N SER A 30 1.48 11.23 10.36
CA SER A 30 2.19 10.61 11.47
C SER A 30 3.24 9.62 10.96
N SER A 31 3.63 9.75 9.69
CA SER A 31 4.63 8.84 9.12
C SER A 31 5.89 8.86 9.96
N ASN A 32 6.38 10.07 10.25
CA ASN A 32 7.59 10.22 11.05
C ASN A 32 7.48 9.39 12.33
N ASN A 33 6.41 9.62 13.08
CA ASN A 33 6.19 8.89 14.32
C ASN A 33 6.17 7.38 14.07
N PHE A 34 5.46 6.96 13.03
CA PHE A 34 5.37 5.54 12.69
C PHE A 34 6.76 4.93 12.56
N GLY A 35 7.59 5.53 11.73
CA GLY A 35 8.94 5.02 11.51
C GLY A 35 9.80 5.17 12.76
N ALA A 36 9.55 6.23 13.51
CA ALA A 36 10.32 6.49 14.74
C ALA A 36 10.07 5.38 15.76
N ILE A 37 8.82 4.97 15.89
CA ILE A 37 8.47 3.92 16.84
C ILE A 37 9.08 2.58 16.43
N LEU A 38 8.99 2.25 15.15
CA LEU A 38 9.56 1.00 14.66
C LEU A 38 11.07 1.01 14.81
N SER A 39 11.68 2.15 14.48
CA SER A 39 13.13 2.29 14.58
C SER A 39 13.59 2.05 16.01
N SER A 40 12.79 2.50 16.96
CA SER A 40 13.14 2.33 18.37
C SER A 40 12.54 1.04 18.92
N THR A 41 12.51 0.00 18.09
CA THR A 41 11.96 -1.29 18.48
C THR A 41 12.68 -1.83 19.72
N ASN A 42 13.86 -1.27 20.02
CA ASN A 42 14.63 -1.72 21.17
C ASN A 42 14.08 -1.10 22.47
N VAL A 43 12.98 -0.36 22.37
CA VAL A 43 12.40 0.28 23.55
C VAL A 43 11.40 -0.67 24.23
N GLY A 44 11.47 -1.95 23.91
CA GLY A 44 10.57 -2.93 24.52
C GLY A 44 10.26 -4.05 23.55
N SER A 45 10.32 -3.75 22.26
CA SER A 45 10.04 -4.76 21.23
C SER A 45 11.35 -5.32 20.67
N ASN A 46 12.35 -5.43 21.53
CA ASN A 46 13.65 -5.95 21.12
C ASN A 46 13.55 -7.41 20.68
N THR A 47 12.41 -8.04 20.94
CA THR A 47 12.21 -9.44 20.57
C THR A 47 11.61 -9.54 19.16
N TYR A 48 11.88 -8.54 18.32
CA TYR A 48 11.37 -8.53 16.96
C TYR A 48 12.34 -9.23 16.01
N GLY A 49 13.23 -10.05 16.56
CA GLY A 49 14.21 -10.77 15.74
C GLY A 49 13.54 -11.43 14.55
N LYS A 50 13.69 -10.81 13.38
CA LYS A 50 13.11 -11.35 12.15
C LYS A 50 13.97 -12.49 11.60
N ARG A 51 15.22 -12.54 12.01
CA ARG A 51 16.13 -13.58 11.55
C ARG A 51 15.60 -14.98 11.89
N ASN A 52 14.63 -15.03 12.81
CA ASN A 52 14.06 -16.32 13.20
C ASN A 52 13.13 -16.85 12.12
N ALA A 53 12.59 -15.96 11.31
CA ALA A 53 11.68 -16.35 10.25
C ALA A 53 12.34 -17.34 9.29
N VAL A 54 13.58 -17.05 8.92
CA VAL A 54 14.30 -17.93 8.00
C VAL A 54 14.82 -19.18 8.75
N GLU A 55 15.11 -19.02 10.02
CA GLU A 55 15.62 -20.13 10.82
C GLU A 55 14.55 -21.21 10.96
N VAL A 56 13.33 -20.81 11.28
CA VAL A 56 12.24 -21.77 11.44
C VAL A 56 11.82 -22.34 10.07
N LEU A 57 11.81 -21.48 9.06
CA LEU A 57 11.43 -21.91 7.72
C LEU A 57 12.19 -23.17 7.32
N LYS A 58 13.51 -23.11 7.40
CA LYS A 58 14.33 -24.27 7.03
C LYS A 58 14.08 -25.44 7.97
N ARG A 59 13.75 -25.13 9.22
CA ARG A 59 13.48 -26.16 10.21
C ARG A 59 12.26 -26.99 9.81
N GLU A 60 11.27 -26.33 9.23
CA GLU A 60 10.05 -27.01 8.81
C GLU A 60 9.90 -26.95 7.30
N PRO A 61 10.65 -27.74 6.57
CA PRO A 61 10.59 -27.77 5.08
C PRO A 61 9.26 -28.31 4.56
N LEU A 62 8.47 -28.92 5.45
CA LEU A 62 7.18 -29.47 5.05
C LEU A 62 6.29 -28.39 4.46
N ASN A 63 6.30 -27.22 5.10
CA ASN A 63 5.48 -26.10 4.63
C ASN A 63 5.71 -25.86 3.14
N TYR A 64 6.95 -26.06 2.69
CA TYR A 64 7.29 -25.87 1.29
C TYR A 64 6.78 -27.03 0.45
N LEU A 65 7.04 -28.25 0.91
CA LEU A 65 6.61 -29.44 0.17
C LEU A 65 5.09 -29.61 0.30
N PRO A 66 4.48 -30.34 -0.59
CA PRO A 66 3.00 -30.57 -0.57
C PRO A 66 2.54 -31.11 0.79
N LEU A 67 1.37 -30.64 1.24
CA LEU A 67 0.82 -31.08 2.51
C LEU A 67 -0.63 -31.53 2.35
N THR A 1 -32.46 8.82 -17.50
CA THR A 1 -32.97 9.42 -16.24
C THR A 1 -33.24 10.90 -16.46
N PRO A 2 -34.04 11.51 -15.61
CA PRO A 2 -34.38 12.96 -15.73
C PRO A 2 -33.22 13.85 -15.30
N ILE A 3 -33.17 15.06 -15.85
CA ILE A 3 -32.11 16.01 -15.52
C ILE A 3 -32.17 16.39 -14.04
N GLU A 4 -31.00 16.51 -13.43
CA GLU A 4 -30.94 16.88 -12.01
C GLU A 4 -31.60 18.24 -11.78
N SER A 5 -32.29 18.37 -10.65
CA SER A 5 -32.96 19.62 -10.33
C SER A 5 -31.94 20.68 -9.93
N HIS A 6 -32.36 21.94 -9.99
CA HIS A 6 -31.47 23.05 -9.64
C HIS A 6 -31.07 22.97 -8.16
N GLN A 7 -31.91 22.32 -7.36
CA GLN A 7 -31.64 22.18 -5.93
C GLN A 7 -30.43 21.28 -5.71
N VAL A 8 -29.59 21.68 -4.76
CA VAL A 8 -28.38 20.90 -4.44
C VAL A 8 -28.31 20.62 -2.94
N GLU A 9 -27.85 19.41 -2.61
CA GLU A 9 -27.74 19.02 -1.21
C GLU A 9 -26.44 18.26 -0.96
N LYS A 10 -25.33 18.99 -0.89
CA LYS A 10 -24.03 18.38 -0.66
C LYS A 10 -23.98 17.73 0.72
N ARG A 11 -22.97 16.90 0.94
CA ARG A 11 -22.82 16.21 2.22
C ARG A 11 -21.36 16.22 2.67
N LYS A 12 -21.13 15.85 3.93
CA LYS A 12 -19.78 15.83 4.47
C LYS A 12 -18.89 14.87 3.69
N CYS A 13 -17.62 15.22 3.56
CA CYS A 13 -16.67 14.38 2.83
C CYS A 13 -16.40 13.09 3.61
N ASN A 14 -17.26 12.10 3.43
CA ASN A 14 -17.10 10.82 4.12
C ASN A 14 -16.67 9.73 3.13
N THR A 15 -17.22 9.78 1.92
CA THR A 15 -16.88 8.79 0.91
C THR A 15 -15.37 8.66 0.78
N ALA A 16 -14.92 7.46 0.39
CA ALA A 16 -13.49 7.21 0.25
C ALA A 16 -12.88 7.99 -0.92
N THR A 17 -13.74 8.51 -1.80
CA THR A 17 -13.25 9.26 -2.95
C THR A 17 -12.66 10.60 -2.51
N CYS A 18 -13.31 11.25 -1.55
CA CYS A 18 -12.85 12.54 -1.05
C CYS A 18 -11.48 12.40 -0.37
N ALA A 19 -11.37 11.42 0.52
CA ALA A 19 -10.12 11.20 1.23
C ALA A 19 -9.01 10.78 0.27
N THR A 20 -9.36 9.92 -0.67
CA THR A 20 -8.38 9.44 -1.65
C THR A 20 -7.58 10.59 -2.26
N GLN A 21 -8.24 11.73 -2.44
CA GLN A 21 -7.57 12.88 -3.02
C GLN A 21 -6.72 13.63 -2.00
N ARG A 22 -7.08 13.53 -0.72
CA ARG A 22 -6.34 14.23 0.32
C ARG A 22 -5.00 13.54 0.59
N LEU A 23 -4.91 12.25 0.31
CA LEU A 23 -3.66 11.53 0.52
C LEU A 23 -2.72 11.69 -0.67
N ALA A 24 -3.29 11.94 -1.85
CA ALA A 24 -2.48 12.13 -3.04
C ALA A 24 -1.54 13.31 -2.88
N ASN A 25 -2.08 14.45 -2.47
CA ASN A 25 -1.28 15.65 -2.28
C ASN A 25 -0.28 15.44 -1.15
N PHE A 26 -0.72 14.79 -0.09
CA PHE A 26 0.15 14.53 1.05
C PHE A 26 1.31 13.62 0.66
N LEU A 27 1.03 12.67 -0.22
CA LEU A 27 2.06 11.74 -0.68
C LEU A 27 3.24 12.50 -1.27
N VAL A 28 2.98 13.25 -2.34
CA VAL A 28 4.03 14.02 -2.99
C VAL A 28 4.54 15.15 -2.10
N HIS A 29 3.74 15.52 -1.10
CA HIS A 29 4.12 16.58 -0.18
C HIS A 29 5.00 16.06 0.95
N SER A 30 5.07 14.74 1.11
CA SER A 30 5.87 14.14 2.16
C SER A 30 7.33 13.96 1.72
N SER A 31 7.73 14.68 0.67
CA SER A 31 9.09 14.59 0.17
C SER A 31 10.10 14.99 1.24
N ASN A 32 9.74 15.99 2.03
CA ASN A 32 10.62 16.48 3.09
C ASN A 32 10.51 15.61 4.33
N ASN A 33 9.28 15.36 4.79
CA ASN A 33 9.06 14.55 5.97
C ASN A 33 9.65 13.15 5.80
N PHE A 34 9.42 12.55 4.64
CA PHE A 34 9.93 11.21 4.36
C PHE A 34 11.38 11.06 4.80
N GLY A 35 12.25 11.91 4.28
CA GLY A 35 13.67 11.84 4.64
C GLY A 35 13.88 12.10 6.13
N ALA A 36 13.01 12.93 6.69
CA ALA A 36 13.09 13.27 8.11
C ALA A 36 12.86 12.02 8.97
N ILE A 37 11.87 11.22 8.59
CA ILE A 37 11.56 10.02 9.34
C ILE A 37 12.66 8.97 9.16
N LEU A 38 13.12 8.79 7.92
CA LEU A 38 14.16 7.82 7.65
C LEU A 38 15.43 8.19 8.43
N SER A 39 15.83 9.45 8.29
CA SER A 39 17.02 9.95 8.97
C SER A 39 16.99 9.57 10.46
N SER A 40 15.79 9.44 11.00
CA SER A 40 15.64 9.08 12.41
C SER A 40 15.55 7.56 12.57
N THR A 41 16.29 6.84 11.75
CA THR A 41 16.28 5.38 11.81
C THR A 41 16.65 4.88 13.20
N ASN A 42 17.32 5.73 13.97
CA ASN A 42 17.73 5.36 15.33
C ASN A 42 16.59 5.59 16.32
N VAL A 43 15.39 5.87 15.81
CA VAL A 43 14.24 6.10 16.68
C VAL A 43 13.58 4.77 17.06
N GLY A 44 13.82 3.74 16.25
CA GLY A 44 13.23 2.43 16.51
C GLY A 44 12.55 1.88 15.27
N SER A 45 12.95 2.38 14.10
CA SER A 45 12.37 1.92 12.85
C SER A 45 13.45 1.41 11.90
N ASN A 46 14.49 0.82 12.47
CA ASN A 46 15.60 0.30 11.68
C ASN A 46 15.36 -1.17 11.32
N THR A 47 14.09 -1.57 11.26
CA THR A 47 13.76 -2.94 10.93
C THR A 47 13.56 -3.11 9.42
N TYR A 48 14.23 -2.27 8.64
CA TYR A 48 14.12 -2.34 7.18
C TYR A 48 15.50 -2.46 6.55
N GLY A 49 16.45 -3.00 7.31
CA GLY A 49 17.81 -3.17 6.80
C GLY A 49 17.81 -3.83 5.42
N LYS A 50 18.42 -3.16 4.45
CA LYS A 50 18.49 -3.69 3.10
C LYS A 50 19.32 -4.96 3.05
N ARG A 51 20.39 -4.99 3.85
CA ARG A 51 21.27 -6.16 3.89
C ARG A 51 20.51 -7.39 4.38
N ASN A 52 19.39 -7.17 5.05
CA ASN A 52 18.61 -8.29 5.57
C ASN A 52 17.86 -8.99 4.44
N ALA A 53 17.52 -8.24 3.39
CA ALA A 53 16.81 -8.80 2.26
C ALA A 53 17.61 -9.94 1.62
N VAL A 54 18.92 -9.76 1.50
CA VAL A 54 19.76 -10.78 0.90
C VAL A 54 19.92 -11.97 1.83
N GLU A 55 19.85 -11.73 3.14
CA GLU A 55 19.99 -12.82 4.10
C GLU A 55 18.88 -13.85 3.91
N VAL A 56 17.64 -13.39 3.89
CA VAL A 56 16.51 -14.29 3.71
C VAL A 56 16.48 -14.83 2.29
N LEU A 57 16.79 -13.99 1.31
CA LEU A 57 16.79 -14.40 -0.08
C LEU A 57 17.67 -15.64 -0.28
N LYS A 58 18.87 -15.61 0.30
CA LYS A 58 19.78 -16.75 0.17
C LYS A 58 19.22 -17.96 0.89
N ARG A 59 18.63 -17.73 2.06
CA ARG A 59 18.05 -18.82 2.83
C ARG A 59 16.86 -19.43 2.09
N GLU A 60 16.24 -18.64 1.22
CA GLU A 60 15.10 -19.12 0.45
C GLU A 60 15.50 -19.38 -1.01
N PRO A 61 16.01 -20.55 -1.30
CA PRO A 61 16.44 -20.90 -2.69
C PRO A 61 15.27 -20.92 -3.68
N LEU A 62 14.05 -20.80 -3.17
CA LEU A 62 12.87 -20.80 -4.03
C LEU A 62 12.95 -19.66 -5.03
N ASN A 63 13.38 -18.48 -4.56
CA ASN A 63 13.50 -17.32 -5.44
C ASN A 63 14.77 -17.40 -6.28
N TYR A 64 15.65 -18.35 -5.95
CA TYR A 64 16.90 -18.50 -6.70
C TYR A 64 16.63 -19.14 -8.06
N LEU A 65 15.72 -20.11 -8.09
CA LEU A 65 15.38 -20.79 -9.33
C LEU A 65 14.58 -19.86 -10.24
N PRO A 66 14.55 -20.13 -11.53
CA PRO A 66 13.79 -19.29 -12.50
C PRO A 66 12.34 -19.09 -12.08
N LEU A 67 11.84 -17.87 -12.23
CA LEU A 67 10.46 -17.56 -11.87
C LEU A 67 9.98 -16.31 -12.61
N THR A 1 -32.06 8.48 -17.08
CA THR A 1 -32.80 9.14 -15.96
C THR A 1 -32.90 10.63 -16.24
N PRO A 2 -33.82 11.31 -15.59
CA PRO A 2 -34.02 12.78 -15.78
C PRO A 2 -32.92 13.60 -15.10
N ILE A 3 -32.68 14.80 -15.63
CA ILE A 3 -31.65 15.67 -15.08
C ILE A 3 -32.01 16.09 -13.66
N GLU A 4 -31.02 16.15 -12.78
CA GLU A 4 -31.25 16.54 -11.40
C GLU A 4 -31.85 17.95 -11.34
N SER A 5 -32.74 18.17 -10.37
CA SER A 5 -33.38 19.47 -10.21
C SER A 5 -32.39 20.48 -9.65
N HIS A 6 -32.73 21.76 -9.77
CA HIS A 6 -31.86 22.82 -9.27
C HIS A 6 -32.39 23.37 -7.95
N GLN A 7 -33.17 22.55 -7.25
CA GLN A 7 -33.74 22.97 -5.97
C GLN A 7 -32.77 22.65 -4.83
N VAL A 8 -32.55 23.62 -3.94
CA VAL A 8 -31.65 23.42 -2.81
C VAL A 8 -32.32 23.85 -1.52
N GLU A 9 -32.06 23.11 -0.44
CA GLU A 9 -32.64 23.43 0.85
C GLU A 9 -31.64 23.17 1.98
N LYS A 10 -30.59 23.97 2.03
CA LYS A 10 -29.57 23.81 3.05
C LYS A 10 -30.19 23.84 4.44
N ARG A 11 -29.50 23.24 5.41
CA ARG A 11 -30.00 23.20 6.78
C ARG A 11 -28.84 23.28 7.77
N LYS A 12 -29.18 23.53 9.04
CA LYS A 12 -28.16 23.64 10.07
C LYS A 12 -27.40 22.33 10.22
N CYS A 13 -26.14 22.43 10.66
CA CYS A 13 -25.30 21.24 10.82
C CYS A 13 -25.72 20.47 12.06
N ASN A 14 -26.91 19.86 12.02
CA ASN A 14 -27.41 19.09 13.15
C ASN A 14 -27.50 17.61 12.80
N THR A 15 -26.69 17.18 11.83
CA THR A 15 -26.68 15.78 11.42
C THR A 15 -25.25 15.26 11.36
N ALA A 16 -25.11 13.94 11.54
CA ALA A 16 -23.78 13.31 11.51
C ALA A 16 -23.09 13.54 10.18
N THR A 17 -23.86 13.87 9.15
CA THR A 17 -23.31 14.11 7.82
C THR A 17 -22.36 15.31 7.83
N CYS A 18 -22.76 16.36 8.53
CA CYS A 18 -21.94 17.57 8.61
C CYS A 18 -20.58 17.24 9.24
N ALA A 19 -20.60 16.49 10.33
CA ALA A 19 -19.37 16.12 11.02
C ALA A 19 -18.47 15.30 10.11
N THR A 20 -19.08 14.38 9.36
CA THR A 20 -18.33 13.50 8.45
C THR A 20 -17.30 14.30 7.63
N GLN A 21 -17.71 15.46 7.14
CA GLN A 21 -16.81 16.28 6.34
C GLN A 21 -15.88 17.11 7.23
N ARG A 22 -16.34 17.40 8.45
CA ARG A 22 -15.54 18.19 9.38
C ARG A 22 -14.30 17.41 9.82
N LEU A 23 -14.50 16.17 10.24
CA LEU A 23 -13.39 15.34 10.68
C LEU A 23 -12.43 15.06 9.52
N ALA A 24 -12.98 14.98 8.32
CA ALA A 24 -12.15 14.71 7.15
C ALA A 24 -11.09 15.79 6.98
N ASN A 25 -11.50 17.04 7.15
CA ASN A 25 -10.58 18.17 7.02
C ASN A 25 -9.50 18.09 8.10
N PHE A 26 -9.92 17.75 9.31
CA PHE A 26 -9.00 17.66 10.44
C PHE A 26 -7.93 16.59 10.18
N LEU A 27 -8.33 15.53 9.48
CA LEU A 27 -7.40 14.44 9.18
C LEU A 27 -6.20 14.98 8.40
N VAL A 28 -6.47 15.51 7.20
CA VAL A 28 -5.41 16.06 6.36
C VAL A 28 -4.73 17.27 7.01
N HIS A 29 -5.41 17.86 7.99
CA HIS A 29 -4.87 19.03 8.68
C HIS A 29 -3.97 18.60 9.84
N SER A 30 -4.25 17.44 10.40
CA SER A 30 -3.47 16.92 11.53
C SER A 30 -2.39 15.96 11.06
N SER A 31 -2.05 16.02 9.78
CA SER A 31 -1.03 15.11 9.25
C SER A 31 0.26 15.25 10.05
N ASN A 32 0.78 16.48 10.12
CA ASN A 32 2.02 16.74 10.84
C ASN A 32 1.95 16.13 12.24
N ASN A 33 0.86 16.41 12.95
CA ASN A 33 0.67 15.88 14.29
C ASN A 33 0.71 14.36 14.29
N PHE A 34 0.05 13.75 13.31
CA PHE A 34 0.01 12.30 13.22
C PHE A 34 1.42 11.72 13.21
N GLY A 35 2.28 12.26 12.34
CA GLY A 35 3.65 11.77 12.25
C GLY A 35 4.42 12.04 13.54
N ALA A 36 4.17 13.21 14.13
CA ALA A 36 4.84 13.58 15.38
C ALA A 36 4.50 12.59 16.49
N ILE A 37 3.24 12.21 16.58
CA ILE A 37 2.81 11.27 17.61
C ILE A 37 3.36 9.88 17.34
N LEU A 38 3.30 9.44 16.09
CA LEU A 38 3.80 8.12 15.73
C LEU A 38 5.29 8.03 16.03
N SER A 39 6.02 9.08 15.66
CA SER A 39 7.46 9.12 15.88
C SER A 39 7.78 8.84 17.33
N SER A 40 6.92 9.31 18.23
CA SER A 40 7.13 9.10 19.66
C SER A 40 6.45 7.82 20.13
N THR A 41 6.47 6.80 19.27
CA THR A 41 5.85 5.52 19.60
C THR A 41 6.46 4.94 20.88
N ASN A 42 7.63 5.45 21.27
CA ASN A 42 8.29 4.96 22.48
C ASN A 42 7.36 5.04 23.68
N VAL A 43 6.34 5.89 23.59
CA VAL A 43 5.38 6.05 24.68
C VAL A 43 4.80 4.70 25.08
N GLY A 44 4.84 3.74 24.16
CA GLY A 44 4.31 2.40 24.44
C GLY A 44 3.37 1.94 23.34
N SER A 45 3.57 2.46 22.12
CA SER A 45 2.74 2.10 20.99
C SER A 45 3.59 1.53 19.86
N ASN A 46 4.71 0.93 20.22
CA ASN A 46 5.61 0.36 19.21
C ASN A 46 5.30 -1.13 19.00
N THR A 47 4.08 -1.53 19.34
CA THR A 47 3.68 -2.92 19.17
C THR A 47 2.98 -3.11 17.83
N TYR A 48 3.37 -2.29 16.85
CA TYR A 48 2.77 -2.38 15.51
C TYR A 48 3.86 -2.61 14.46
N GLY A 49 4.98 -3.19 14.89
CA GLY A 49 6.09 -3.45 13.99
C GLY A 49 5.59 -4.16 12.73
N LYS A 50 5.80 -3.52 11.58
CA LYS A 50 5.37 -4.10 10.31
C LYS A 50 6.25 -5.28 9.94
N ARG A 51 7.48 -5.30 10.45
CA ARG A 51 8.40 -6.39 10.17
C ARG A 51 7.91 -7.70 10.79
N ASN A 52 7.02 -7.59 11.77
CA ASN A 52 6.49 -8.78 12.43
C ASN A 52 5.47 -9.48 11.54
N ALA A 53 4.84 -8.73 10.65
CA ALA A 53 3.84 -9.29 9.75
C ALA A 53 4.44 -10.39 8.88
N VAL A 54 5.67 -10.17 8.41
CA VAL A 54 6.33 -11.14 7.57
C VAL A 54 6.88 -12.30 8.41
N GLU A 55 7.25 -12.00 9.65
CA GLU A 55 7.80 -13.03 10.53
C GLU A 55 6.76 -14.11 10.81
N VAL A 56 5.55 -13.70 11.18
CA VAL A 56 4.49 -14.66 11.45
C VAL A 56 4.07 -15.39 10.18
N LEU A 57 3.98 -14.66 9.08
CA LEU A 57 3.59 -15.24 7.81
C LEU A 57 4.46 -16.45 7.47
N LYS A 58 5.78 -16.26 7.52
CA LYS A 58 6.70 -17.35 7.21
C LYS A 58 6.55 -18.48 8.21
N ARG A 59 6.02 -18.17 9.39
CA ARG A 59 5.83 -19.18 10.43
C ARG A 59 4.78 -20.20 10.00
N GLU A 60 3.76 -19.74 9.28
CA GLU A 60 2.70 -20.62 8.83
C GLU A 60 2.56 -20.56 7.31
N PRO A 61 3.46 -21.17 6.60
CA PRO A 61 3.44 -21.19 5.10
C PRO A 61 2.28 -22.00 4.54
N LEU A 62 1.72 -22.88 5.38
CA LEU A 62 0.61 -23.72 4.95
C LEU A 62 -0.59 -22.86 4.56
N ASN A 63 -0.86 -21.84 5.37
CA ASN A 63 -1.98 -20.95 5.10
C ASN A 63 -1.75 -20.15 3.82
N TYR A 64 -0.50 -19.84 3.54
CA TYR A 64 -0.16 -19.08 2.34
C TYR A 64 -0.27 -19.96 1.10
N LEU A 65 0.20 -21.20 1.20
CA LEU A 65 0.16 -22.12 0.07
C LEU A 65 -1.29 -22.44 -0.29
N PRO A 66 -1.53 -22.90 -1.50
CA PRO A 66 -2.90 -23.24 -1.98
C PRO A 66 -3.61 -24.21 -1.03
N LEU A 67 -4.90 -24.00 -0.83
CA LEU A 67 -5.69 -24.86 0.05
C LEU A 67 -7.18 -24.65 -0.17
N THR A 1 -31.46 9.40 -17.61
CA THR A 1 -32.40 9.50 -16.47
C THR A 1 -32.53 10.96 -16.05
N PRO A 2 -33.57 11.30 -15.34
CA PRO A 2 -33.82 12.70 -14.88
C PRO A 2 -32.87 13.10 -13.75
N ILE A 3 -32.69 14.41 -13.56
CA ILE A 3 -31.82 14.91 -12.51
C ILE A 3 -32.14 14.23 -11.18
N GLU A 4 -31.10 13.75 -10.51
CA GLU A 4 -31.28 13.08 -9.22
C GLU A 4 -31.47 14.10 -8.10
N SER A 5 -31.77 13.61 -6.91
CA SER A 5 -31.99 14.49 -5.76
C SER A 5 -30.72 15.28 -5.45
N HIS A 6 -30.89 16.47 -4.89
CA HIS A 6 -29.76 17.31 -4.55
C HIS A 6 -28.86 16.62 -3.53
N GLN A 7 -29.42 15.70 -2.77
CA GLN A 7 -28.66 14.97 -1.76
C GLN A 7 -28.08 13.70 -2.36
N VAL A 8 -26.88 13.82 -2.92
CA VAL A 8 -26.21 12.67 -3.54
C VAL A 8 -24.72 12.69 -3.22
N GLU A 9 -24.14 11.51 -3.06
CA GLU A 9 -22.72 11.40 -2.75
C GLU A 9 -22.09 10.25 -3.53
N LYS A 10 -20.77 10.31 -3.71
CA LYS A 10 -20.06 9.27 -4.42
C LYS A 10 -18.73 8.95 -3.74
N ARG A 11 -18.19 7.77 -4.03
CA ARG A 11 -16.93 7.35 -3.43
C ARG A 11 -15.89 7.11 -4.51
N LYS A 12 -14.69 7.65 -4.30
CA LYS A 12 -13.61 7.49 -5.27
C LYS A 12 -13.19 6.02 -5.37
N CYS A 13 -12.95 5.58 -6.61
CA CYS A 13 -12.55 4.19 -6.90
C CYS A 13 -13.16 3.20 -5.90
N ASN A 14 -14.41 2.85 -6.12
CA ASN A 14 -15.11 1.92 -5.24
C ASN A 14 -15.24 0.54 -5.92
N THR A 15 -14.28 0.21 -6.76
CA THR A 15 -14.32 -1.07 -7.47
C THR A 15 -12.91 -1.64 -7.62
N ALA A 16 -12.81 -2.97 -7.59
CA ALA A 16 -11.52 -3.64 -7.71
C ALA A 16 -10.83 -3.29 -9.02
N THR A 17 -11.63 -2.94 -10.03
CA THR A 17 -11.08 -2.60 -11.34
C THR A 17 -10.10 -1.42 -11.23
N CYS A 18 -10.43 -0.46 -10.38
CA CYS A 18 -9.57 0.70 -10.19
C CYS A 18 -8.18 0.28 -9.71
N ALA A 19 -8.14 -0.62 -8.73
CA ALA A 19 -6.87 -1.08 -8.20
C ALA A 19 -6.02 -1.72 -9.30
N THR A 20 -6.65 -2.55 -10.11
CA THR A 20 -5.94 -3.24 -11.19
C THR A 20 -5.24 -2.23 -12.11
N GLN A 21 -5.94 -1.16 -12.46
CA GLN A 21 -5.37 -0.15 -13.34
C GLN A 21 -4.33 0.71 -12.63
N ARG A 22 -4.72 1.33 -11.52
CA ARG A 22 -3.80 2.18 -10.78
C ARG A 22 -2.56 1.41 -10.32
N LEU A 23 -2.70 0.11 -10.13
CA LEU A 23 -1.58 -0.72 -9.70
C LEU A 23 -0.57 -0.87 -10.84
N ALA A 24 -1.07 -1.21 -12.02
CA ALA A 24 -0.19 -1.41 -13.18
C ALA A 24 0.58 -0.12 -13.49
N ASN A 25 -0.10 1.01 -13.42
CA ASN A 25 0.53 2.29 -13.71
C ASN A 25 1.64 2.59 -12.70
N PHE A 26 1.38 2.25 -11.44
CA PHE A 26 2.36 2.50 -10.38
C PHE A 26 3.54 1.53 -10.49
N LEU A 27 3.25 0.30 -10.90
CA LEU A 27 4.29 -0.71 -11.03
C LEU A 27 5.30 -0.31 -12.12
N VAL A 28 4.80 -0.13 -13.34
CA VAL A 28 5.67 0.24 -14.45
C VAL A 28 6.53 1.45 -14.11
N HIS A 29 6.08 2.25 -13.15
CA HIS A 29 6.82 3.44 -12.75
C HIS A 29 7.72 3.14 -11.55
N SER A 30 7.29 2.21 -10.72
CA SER A 30 8.06 1.84 -9.54
C SER A 30 8.87 0.57 -9.77
N SER A 31 9.08 0.23 -11.04
CA SER A 31 9.85 -0.98 -11.38
C SER A 31 11.16 -1.01 -10.60
N ASN A 32 11.89 0.10 -10.65
CA ASN A 32 13.17 0.21 -9.95
C ASN A 32 13.03 -0.30 -8.52
N ASN A 33 12.05 0.23 -7.81
CA ASN A 33 11.82 -0.19 -6.42
C ASN A 33 11.59 -1.69 -6.35
N PHE A 34 10.78 -2.22 -7.26
CA PHE A 34 10.50 -3.65 -7.28
C PHE A 34 11.79 -4.45 -7.41
N GLY A 35 12.66 -4.01 -8.32
CA GLY A 35 13.93 -4.69 -8.53
C GLY A 35 14.79 -4.63 -7.28
N ALA A 36 14.92 -3.44 -6.72
CA ALA A 36 15.73 -3.25 -5.51
C ALA A 36 15.23 -4.12 -4.38
N ILE A 37 13.91 -4.21 -4.23
CA ILE A 37 13.31 -5.02 -3.17
C ILE A 37 13.64 -6.50 -3.37
N LEU A 38 13.43 -6.99 -4.59
CA LEU A 38 13.70 -8.39 -4.88
C LEU A 38 15.19 -8.70 -4.71
N SER A 39 16.03 -7.77 -5.11
CA SER A 39 17.48 -7.94 -5.00
C SER A 39 17.85 -8.39 -3.59
N SER A 40 17.07 -7.95 -2.60
CA SER A 40 17.32 -8.31 -1.22
C SER A 40 16.58 -9.59 -0.85
N THR A 41 16.50 -10.52 -1.79
CA THR A 41 15.81 -11.79 -1.54
C THR A 41 16.74 -12.81 -0.90
N ASN A 42 17.88 -12.34 -0.37
CA ASN A 42 18.83 -13.23 0.27
C ASN A 42 18.58 -13.33 1.77
N VAL A 43 17.40 -12.89 2.20
CA VAL A 43 17.05 -12.94 3.62
C VAL A 43 16.35 -14.25 3.96
N GLY A 44 16.53 -15.26 3.11
CA GLY A 44 15.90 -16.56 3.34
C GLY A 44 14.77 -16.81 2.34
N SER A 45 14.80 -16.09 1.22
CA SER A 45 13.77 -16.25 0.20
C SER A 45 14.41 -16.56 -1.15
N ASN A 46 15.58 -17.19 -1.12
CA ASN A 46 16.28 -17.53 -2.35
C ASN A 46 15.96 -18.95 -2.79
N THR A 47 14.81 -19.46 -2.32
CA THR A 47 14.40 -20.82 -2.67
C THR A 47 13.47 -20.80 -3.88
N TYR A 48 13.62 -19.77 -4.71
CA TYR A 48 12.79 -19.64 -5.91
C TYR A 48 13.65 -19.67 -7.17
N GLY A 49 14.85 -20.24 -7.06
CA GLY A 49 15.76 -20.30 -8.21
C GLY A 49 15.04 -20.84 -9.43
N LYS A 50 14.79 -19.95 -10.40
CA LYS A 50 14.11 -20.35 -11.63
C LYS A 50 15.02 -21.23 -12.48
N ARG A 51 16.32 -21.05 -12.33
CA ARG A 51 17.29 -21.84 -13.09
C ARG A 51 17.12 -23.33 -12.81
N ASN A 52 16.47 -23.66 -11.70
CA ASN A 52 16.25 -25.04 -11.34
C ASN A 52 15.04 -25.61 -12.08
N ALA A 53 14.11 -24.73 -12.45
CA ALA A 53 12.91 -25.14 -13.15
C ALA A 53 13.26 -25.79 -14.49
N VAL A 54 14.18 -25.17 -15.23
CA VAL A 54 14.58 -25.71 -16.52
C VAL A 54 15.46 -26.94 -16.35
N GLU A 55 16.21 -26.98 -15.25
CA GLU A 55 17.08 -28.11 -14.98
C GLU A 55 16.27 -29.38 -14.76
N VAL A 56 15.21 -29.27 -13.96
CA VAL A 56 14.36 -30.43 -13.69
C VAL A 56 13.46 -30.73 -14.87
N LEU A 57 13.08 -29.70 -15.62
CA LEU A 57 12.23 -29.89 -16.79
C LEU A 57 12.93 -30.77 -17.82
N LYS A 58 14.22 -30.56 -18.00
CA LYS A 58 15.00 -31.34 -18.96
C LYS A 58 14.97 -32.82 -18.59
N ARG A 59 15.18 -33.11 -17.30
CA ARG A 59 15.20 -34.49 -16.84
C ARG A 59 13.79 -35.10 -16.91
N GLU A 60 12.79 -34.28 -16.58
CA GLU A 60 11.41 -34.76 -16.60
C GLU A 60 10.90 -34.84 -18.04
N PRO A 61 9.89 -35.63 -18.29
CA PRO A 61 9.30 -35.79 -19.65
C PRO A 61 8.50 -34.57 -20.09
N LEU A 62 8.33 -33.59 -19.19
CA LEU A 62 7.58 -32.39 -19.53
C LEU A 62 8.17 -31.74 -20.77
N ASN A 63 9.50 -31.68 -20.83
CA ASN A 63 10.18 -31.07 -21.97
C ASN A 63 10.17 -32.03 -23.17
N TYR A 64 10.05 -33.32 -22.88
CA TYR A 64 10.04 -34.33 -23.93
C TYR A 64 8.71 -34.32 -24.68
N LEU A 65 7.63 -34.05 -23.95
CA LEU A 65 6.30 -34.01 -24.56
C LEU A 65 6.13 -32.75 -25.37
N PRO A 66 5.20 -32.73 -26.30
CA PRO A 66 4.94 -31.54 -27.17
C PRO A 66 4.72 -30.28 -26.35
N LEU A 67 5.26 -29.17 -26.82
CA LEU A 67 5.11 -27.89 -26.12
C LEU A 67 5.52 -26.73 -27.03
N THR A 1 -31.35 8.64 -17.21
CA THR A 1 -32.63 9.07 -16.58
C THR A 1 -32.64 10.58 -16.46
N PRO A 2 -33.80 11.17 -16.30
CA PRO A 2 -33.93 12.66 -16.18
C PRO A 2 -33.44 13.17 -14.82
N ILE A 3 -33.12 14.45 -14.76
CA ILE A 3 -32.62 15.05 -13.52
C ILE A 3 -33.54 14.70 -12.36
N GLU A 4 -32.95 14.42 -11.20
CA GLU A 4 -33.72 14.07 -10.02
C GLU A 4 -34.72 15.17 -9.69
N SER A 5 -35.54 14.93 -8.68
CA SER A 5 -36.55 15.90 -8.26
C SER A 5 -35.86 17.17 -7.75
N HIS A 6 -36.64 18.26 -7.67
CA HIS A 6 -36.11 19.53 -7.20
C HIS A 6 -35.77 19.46 -5.72
N GLN A 7 -36.25 18.43 -5.04
CA GLN A 7 -35.99 18.28 -3.61
C GLN A 7 -34.50 18.10 -3.36
N VAL A 8 -33.97 18.84 -2.39
CA VAL A 8 -32.55 18.76 -2.07
C VAL A 8 -32.35 18.38 -0.60
N GLU A 9 -31.29 17.63 -0.34
CA GLU A 9 -31.00 17.21 1.03
C GLU A 9 -29.49 17.10 1.24
N LYS A 10 -29.07 17.09 2.50
CA LYS A 10 -27.65 16.99 2.83
C LYS A 10 -27.42 15.90 3.87
N ARG A 11 -26.21 15.32 3.84
CA ARG A 11 -25.87 14.27 4.78
C ARG A 11 -24.39 14.35 5.15
N LYS A 12 -24.02 13.67 6.24
CA LYS A 12 -22.63 13.68 6.69
C LYS A 12 -21.82 12.65 5.91
N CYS A 13 -20.64 13.06 5.46
CA CYS A 13 -19.76 12.17 4.70
C CYS A 13 -19.52 10.87 5.46
N ASN A 14 -20.31 9.85 5.15
CA ASN A 14 -20.18 8.55 5.80
C ASN A 14 -19.68 7.48 4.83
N THR A 15 -20.13 7.57 3.58
CA THR A 15 -19.74 6.60 2.55
C THR A 15 -18.23 6.35 2.58
N ALA A 16 -17.85 5.12 2.30
CA ALA A 16 -16.44 4.73 2.30
C ALA A 16 -15.66 5.48 1.23
N THR A 17 -16.37 5.99 0.22
CA THR A 17 -15.72 6.72 -0.86
C THR A 17 -15.20 8.07 -0.36
N CYS A 18 -15.99 8.73 0.48
CA CYS A 18 -15.60 10.03 1.01
C CYS A 18 -14.33 9.90 1.83
N ALA A 19 -14.28 8.90 2.71
CA ALA A 19 -13.11 8.69 3.56
C ALA A 19 -11.90 8.31 2.72
N THR A 20 -12.12 7.55 1.66
CA THR A 20 -11.04 7.12 0.79
C THR A 20 -10.13 8.28 0.41
N GLN A 21 -10.74 9.43 0.10
CA GLN A 21 -9.97 10.60 -0.28
C GLN A 21 -9.32 11.25 0.95
N ARG A 22 -9.95 11.05 2.11
CA ARG A 22 -9.43 11.63 3.35
C ARG A 22 -8.16 10.91 3.79
N LEU A 23 -8.17 9.58 3.72
CA LEU A 23 -7.01 8.81 4.12
C LEU A 23 -5.94 8.81 3.02
N ALA A 24 -6.38 8.92 1.78
CA ALA A 24 -5.44 8.94 0.65
C ALA A 24 -4.47 10.10 0.80
N ASN A 25 -5.00 11.29 1.06
CA ASN A 25 -4.16 12.47 1.22
C ASN A 25 -3.26 12.31 2.45
N PHE A 26 -3.82 11.74 3.51
CA PHE A 26 -3.08 11.53 4.75
C PHE A 26 -1.90 10.61 4.53
N LEU A 27 -2.07 9.64 3.64
CA LEU A 27 -1.00 8.69 3.35
C LEU A 27 0.25 9.42 2.87
N VAL A 28 0.11 10.12 1.74
CA VAL A 28 1.24 10.87 1.17
C VAL A 28 1.63 12.05 2.05
N HIS A 29 0.73 12.45 2.94
CA HIS A 29 0.99 13.58 3.83
C HIS A 29 1.70 13.13 5.10
N SER A 30 1.55 11.85 5.43
CA SER A 30 2.16 11.29 6.64
C SER A 30 3.44 10.53 6.30
N SER A 31 4.02 10.78 5.13
CA SER A 31 5.24 10.10 4.74
C SER A 31 6.38 10.43 5.70
N ASN A 32 6.61 11.73 5.91
CA ASN A 32 7.67 12.18 6.80
C ASN A 32 7.53 11.54 8.19
N ASN A 33 6.32 11.66 8.76
CA ASN A 33 6.06 11.09 10.08
C ASN A 33 6.25 9.58 10.07
N PHE A 34 5.76 8.93 9.02
CA PHE A 34 5.87 7.47 8.90
C PHE A 34 7.30 7.02 9.17
N GLY A 35 8.26 7.66 8.51
CA GLY A 35 9.65 7.29 8.68
C GLY A 35 10.11 7.52 10.12
N ALA A 36 9.66 8.62 10.70
CA ALA A 36 10.03 8.96 12.08
C ALA A 36 9.58 7.88 13.06
N ILE A 37 8.35 7.38 12.88
CA ILE A 37 7.82 6.34 13.76
C ILE A 37 8.46 4.99 13.45
N LEU A 38 8.58 4.67 12.17
CA LEU A 38 9.17 3.40 11.76
C LEU A 38 10.59 3.27 12.29
N SER A 39 11.39 4.32 12.09
CA SER A 39 12.77 4.32 12.54
C SER A 39 12.86 3.89 14.00
N SER A 40 11.79 4.12 14.75
CA SER A 40 11.76 3.74 16.16
C SER A 40 11.22 2.32 16.34
N THR A 41 11.54 1.45 15.39
CA THR A 41 11.07 0.07 15.45
C THR A 41 12.02 -0.79 16.29
N ASN A 42 12.41 -0.27 17.44
CA ASN A 42 13.31 -1.00 18.32
C ASN A 42 12.54 -1.70 19.44
N VAL A 43 11.25 -1.93 19.20
CA VAL A 43 10.40 -2.59 20.19
C VAL A 43 10.44 -4.11 20.00
N GLY A 44 11.43 -4.59 19.25
CA GLY A 44 11.56 -6.02 19.01
C GLY A 44 11.02 -6.40 17.63
N SER A 45 10.71 -5.40 16.82
CA SER A 45 10.18 -5.64 15.48
C SER A 45 11.22 -5.27 14.43
N ASN A 46 12.49 -5.31 14.80
CA ASN A 46 13.57 -4.97 13.89
C ASN A 46 14.08 -6.22 13.17
N THR A 47 13.22 -7.24 13.07
CA THR A 47 13.59 -8.48 12.41
C THR A 47 13.23 -8.44 10.92
N TYR A 48 13.11 -7.23 10.39
CA TYR A 48 12.76 -7.06 8.98
C TYR A 48 13.97 -6.61 8.17
N GLY A 49 15.16 -6.81 8.74
CA GLY A 49 16.39 -6.41 8.06
C GLY A 49 16.45 -6.99 6.65
N LYS A 50 16.98 -6.19 5.72
CA LYS A 50 17.09 -6.62 4.33
C LYS A 50 17.98 -7.86 4.22
N ARG A 51 19.04 -7.89 5.01
CA ARG A 51 19.96 -9.02 4.98
C ARG A 51 19.30 -10.29 5.53
N ASN A 52 18.17 -10.12 6.21
CA ASN A 52 17.46 -11.26 6.77
C ASN A 52 16.60 -11.93 5.70
N ALA A 53 16.19 -11.15 4.71
CA ALA A 53 15.36 -11.68 3.63
C ALA A 53 16.07 -12.82 2.91
N VAL A 54 17.36 -12.64 2.64
CA VAL A 54 18.14 -13.66 1.94
C VAL A 54 18.47 -14.81 2.88
N GLU A 55 18.59 -14.52 4.18
CA GLU A 55 18.91 -15.55 5.16
C GLU A 55 17.79 -16.58 5.23
N VAL A 56 16.55 -16.11 5.33
CA VAL A 56 15.41 -17.02 5.41
C VAL A 56 15.16 -17.69 4.06
N LEU A 57 15.34 -16.94 2.99
CA LEU A 57 15.13 -17.47 1.64
C LEU A 57 15.97 -18.70 1.40
N LYS A 58 17.27 -18.60 1.67
CA LYS A 58 18.17 -19.74 1.47
C LYS A 58 17.88 -20.83 2.50
N ARG A 59 17.35 -20.44 3.64
CA ARG A 59 17.03 -21.39 4.70
C ARG A 59 15.89 -22.30 4.28
N GLU A 60 14.98 -21.77 3.47
CA GLU A 60 13.85 -22.56 3.01
C GLU A 60 13.80 -22.60 1.48
N PRO A 61 14.69 -23.38 0.88
CA PRO A 61 14.75 -23.51 -0.60
C PRO A 61 13.56 -24.26 -1.18
N LEU A 62 12.71 -24.82 -0.31
CA LEU A 62 11.54 -25.56 -0.75
C LEU A 62 10.57 -24.62 -1.46
N ASN A 63 10.38 -23.43 -0.90
CA ASN A 63 9.47 -22.46 -1.50
C ASN A 63 9.89 -22.13 -2.92
N TYR A 64 11.19 -22.18 -3.18
CA TYR A 64 11.71 -21.88 -4.52
C TYR A 64 11.56 -23.11 -5.43
N LEU A 65 11.89 -24.28 -4.91
CA LEU A 65 11.78 -25.50 -5.69
C LEU A 65 10.31 -25.88 -5.89
N PRO A 66 10.01 -26.69 -6.88
CA PRO A 66 8.61 -27.13 -7.16
C PRO A 66 7.93 -27.73 -5.93
N LEU A 67 6.67 -27.40 -5.74
CA LEU A 67 5.92 -27.91 -4.60
C LEU A 67 4.85 -28.90 -5.05
#